data_8TAP
# 
_entry.id   8TAP 
# 
_audit_conform.dict_name       mmcif_pdbx.dic 
_audit_conform.dict_version    5.383 
_audit_conform.dict_location   http://mmcif.pdb.org/dictionaries/ascii/mmcif_pdbx.dic 
# 
loop_
_database_2.database_id 
_database_2.database_code 
_database_2.pdbx_database_accession 
_database_2.pdbx_DOI 
PDB   8TAP         pdb_00008tap 10.2210/pdb8tap/pdb 
WWPDB D_1000275280 ?            ?                   
# 
_pdbx_database_status.status_code                     REL 
_pdbx_database_status.status_code_sf                  REL 
_pdbx_database_status.status_code_mr                  ? 
_pdbx_database_status.entry_id                        8TAP 
_pdbx_database_status.recvd_initial_deposition_date   2023-06-27 
_pdbx_database_status.SG_entry                        N 
_pdbx_database_status.deposit_site                    RCSB 
_pdbx_database_status.process_site                    RCSB 
_pdbx_database_status.status_code_cs                  ? 
_pdbx_database_status.status_code_nmr_data            ? 
_pdbx_database_status.methods_development_category    ? 
_pdbx_database_status.pdb_format_compatible           Y 
# 
loop_
_audit_author.name 
_audit_author.pdbx_ordinal 
_audit_author.identifier_ORCID 
'Simmons, C.R.'      1 0000-0002-2290-6132 
'MacCulloch, T.'     2 0000-0001-5875-3361 
'Stephanopoulos, N.' 3 0000-0001-7859-410X 
'Yan, H.'            4 0000-0001-7397-9852 
# 
_citation.abstract                  ? 
_citation.abstract_id_CAS           ? 
_citation.book_id_ISBN              ? 
_citation.book_publisher            ? 
_citation.book_publisher_city       ? 
_citation.book_title                ? 
_citation.coordinate_linkage        ? 
_citation.country                   US 
_citation.database_id_Medline       ? 
_citation.details                   ? 
_citation.id                        primary 
_citation.journal_abbrev            J.Am.Chem.Soc. 
_citation.journal_id_ASTM           JACSAT 
_citation.journal_id_CSD            ? 
_citation.journal_id_ISSN           1520-5126 
_citation.journal_full              ? 
_citation.journal_issue             ? 
_citation.journal_volume            145 
_citation.language                  ? 
_citation.page_first                26075 
_citation.page_last                 26085 
_citation.title                     
;Site-Specific Arrangement and Structure Determination of Minor Groove Binding Molecules in Self-Assembled Three-Dimensional DNA Crystals.
;
_citation.year                      2023 
_citation.database_id_CSD           ? 
_citation.pdbx_database_id_DOI      10.1021/jacs.3c07802 
_citation.pdbx_database_id_PubMed   37987645 
_citation.pdbx_database_id_patent   ? 
_citation.unpublished_flag          ? 
# 
loop_
_citation_author.citation_id 
_citation_author.name 
_citation_author.ordinal 
_citation_author.identifier_ORCID 
primary 'Simmons, C.R.'      1 0000-0002-2290-6132 
primary 'Buchberger, A.'     2 ?                   
primary 'Henry, S.J.W.'      3 0000-0002-5132-3948 
primary 'Novacek, A.'        4 ?                   
primary 'Fahmi, N.E.'        5 ?                   
primary 'MacCulloch, T.'     6 ?                   
primary 'Stephanopoulos, N.' 7 0000-0001-7859-410X 
primary 'Yan, H.'            8 0000-0001-7397-9852 
# 
_cell.angle_alpha                  90.00 
_cell.angle_alpha_esd              ? 
_cell.angle_beta                   90.00 
_cell.angle_beta_esd               ? 
_cell.angle_gamma                  120.00 
_cell.angle_gamma_esd              ? 
_cell.entry_id                     8TAP 
_cell.details                      ? 
_cell.formula_units_Z              ? 
_cell.length_a                     68.640 
_cell.length_a_esd                 ? 
_cell.length_b                     68.640 
_cell.length_b_esd                 ? 
_cell.length_c                     56.538 
_cell.length_c_esd                 ? 
_cell.volume                       ? 
_cell.volume_esd                   ? 
_cell.Z_PDB                        3 
_cell.reciprocal_angle_alpha       ? 
_cell.reciprocal_angle_beta        ? 
_cell.reciprocal_angle_gamma       ? 
_cell.reciprocal_angle_alpha_esd   ? 
_cell.reciprocal_angle_beta_esd    ? 
_cell.reciprocal_angle_gamma_esd   ? 
_cell.reciprocal_length_a          ? 
_cell.reciprocal_length_b          ? 
_cell.reciprocal_length_c          ? 
_cell.reciprocal_length_a_esd      ? 
_cell.reciprocal_length_b_esd      ? 
_cell.reciprocal_length_c_esd      ? 
_cell.pdbx_unique_axis             ? 
_cell.pdbx_esd_method              ? 
# 
_symmetry.entry_id                         8TAP 
_symmetry.cell_setting                     ? 
_symmetry.Int_Tables_number                145 
_symmetry.space_group_name_Hall            ? 
_symmetry.space_group_name_H-M             'P 32' 
_symmetry.pdbx_full_space_group_name_H-M   ? 
# 
loop_
_entity.id 
_entity.type 
_entity.src_method 
_entity.pdbx_description 
_entity.formula_weight 
_entity.pdbx_number_of_molecules 
_entity.pdbx_ec 
_entity.pdbx_mutation 
_entity.pdbx_fragment 
_entity.details 
1 polymer     syn 
;DNA (5'-D(*GP*AP*GP*CP*AP*GP*AP*CP*CP*TP*GP*AP*CP*GP*GP*AP*AP*AP*TP*TP*A)-3')
;
6505.238 1 ? ? ? ? 
2 polymer     syn 
;DNA (5'-D(P*CP*CP*GP*TP*CP*A)-3')
;
1769.193 1 ? ? ? ? 
3 polymer     syn 
;DNA (5'-D(*TP*CP*TP*AP*AP*TP*TP*T)-3')
;
2391.602 1 ? ? ? ? 
4 polymer     syn 
;DNA (5'-D(P*GP*GP*TP*CP*TP*GP*C)-3')
;
2129.409 1 ? ? ? ? 
5 non-polymer syn NETROPSIN                                                                       430.464  1 ? ? ? ? 
6 water       nat water                                                                           18.015   2 ? ? ? ? 
# 
loop_
_entity_poly.entity_id 
_entity_poly.type 
_entity_poly.nstd_linkage 
_entity_poly.nstd_monomer 
_entity_poly.pdbx_seq_one_letter_code 
_entity_poly.pdbx_seq_one_letter_code_can 
_entity_poly.pdbx_strand_id 
_entity_poly.pdbx_target_identifier 
1 polydeoxyribonucleotide no no 
;(DG)(DA)(DG)(DC)(DA)(DG)(DA)(DC)(DC)(DT)(DG)(DA)(DC)(DG)(DG)(DA)(DA)(DA)(DT)(DT)
(DA)
;
GAGCAGACCTGACGGAAATTA A ? 
2 polydeoxyribonucleotide no no '(DC)(DC)(DG)(DT)(DC)(DA)'                                                              CCGTCA B ? 
3 polydeoxyribonucleotide no no '(DT)(DC)(DT)(DA)(DA)(DT)(DT)(DT)'                                                      TCTAATTT C 
? 
4 polydeoxyribonucleotide no no '(DG)(DG)(DT)(DC)(DT)(DG)(DC)'                                                          GGTCTGC D 
? 
# 
loop_
_entity_poly_seq.entity_id 
_entity_poly_seq.num 
_entity_poly_seq.mon_id 
_entity_poly_seq.hetero 
1 1  DG n 
1 2  DA n 
1 3  DG n 
1 4  DC n 
1 5  DA n 
1 6  DG n 
1 7  DA n 
1 8  DC n 
1 9  DC n 
1 10 DT n 
1 11 DG n 
1 12 DA n 
1 13 DC n 
1 14 DG n 
1 15 DG n 
1 16 DA n 
1 17 DA n 
1 18 DA n 
1 19 DT n 
1 20 DT n 
1 21 DA n 
2 1  DC n 
2 2  DC n 
2 3  DG n 
2 4  DT n 
2 5  DC n 
2 6  DA n 
3 1  DT n 
3 2  DC n 
3 3  DT n 
3 4  DA n 
3 5  DA n 
3 6  DT n 
3 7  DT n 
3 8  DT n 
4 1  DG n 
4 2  DG n 
4 3  DT n 
4 4  DC n 
4 5  DT n 
4 6  DG n 
4 7  DC n 
# 
loop_
_pdbx_entity_src_syn.entity_id 
_pdbx_entity_src_syn.pdbx_src_id 
_pdbx_entity_src_syn.pdbx_alt_source_flag 
_pdbx_entity_src_syn.pdbx_beg_seq_num 
_pdbx_entity_src_syn.pdbx_end_seq_num 
_pdbx_entity_src_syn.organism_scientific 
_pdbx_entity_src_syn.organism_common_name 
_pdbx_entity_src_syn.ncbi_taxonomy_id 
_pdbx_entity_src_syn.details 
1 1 sample 1 21 'synthetic construct' ? 32630 ? 
2 1 sample 1 6  'synthetic construct' ? 32630 ? 
3 1 sample 1 8  'synthetic construct' ? 32630 ? 
4 1 sample 1 7  'synthetic construct' ? 32630 ? 
# 
loop_
_struct_ref.id 
_struct_ref.db_name 
_struct_ref.db_code 
_struct_ref.pdbx_db_accession 
_struct_ref.pdbx_db_isoform 
_struct_ref.entity_id 
_struct_ref.pdbx_seq_one_letter_code 
_struct_ref.pdbx_align_begin 
1 PDB 8TAP 8TAP ? 1 ? 1 
2 PDB 8TAP 8TAP ? 2 ? 1 
3 PDB 8TAP 8TAP ? 3 ? 1 
4 PDB 8TAP 8TAP ? 4 ? 1 
# 
loop_
_struct_ref_seq.align_id 
_struct_ref_seq.ref_id 
_struct_ref_seq.pdbx_PDB_id_code 
_struct_ref_seq.pdbx_strand_id 
_struct_ref_seq.seq_align_beg 
_struct_ref_seq.pdbx_seq_align_beg_ins_code 
_struct_ref_seq.seq_align_end 
_struct_ref_seq.pdbx_seq_align_end_ins_code 
_struct_ref_seq.pdbx_db_accession 
_struct_ref_seq.db_align_beg 
_struct_ref_seq.pdbx_db_align_beg_ins_code 
_struct_ref_seq.db_align_end 
_struct_ref_seq.pdbx_db_align_end_ins_code 
_struct_ref_seq.pdbx_auth_seq_align_beg 
_struct_ref_seq.pdbx_auth_seq_align_end 
1 1 8TAP A 1 ? 21 ? 8TAP 1  ? 21 ? 1  21 
2 2 8TAP B 1 ? 6  ? 8TAP 0  ? 5  ? 0  5  
3 3 8TAP C 1 ? 8  ? 8TAP 1  ? 8  ? 1  8  
4 4 8TAP D 1 ? 7  ? 8TAP 10 ? 16 ? 10 16 
# 
loop_
_chem_comp.id 
_chem_comp.type 
_chem_comp.mon_nstd_flag 
_chem_comp.name 
_chem_comp.pdbx_synonyms 
_chem_comp.formula 
_chem_comp.formula_weight 
DA  'DNA linking' y "2'-DEOXYADENOSINE-5'-MONOPHOSPHATE" ? 'C10 H14 N5 O6 P' 331.222 
DC  'DNA linking' y "2'-DEOXYCYTIDINE-5'-MONOPHOSPHATE"  ? 'C9 H14 N3 O7 P'  307.197 
DG  'DNA linking' y "2'-DEOXYGUANOSINE-5'-MONOPHOSPHATE" ? 'C10 H14 N5 O7 P' 347.221 
DT  'DNA linking' y "THYMIDINE-5'-MONOPHOSPHATE"         ? 'C10 H15 N2 O8 P' 322.208 
HOH non-polymer   . WATER                                ? 'H2 O'            18.015  
NT  non-polymer   . NETROPSIN                            ? 'C18 H26 N10 O3'  430.464 
# 
_exptl.absorpt_coefficient_mu     ? 
_exptl.absorpt_correction_T_max   ? 
_exptl.absorpt_correction_T_min   ? 
_exptl.absorpt_correction_type    ? 
_exptl.absorpt_process_details    ? 
_exptl.entry_id                   8TAP 
_exptl.crystals_number            1 
_exptl.details                    ? 
_exptl.method                     'X-RAY DIFFRACTION' 
_exptl.method_details             ? 
# 
_exptl_crystal.colour                       ? 
_exptl_crystal.density_diffrn               ? 
_exptl_crystal.density_Matthews             6.01 
_exptl_crystal.density_method               ? 
_exptl_crystal.density_percent_sol          79.53 
_exptl_crystal.description                  ? 
_exptl_crystal.F_000                        ? 
_exptl_crystal.id                           1 
_exptl_crystal.preparation                  ? 
_exptl_crystal.size_max                     ? 
_exptl_crystal.size_mid                     ? 
_exptl_crystal.size_min                     ? 
_exptl_crystal.size_rad                     ? 
_exptl_crystal.colour_lustre                ? 
_exptl_crystal.colour_modifier              ? 
_exptl_crystal.colour_primary               ? 
_exptl_crystal.density_meas                 ? 
_exptl_crystal.density_meas_esd             ? 
_exptl_crystal.density_meas_gt              ? 
_exptl_crystal.density_meas_lt              ? 
_exptl_crystal.density_meas_temp            ? 
_exptl_crystal.density_meas_temp_esd        ? 
_exptl_crystal.density_meas_temp_gt         ? 
_exptl_crystal.density_meas_temp_lt         ? 
_exptl_crystal.pdbx_crystal_image_url       ? 
_exptl_crystal.pdbx_crystal_image_format    ? 
_exptl_crystal.pdbx_mosaicity               ? 
_exptl_crystal.pdbx_mosaicity_esd           ? 
_exptl_crystal.pdbx_mosaic_method           ? 
_exptl_crystal.pdbx_mosaic_block_size       ? 
_exptl_crystal.pdbx_mosaic_block_size_esd   ? 
# 
_exptl_crystal_grow.apparatus       ? 
_exptl_crystal_grow.atmosphere      ? 
_exptl_crystal_grow.crystal_id      1 
_exptl_crystal_grow.details         ? 
_exptl_crystal_grow.method          'VAPOR DIFFUSION, SITTING DROP' 
_exptl_crystal_grow.method_ref      ? 
_exptl_crystal_grow.pH              ? 
_exptl_crystal_grow.pressure        ? 
_exptl_crystal_grow.pressure_esd    ? 
_exptl_crystal_grow.seeding         ? 
_exptl_crystal_grow.seeding_ref     ? 
_exptl_crystal_grow.temp_details    'temperature gradient generated from 60 to 25 C at 0.3 degrees per hour' 
_exptl_crystal_grow.temp_esd        ? 
_exptl_crystal_grow.time            ? 
_exptl_crystal_grow.pdbx_details    
;0.5 mL of 0.05 M Na Cacodylate pH 6.0 with 10 mM MgCl2, 2.5 mM spermidine, and 2.5 M NaCl was added to the reservoir with 2 uL added to the drop containing 4 uL of DNA stock.
;
_exptl_crystal_grow.pdbx_pH_range   ? 
_exptl_crystal_grow.temp            298 
# 
_diffrn.ambient_environment              ? 
_diffrn.ambient_temp                     100 
_diffrn.ambient_temp_details             ? 
_diffrn.ambient_temp_esd                 ? 
_diffrn.crystal_id                       1 
_diffrn.crystal_support                  ? 
_diffrn.crystal_treatment                ? 
_diffrn.details                          ? 
_diffrn.id                               1 
_diffrn.ambient_pressure                 ? 
_diffrn.ambient_pressure_esd             ? 
_diffrn.ambient_pressure_gt              ? 
_diffrn.ambient_pressure_lt              ? 
_diffrn.ambient_temp_gt                  ? 
_diffrn.ambient_temp_lt                  ? 
_diffrn.pdbx_serial_crystal_experiment   N 
# 
_diffrn_detector.details                      ? 
_diffrn_detector.detector                     PIXEL 
_diffrn_detector.diffrn_id                    1 
_diffrn_detector.type                         'DECTRIS PILATUS3 6M' 
_diffrn_detector.area_resol_mean              ? 
_diffrn_detector.dtime                        ? 
_diffrn_detector.pdbx_frames_total            ? 
_diffrn_detector.pdbx_collection_time_total   ? 
_diffrn_detector.pdbx_collection_date         2022-04-16 
_diffrn_detector.pdbx_frequency               ? 
_diffrn_detector.id                           ? 
_diffrn_detector.number_of_axes               ? 
# 
_diffrn_radiation.collimation                      ? 
_diffrn_radiation.diffrn_id                        1 
_diffrn_radiation.filter_edge                      ? 
_diffrn_radiation.inhomogeneity                    ? 
_diffrn_radiation.monochromator                    ? 
_diffrn_radiation.polarisn_norm                    ? 
_diffrn_radiation.polarisn_ratio                   ? 
_diffrn_radiation.probe                            ? 
_diffrn_radiation.type                             ? 
_diffrn_radiation.xray_symbol                      ? 
_diffrn_radiation.wavelength_id                    1 
_diffrn_radiation.pdbx_monochromatic_or_laue_m_l   M 
_diffrn_radiation.pdbx_wavelength_list             ? 
_diffrn_radiation.pdbx_wavelength                  ? 
_diffrn_radiation.pdbx_diffrn_protocol             'SINGLE WAVELENGTH' 
_diffrn_radiation.pdbx_analyzer                    ? 
_diffrn_radiation.pdbx_scattering_type             x-ray 
# 
_diffrn_radiation_wavelength.id           1 
_diffrn_radiation_wavelength.wavelength   0.92 
_diffrn_radiation_wavelength.wt           1.0 
# 
_diffrn_source.current                     ? 
_diffrn_source.details                     ? 
_diffrn_source.diffrn_id                   1 
_diffrn_source.power                       ? 
_diffrn_source.size                        ? 
_diffrn_source.source                      SYNCHROTRON 
_diffrn_source.target                      ? 
_diffrn_source.type                        'ALS BEAMLINE 5.0.2' 
_diffrn_source.voltage                     ? 
_diffrn_source.take-off_angle              ? 
_diffrn_source.pdbx_wavelength_list        0.92 
_diffrn_source.pdbx_wavelength             ? 
_diffrn_source.pdbx_synchrotron_beamline   5.0.2 
_diffrn_source.pdbx_synchrotron_site       ALS 
# 
_reflns.B_iso_Wilson_estimate                          ? 
_reflns.entry_id                                       8TAP 
_reflns.data_reduction_details                         ? 
_reflns.data_reduction_method                          ? 
_reflns.d_resolution_high                              3.10 
_reflns.d_resolution_low                               50.00 
_reflns.details                                        ? 
_reflns.limit_h_max                                    ? 
_reflns.limit_h_min                                    ? 
_reflns.limit_k_max                                    ? 
_reflns.limit_k_min                                    ? 
_reflns.limit_l_max                                    ? 
_reflns.limit_l_min                                    ? 
_reflns.number_all                                     ? 
_reflns.number_obs                                     4797 
_reflns.observed_criterion                             ? 
_reflns.observed_criterion_F_max                       ? 
_reflns.observed_criterion_F_min                       ? 
_reflns.observed_criterion_I_max                       ? 
_reflns.observed_criterion_I_min                       ? 
_reflns.observed_criterion_sigma_F                     ? 
_reflns.observed_criterion_sigma_I                     ? 
_reflns.percent_possible_obs                           89.4 
_reflns.R_free_details                                 ? 
_reflns.Rmerge_F_all                                   ? 
_reflns.Rmerge_F_obs                                   ? 
_reflns.Friedel_coverage                               ? 
_reflns.number_gt                                      ? 
_reflns.threshold_expression                           ? 
_reflns.pdbx_redundancy                                9.2 
_reflns.pdbx_netI_over_av_sigmaI                       ? 
_reflns.pdbx_netI_over_sigmaI                          5.2 
_reflns.pdbx_res_netI_over_av_sigmaI_2                 ? 
_reflns.pdbx_res_netI_over_sigmaI_2                    ? 
_reflns.pdbx_chi_squared                               0.826 
_reflns.pdbx_scaling_rejects                           ? 
_reflns.pdbx_d_res_high_opt                            ? 
_reflns.pdbx_d_res_low_opt                             ? 
_reflns.pdbx_d_res_opt_method                          ? 
_reflns.phase_calculation_details                      ? 
_reflns.pdbx_Rrim_I_all                                0.086 
_reflns.pdbx_Rpim_I_all                                0.027 
_reflns.pdbx_d_opt                                     ? 
_reflns.pdbx_number_measured_all                       44258 
_reflns.pdbx_diffrn_id                                 1 
_reflns.pdbx_ordinal                                   1 
_reflns.pdbx_CC_half                                   0.982 
_reflns.pdbx_CC_star                                   0.995 
_reflns.pdbx_R_split                                   ? 
_reflns.pdbx_Rmerge_I_obs                              0.081 
_reflns.pdbx_Rmerge_I_all                              ? 
_reflns.pdbx_Rsym_value                                ? 
_reflns.pdbx_CC_split_method                           ? 
_reflns.pdbx_aniso_diffraction_limit_axis_1_ortho[1]   ? 
_reflns.pdbx_aniso_diffraction_limit_axis_1_ortho[2]   ? 
_reflns.pdbx_aniso_diffraction_limit_axis_1_ortho[3]   ? 
_reflns.pdbx_aniso_diffraction_limit_axis_2_ortho[1]   ? 
_reflns.pdbx_aniso_diffraction_limit_axis_2_ortho[2]   ? 
_reflns.pdbx_aniso_diffraction_limit_axis_2_ortho[3]   ? 
_reflns.pdbx_aniso_diffraction_limit_axis_3_ortho[1]   ? 
_reflns.pdbx_aniso_diffraction_limit_axis_3_ortho[2]   ? 
_reflns.pdbx_aniso_diffraction_limit_axis_3_ortho[3]   ? 
_reflns.pdbx_aniso_diffraction_limit_1                 ? 
_reflns.pdbx_aniso_diffraction_limit_2                 ? 
_reflns.pdbx_aniso_diffraction_limit_3                 ? 
_reflns.pdbx_aniso_B_tensor_eigenvector_1_ortho[1]     ? 
_reflns.pdbx_aniso_B_tensor_eigenvector_1_ortho[2]     ? 
_reflns.pdbx_aniso_B_tensor_eigenvector_1_ortho[3]     ? 
_reflns.pdbx_aniso_B_tensor_eigenvector_2_ortho[1]     ? 
_reflns.pdbx_aniso_B_tensor_eigenvector_2_ortho[2]     ? 
_reflns.pdbx_aniso_B_tensor_eigenvector_2_ortho[3]     ? 
_reflns.pdbx_aniso_B_tensor_eigenvector_3_ortho[1]     ? 
_reflns.pdbx_aniso_B_tensor_eigenvector_3_ortho[2]     ? 
_reflns.pdbx_aniso_B_tensor_eigenvector_3_ortho[3]     ? 
_reflns.pdbx_aniso_B_tensor_eigenvalue_1               ? 
_reflns.pdbx_aniso_B_tensor_eigenvalue_2               ? 
_reflns.pdbx_aniso_B_tensor_eigenvalue_3               ? 
_reflns.pdbx_orthogonalization_convention              ? 
_reflns.pdbx_percent_possible_ellipsoidal              ? 
_reflns.pdbx_percent_possible_spherical                ? 
_reflns.pdbx_percent_possible_ellipsoidal_anomalous    ? 
_reflns.pdbx_percent_possible_spherical_anomalous      ? 
_reflns.pdbx_redundancy_anomalous                      ? 
_reflns.pdbx_CC_half_anomalous                         ? 
_reflns.pdbx_absDiff_over_sigma_anomalous              ? 
_reflns.pdbx_percent_possible_anomalous                ? 
_reflns.pdbx_observed_signal_threshold                 ? 
_reflns.pdbx_signal_type                               ? 
_reflns.pdbx_signal_details                            ? 
_reflns.pdbx_signal_software_id                        ? 
# 
loop_
_reflns_shell.d_res_high 
_reflns_shell.d_res_low 
_reflns_shell.meanI_over_sigI_all 
_reflns_shell.meanI_over_sigI_obs 
_reflns_shell.number_measured_all 
_reflns_shell.number_measured_obs 
_reflns_shell.number_possible 
_reflns_shell.number_unique_all 
_reflns_shell.number_unique_obs 
_reflns_shell.percent_possible_obs 
_reflns_shell.Rmerge_F_all 
_reflns_shell.Rmerge_F_obs 
_reflns_shell.meanI_over_sigI_gt 
_reflns_shell.meanI_over_uI_all 
_reflns_shell.meanI_over_uI_gt 
_reflns_shell.number_measured_gt 
_reflns_shell.number_unique_gt 
_reflns_shell.percent_possible_gt 
_reflns_shell.Rmerge_F_gt 
_reflns_shell.Rmerge_I_gt 
_reflns_shell.pdbx_redundancy 
_reflns_shell.pdbx_chi_squared 
_reflns_shell.pdbx_netI_over_sigmaI_all 
_reflns_shell.pdbx_netI_over_sigmaI_obs 
_reflns_shell.pdbx_Rrim_I_all 
_reflns_shell.pdbx_Rpim_I_all 
_reflns_shell.pdbx_rejects 
_reflns_shell.pdbx_ordinal 
_reflns_shell.pdbx_diffrn_id 
_reflns_shell.pdbx_CC_half 
_reflns_shell.pdbx_CC_star 
_reflns_shell.pdbx_R_split 
_reflns_shell.percent_possible_all 
_reflns_shell.Rmerge_I_all 
_reflns_shell.Rmerge_I_obs 
_reflns_shell.pdbx_Rsym_value 
_reflns_shell.pdbx_percent_possible_ellipsoidal 
_reflns_shell.pdbx_percent_possible_spherical 
_reflns_shell.pdbx_percent_possible_ellipsoidal_anomalous 
_reflns_shell.pdbx_percent_possible_spherical_anomalous 
_reflns_shell.pdbx_redundancy_anomalous 
_reflns_shell.pdbx_CC_half_anomalous 
_reflns_shell.pdbx_absDiff_over_sigma_anomalous 
_reflns_shell.pdbx_percent_possible_anomalous 
3.10 3.15  ? ? ? ? ? ? 142 ? ? ? ? ? ? ? ? ? ? ? 5.8  0.437 ? ? 1.112 0.414 ? 1  1 0.751 0.926 ? 52.0  ? 1.024 ? ? ? ? ? ? ? ? ? 
3.15 3.21  ? ? ? ? ? ? 172 ? ? ? ? ? ? ? ? ? ? ? 6.6  0.702 ? ? 0.345 0.120 ? 2  1 0.976 0.994 ? 61.0  ? 0.322 ? ? ? ? ? ? ? ? ? 
3.21 3.27  ? ? ? ? ? ? 179 ? ? ? ? ? ? ? ? ? ? ? 6.7  1.115 ? ? 0.221 0.073 ? 3  1 0.993 0.998 ? 67.3  ? 0.208 ? ? ? ? ? ? ? ? ? 
3.27 3.34  ? ? ? ? ? ? 174 ? ? ? ? ? ? ? ? ? ? ? 7.2  0.650 ? ? 0.542 0.188 ? 4  1 0.950 0.987 ? 70.7  ? 0.506 ? ? ? ? ? ? ? ? ? 
3.34 3.41  ? ? ? ? ? ? 212 ? ? ? ? ? ? ? ? ? ? ? 7.6  0.667 ? ? 0.434 0.149 ? 5  1 0.964 0.991 ? 78.5  ? 0.406 ? ? ? ? ? ? ? ? ? 
3.41 3.49  ? ? ? ? ? ? 221 ? ? ? ? ? ? ? ? ? ? ? 7.6  0.483 ? ? 0.533 0.180 ? 6  1 0.949 0.987 ? 82.5  ? 0.500 ? ? ? ? ? ? ? ? ? 
3.49 3.58  ? ? ? ? ? ? 238 ? ? ? ? ? ? ? ? ? ? ? 8.0  0.489 ? ? 0.341 0.115 ? 7  1 0.979 0.995 ? 87.2  ? 0.320 ? ? ? ? ? ? ? ? ? 
3.58 3.68  ? ? ? ? ? ? 257 ? ? ? ? ? ? ? ? ? ? ? 7.8  0.555 ? ? 0.512 0.177 ? 8  1 0.940 0.984 ? 93.8  ? 0.478 ? ? ? ? ? ? ? ? ? 
3.68 3.78  ? ? ? ? ? ? 254 ? ? ? ? ? ? ? ? ? ? ? 8.7  0.505 ? ? 0.527 0.174 ? 9  1 0.950 0.987 ? 95.5  ? 0.496 ? ? ? ? ? ? ? ? ? 
3.78 3.91  ? ? ? ? ? ? 251 ? ? ? ? ? ? ? ? ? ? ? 9.1  0.519 ? ? 0.610 0.199 ? 10 1 0.935 0.983 ? 100.0 ? 0.576 ? ? ? ? ? ? ? ? ? 
3.91 4.04  ? ? ? ? ? ? 290 ? ? ? ? ? ? ? ? ? ? ? 10.3 0.520 ? ? 0.433 0.134 ? 11 1 0.966 0.991 ? 100.0 ? 0.411 ? ? ? ? ? ? ? ? ? 
4.04 4.21  ? ? ? ? ? ? 268 ? ? ? ? ? ? ? ? ? ? ? 10.5 0.613 ? ? 0.307 0.095 ? 12 1 0.979 0.995 ? 100.0 ? 0.292 ? ? ? ? ? ? ? ? ? 
4.21 4.40  ? ? ? ? ? ? 261 ? ? ? ? ? ? ? ? ? ? ? 10.5 0.606 ? ? 0.270 0.083 ? 13 1 0.985 0.996 ? 100.0 ? 0.256 ? ? ? ? ? ? ? ? ? 
4.40 4.63  ? ? ? ? ? ? 271 ? ? ? ? ? ? ? ? ? ? ? 10.4 0.613 ? ? 0.205 0.063 ? 14 1 0.992 0.998 ? 100.0 ? 0.195 ? ? ? ? ? ? ? ? ? 
4.63 4.92  ? ? ? ? ? ? 272 ? ? ? ? ? ? ? ? ? ? ? 10.0 0.674 ? ? 0.182 0.057 ? 15 1 0.991 0.998 ? 100.0 ? 0.172 ? ? ? ? ? ? ? ? ? 
4.92 5.30  ? ? ? ? ? ? 264 ? ? ? ? ? ? ? ? ? ? ? 10.5 0.945 ? ? 0.121 0.037 ? 16 1 0.991 0.998 ? 100.0 ? 0.115 ? ? ? ? ? ? ? ? ? 
5.30 5.83  ? ? ? ? ? ? 257 ? ? ? ? ? ? ? ? ? ? ? 11.0 1.046 ? ? 0.093 0.028 ? 17 1 0.997 0.999 ? 100.0 ? 0.088 ? ? ? ? ? ? ? ? ? 
5.83 6.67  ? ? ? ? ? ? 275 ? ? ? ? ? ? ? ? ? ? ? 10.7 1.061 ? ? 0.083 0.026 ? 18 1 0.997 0.999 ? 100.0 ? 0.079 ? ? ? ? ? ? ? ? ? 
6.67 8.40  ? ? ? ? ? ? 264 ? ? ? ? ? ? ? ? ? ? ? 10.1 1.318 ? ? 0.061 0.019 ? 19 1 0.998 1.000 ? 100.0 ? 0.058 ? ? ? ? ? ? ? ? ? 
8.40 50.00 ? ? ? ? ? ? 275 ? ? ? ? ? ? ? ? ? ? ? 10.5 2.144 ? ? 0.062 0.019 ? 20 1 0.999 1.000 ? 100.0 ? 0.059 ? ? ? ? ? ? ? ? ? 
# 
_refine.aniso_B[1][1]                            ? 
_refine.aniso_B[1][2]                            ? 
_refine.aniso_B[1][3]                            ? 
_refine.aniso_B[2][2]                            ? 
_refine.aniso_B[2][3]                            ? 
_refine.aniso_B[3][3]                            ? 
_refine.B_iso_max                                ? 
_refine.B_iso_mean                               ? 
_refine.B_iso_min                                ? 
_refine.correlation_coeff_Fo_to_Fc               ? 
_refine.correlation_coeff_Fo_to_Fc_free          ? 
_refine.details                                  ? 
_refine.diff_density_max                         ? 
_refine.diff_density_max_esd                     ? 
_refine.diff_density_min                         ? 
_refine.diff_density_min_esd                     ? 
_refine.diff_density_rms                         ? 
_refine.diff_density_rms_esd                     ? 
_refine.entry_id                                 8TAP 
_refine.pdbx_refine_id                           'X-RAY DIFFRACTION' 
_refine.ls_abs_structure_details                 ? 
_refine.ls_abs_structure_Flack                   ? 
_refine.ls_abs_structure_Flack_esd               ? 
_refine.ls_abs_structure_Rogers                  ? 
_refine.ls_abs_structure_Rogers_esd              ? 
_refine.ls_d_res_high                            3.11 
_refine.ls_d_res_low                             34.32 
_refine.ls_extinction_coef                       ? 
_refine.ls_extinction_coef_esd                   ? 
_refine.ls_extinction_expression                 ? 
_refine.ls_extinction_method                     ? 
_refine.ls_goodness_of_fit_all                   ? 
_refine.ls_goodness_of_fit_all_esd               ? 
_refine.ls_goodness_of_fit_obs                   ? 
_refine.ls_goodness_of_fit_obs_esd               ? 
_refine.ls_hydrogen_treatment                    ? 
_refine.ls_matrix_type                           ? 
_refine.ls_number_constraints                    ? 
_refine.ls_number_parameters                     ? 
_refine.ls_number_reflns_all                     ? 
_refine.ls_number_reflns_obs                     4765 
_refine.ls_number_reflns_R_free                  243 
_refine.ls_number_reflns_R_work                  ? 
_refine.ls_number_restraints                     ? 
_refine.ls_percent_reflns_obs                    89.02 
_refine.ls_percent_reflns_R_free                 5.10 
_refine.ls_R_factor_all                          ? 
_refine.ls_R_factor_obs                          0.2093 
_refine.ls_R_factor_R_free                       0.2517 
_refine.ls_R_factor_R_free_error                 ? 
_refine.ls_R_factor_R_free_error_details         ? 
_refine.ls_R_factor_R_work                       0.2069 
_refine.ls_R_Fsqd_factor_obs                     ? 
_refine.ls_R_I_factor_obs                        ? 
_refine.ls_redundancy_reflns_all                 ? 
_refine.ls_redundancy_reflns_obs                 ? 
_refine.ls_restrained_S_all                      ? 
_refine.ls_restrained_S_obs                      ? 
_refine.ls_shift_over_esd_max                    ? 
_refine.ls_shift_over_esd_mean                   ? 
_refine.ls_structure_factor_coef                 ? 
_refine.ls_weighting_details                     ? 
_refine.ls_weighting_scheme                      ? 
_refine.ls_wR_factor_all                         ? 
_refine.ls_wR_factor_obs                         ? 
_refine.ls_wR_factor_R_free                      ? 
_refine.ls_wR_factor_R_work                      ? 
_refine.occupancy_max                            ? 
_refine.occupancy_min                            ? 
_refine.solvent_model_details                    'FLAT BULK SOLVENT MODEL' 
_refine.solvent_model_param_bsol                 ? 
_refine.solvent_model_param_ksol                 ? 
_refine.pdbx_R_complete                          ? 
_refine.ls_R_factor_gt                           ? 
_refine.ls_goodness_of_fit_gt                    ? 
_refine.ls_goodness_of_fit_ref                   ? 
_refine.ls_shift_over_su_max                     ? 
_refine.ls_shift_over_su_max_lt                  ? 
_refine.ls_shift_over_su_mean                    ? 
_refine.ls_shift_over_su_mean_lt                 ? 
_refine.pdbx_ls_sigma_I                          ? 
_refine.pdbx_ls_sigma_F                          2.00 
_refine.pdbx_ls_sigma_Fsqd                       ? 
_refine.pdbx_data_cutoff_high_absF               ? 
_refine.pdbx_data_cutoff_high_rms_absF           ? 
_refine.pdbx_data_cutoff_low_absF                ? 
_refine.pdbx_isotropic_thermal_model             ? 
_refine.pdbx_ls_cross_valid_method               THROUGHOUT 
_refine.pdbx_method_to_determine_struct          'MOLECULAR REPLACEMENT' 
_refine.pdbx_starting_model                      ? 
_refine.pdbx_stereochemistry_target_values       ML 
_refine.pdbx_R_Free_selection_details            ? 
_refine.pdbx_stereochem_target_val_spec_case     ? 
_refine.pdbx_overall_ESU_R                       ? 
_refine.pdbx_overall_ESU_R_Free                  ? 
_refine.pdbx_solvent_vdw_probe_radii             1.11 
_refine.pdbx_solvent_ion_probe_radii             ? 
_refine.pdbx_solvent_shrinkage_radii             0.90 
_refine.pdbx_real_space_R                        ? 
_refine.pdbx_density_correlation                 ? 
_refine.pdbx_pd_number_of_powder_patterns        ? 
_refine.pdbx_pd_number_of_points                 ? 
_refine.pdbx_pd_meas_number_of_points            ? 
_refine.pdbx_pd_proc_ls_prof_R_factor            ? 
_refine.pdbx_pd_proc_ls_prof_wR_factor           ? 
_refine.pdbx_pd_Marquardt_correlation_coeff      ? 
_refine.pdbx_pd_Fsqrd_R_factor                   ? 
_refine.pdbx_pd_ls_matrix_band_width             ? 
_refine.pdbx_overall_phase_error                 27.26 
_refine.pdbx_overall_SU_R_free_Cruickshank_DPI   ? 
_refine.pdbx_overall_SU_R_free_Blow_DPI          ? 
_refine.pdbx_overall_SU_R_Blow_DPI               ? 
_refine.pdbx_TLS_residual_ADP_flag               ? 
_refine.pdbx_diffrn_id                           1 
_refine.overall_SU_B                             ? 
_refine.overall_SU_ML                            0.08 
_refine.overall_SU_R_Cruickshank_DPI             ? 
_refine.overall_SU_R_free                        ? 
_refine.overall_FOM_free_R_set                   ? 
_refine.overall_FOM_work_R_set                   ? 
_refine.pdbx_average_fsc_overall                 ? 
_refine.pdbx_average_fsc_work                    ? 
_refine.pdbx_average_fsc_free                    ? 
# 
_refine_hist.pdbx_refine_id                   'X-RAY DIFFRACTION' 
_refine_hist.cycle_id                         LAST 
_refine_hist.pdbx_number_atoms_protein        0 
_refine_hist.pdbx_number_atoms_nucleic_acid   855 
_refine_hist.pdbx_number_atoms_ligand         31 
_refine_hist.number_atoms_solvent             2 
_refine_hist.number_atoms_total               888 
_refine_hist.d_res_high                       3.11 
_refine_hist.d_res_low                        34.32 
# 
loop_
_refine_ls_restr.pdbx_refine_id 
_refine_ls_restr.criterion 
_refine_ls_restr.dev_ideal 
_refine_ls_restr.dev_ideal_target 
_refine_ls_restr.number 
_refine_ls_restr.rejects 
_refine_ls_restr.type 
_refine_ls_restr.weight 
_refine_ls_restr.pdbx_restraint_function 
'X-RAY DIFFRACTION' ? 0.006  ? 988  ? f_bond_d           ? ? 
'X-RAY DIFFRACTION' ? 0.920  ? 1511 ? f_angle_d          ? ? 
'X-RAY DIFFRACTION' ? 35.255 ? 417  ? f_dihedral_angle_d ? ? 
'X-RAY DIFFRACTION' ? 0.045  ? 166  ? f_chiral_restr     ? ? 
'X-RAY DIFFRACTION' ? 0.005  ? 49   ? f_plane_restr      ? ? 
# 
loop_
_refine_ls_shell.pdbx_refine_id 
_refine_ls_shell.d_res_high 
_refine_ls_shell.d_res_low 
_refine_ls_shell.number_reflns_all 
_refine_ls_shell.number_reflns_obs 
_refine_ls_shell.number_reflns_R_free 
_refine_ls_shell.number_reflns_R_work 
_refine_ls_shell.percent_reflns_obs 
_refine_ls_shell.percent_reflns_R_free 
_refine_ls_shell.R_factor_all 
_refine_ls_shell.R_factor_obs 
_refine_ls_shell.R_factor_R_free_error 
_refine_ls_shell.R_factor_R_work 
_refine_ls_shell.redundancy_reflns_all 
_refine_ls_shell.redundancy_reflns_obs 
_refine_ls_shell.wR_factor_all 
_refine_ls_shell.wR_factor_obs 
_refine_ls_shell.wR_factor_R_free 
_refine_ls_shell.wR_factor_R_work 
_refine_ls_shell.pdbx_R_complete 
_refine_ls_shell.pdbx_total_number_of_bins_used 
_refine_ls_shell.pdbx_phase_error 
_refine_ls_shell.pdbx_fsc_work 
_refine_ls_shell.pdbx_fsc_free 
_refine_ls_shell.R_factor_R_free 
'X-RAY DIFFRACTION' 3.11 3.91  . . 106 1967 78.00  . . . . 0.2969 . . . . . . . . . . . 0.3214 
'X-RAY DIFFRACTION' 3.92 34.32 . . 137 2555 100.00 . . . . 0.1863 . . . . . . . . . . . 0.2374 
# 
_struct.entry_id                     8TAP 
_struct.title                        
;Sequence specific (AATT) orientation of netropsin molecules at a unique minor groove binding site (position2) within a self-assembled 3D DNA lattice (4x6)
;
_struct.pdbx_model_details           ? 
_struct.pdbx_formula_weight          ? 
_struct.pdbx_formula_weight_method   ? 
_struct.pdbx_model_type_details      ? 
_struct.pdbx_CASP_flag               N 
# 
_struct_keywords.entry_id        8TAP 
_struct_keywords.text            
;Self-Assembly, DNA Nanotechnology, DNA Scaffold, Crystal Lattice, DNA, Minor Groove Binders, Netropsin, DAPI, Hoechst, ImPyPy, polyamide, host-guest
;
_struct_keywords.pdbx_keywords   DNA 
# 
loop_
_struct_asym.id 
_struct_asym.pdbx_blank_PDB_chainid_flag 
_struct_asym.pdbx_modified 
_struct_asym.entity_id 
_struct_asym.details 
A N N 1 ? 
B N N 2 ? 
C N N 3 ? 
D N N 4 ? 
E N N 5 ? 
F N N 6 ? 
G N N 6 ? 
# 
loop_
_struct_conn.id 
_struct_conn.conn_type_id 
_struct_conn.pdbx_leaving_atom_flag 
_struct_conn.pdbx_PDB_id 
_struct_conn.ptnr1_label_asym_id 
_struct_conn.ptnr1_label_comp_id 
_struct_conn.ptnr1_label_seq_id 
_struct_conn.ptnr1_label_atom_id 
_struct_conn.pdbx_ptnr1_label_alt_id 
_struct_conn.pdbx_ptnr1_PDB_ins_code 
_struct_conn.pdbx_ptnr1_standard_comp_id 
_struct_conn.ptnr1_symmetry 
_struct_conn.ptnr2_label_asym_id 
_struct_conn.ptnr2_label_comp_id 
_struct_conn.ptnr2_label_seq_id 
_struct_conn.ptnr2_label_atom_id 
_struct_conn.pdbx_ptnr2_label_alt_id 
_struct_conn.pdbx_ptnr2_PDB_ins_code 
_struct_conn.ptnr1_auth_asym_id 
_struct_conn.ptnr1_auth_comp_id 
_struct_conn.ptnr1_auth_seq_id 
_struct_conn.ptnr2_auth_asym_id 
_struct_conn.ptnr2_auth_comp_id 
_struct_conn.ptnr2_auth_seq_id 
_struct_conn.ptnr2_symmetry 
_struct_conn.pdbx_ptnr3_label_atom_id 
_struct_conn.pdbx_ptnr3_label_seq_id 
_struct_conn.pdbx_ptnr3_label_comp_id 
_struct_conn.pdbx_ptnr3_label_asym_id 
_struct_conn.pdbx_ptnr3_label_alt_id 
_struct_conn.pdbx_ptnr3_PDB_ins_code 
_struct_conn.details 
_struct_conn.pdbx_dist_value 
_struct_conn.pdbx_value_order 
_struct_conn.pdbx_role 
hydrog1  hydrog ? ? A DG 3  N1 ? ? ? 1_555 D DC 7 N3 ? ? A DG 3  D DC 16 1_555 ? ? ? ? ? ? WATSON-CRICK ? ? ? 
hydrog2  hydrog ? ? A DG 3  N2 ? ? ? 1_555 D DC 7 O2 ? ? A DG 3  D DC 16 1_555 ? ? ? ? ? ? WATSON-CRICK ? ? ? 
hydrog3  hydrog ? ? A DG 3  O6 ? ? ? 1_555 D DC 7 N4 ? ? A DG 3  D DC 16 1_555 ? ? ? ? ? ? WATSON-CRICK ? ? ? 
hydrog4  hydrog ? ? A DC 4  N3 ? ? ? 1_555 D DG 6 N1 ? ? A DC 4  D DG 15 1_555 ? ? ? ? ? ? WATSON-CRICK ? ? ? 
hydrog5  hydrog ? ? A DC 4  N4 ? ? ? 1_555 D DG 6 O6 ? ? A DC 4  D DG 15 1_555 ? ? ? ? ? ? WATSON-CRICK ? ? ? 
hydrog6  hydrog ? ? A DC 4  O2 ? ? ? 1_555 D DG 6 N2 ? ? A DC 4  D DG 15 1_555 ? ? ? ? ? ? WATSON-CRICK ? ? ? 
hydrog7  hydrog ? ? A DA 5  N1 ? ? ? 1_555 D DT 5 N3 ? ? A DA 5  D DT 14 1_555 ? ? ? ? ? ? WATSON-CRICK ? ? ? 
hydrog8  hydrog ? ? A DA 5  N6 ? ? ? 1_555 D DT 5 O4 ? ? A DA 5  D DT 14 1_555 ? ? ? ? ? ? WATSON-CRICK ? ? ? 
hydrog9  hydrog ? ? A DG 6  N1 ? ? ? 1_555 D DC 4 N3 ? ? A DG 6  D DC 13 1_555 ? ? ? ? ? ? WATSON-CRICK ? ? ? 
hydrog10 hydrog ? ? A DG 6  N2 ? ? ? 1_555 D DC 4 O2 ? ? A DG 6  D DC 13 1_555 ? ? ? ? ? ? WATSON-CRICK ? ? ? 
hydrog11 hydrog ? ? A DG 6  O6 ? ? ? 1_555 D DC 4 N4 ? ? A DG 6  D DC 13 1_555 ? ? ? ? ? ? WATSON-CRICK ? ? ? 
hydrog12 hydrog ? ? A DA 7  N1 ? ? ? 1_555 D DT 3 N3 ? ? A DA 7  D DT 12 1_555 ? ? ? ? ? ? WATSON-CRICK ? ? ? 
hydrog13 hydrog ? ? A DA 7  N6 ? ? ? 1_555 D DT 3 O4 ? ? A DA 7  D DT 12 1_555 ? ? ? ? ? ? WATSON-CRICK ? ? ? 
hydrog14 hydrog ? ? A DC 8  N3 ? ? ? 1_555 D DG 2 N1 ? ? A DC 8  D DG 11 1_555 ? ? ? ? ? ? WATSON-CRICK ? ? ? 
hydrog15 hydrog ? ? A DC 8  N4 ? ? ? 1_555 D DG 2 O6 ? ? A DC 8  D DG 11 1_555 ? ? ? ? ? ? WATSON-CRICK ? ? ? 
hydrog16 hydrog ? ? A DC 8  O2 ? ? ? 1_555 D DG 2 N2 ? ? A DC 8  D DG 11 1_555 ? ? ? ? ? ? WATSON-CRICK ? ? ? 
hydrog17 hydrog ? ? A DC 9  N3 ? ? ? 1_555 D DG 1 N1 ? ? A DC 9  D DG 10 1_555 ? ? ? ? ? ? WATSON-CRICK ? ? ? 
hydrog18 hydrog ? ? A DC 9  N4 ? ? ? 1_555 D DG 1 O6 ? ? A DC 9  D DG 10 1_555 ? ? ? ? ? ? WATSON-CRICK ? ? ? 
hydrog19 hydrog ? ? A DC 9  O2 ? ? ? 1_555 D DG 1 N2 ? ? A DC 9  D DG 10 1_555 ? ? ? ? ? ? WATSON-CRICK ? ? ? 
hydrog20 hydrog ? ? A DT 10 N3 ? ? ? 1_555 B DA 6 N1 ? ? A DT 10 B DA 5  1_555 ? ? ? ? ? ? WATSON-CRICK ? ? ? 
hydrog21 hydrog ? ? A DT 10 O4 ? ? ? 1_555 B DA 6 N6 ? ? A DT 10 B DA 5  1_555 ? ? ? ? ? ? WATSON-CRICK ? ? ? 
hydrog22 hydrog ? ? A DG 11 N1 ? ? ? 1_555 B DC 5 N3 ? ? A DG 11 B DC 4  1_555 ? ? ? ? ? ? WATSON-CRICK ? ? ? 
hydrog23 hydrog ? ? A DG 11 N2 ? ? ? 1_555 B DC 5 O2 ? ? A DG 11 B DC 4  1_555 ? ? ? ? ? ? WATSON-CRICK ? ? ? 
hydrog24 hydrog ? ? A DG 11 O6 ? ? ? 1_555 B DC 5 N4 ? ? A DG 11 B DC 4  1_555 ? ? ? ? ? ? WATSON-CRICK ? ? ? 
hydrog25 hydrog ? ? A DA 12 N1 ? ? ? 1_555 B DT 4 N3 ? ? A DA 12 B DT 3  1_555 ? ? ? ? ? ? WATSON-CRICK ? ? ? 
hydrog26 hydrog ? ? A DA 12 N6 ? ? ? 1_555 B DT 4 O4 ? ? A DA 12 B DT 3  1_555 ? ? ? ? ? ? WATSON-CRICK ? ? ? 
hydrog27 hydrog ? ? A DC 13 N3 ? ? ? 1_555 B DG 3 N1 ? ? A DC 13 B DG 2  1_555 ? ? ? ? ? ? WATSON-CRICK ? ? ? 
hydrog28 hydrog ? ? A DC 13 N4 ? ? ? 1_555 B DG 3 O6 ? ? A DC 13 B DG 2  1_555 ? ? ? ? ? ? WATSON-CRICK ? ? ? 
hydrog29 hydrog ? ? A DC 13 O2 ? ? ? 1_555 B DG 3 N2 ? ? A DC 13 B DG 2  1_555 ? ? ? ? ? ? WATSON-CRICK ? ? ? 
hydrog30 hydrog ? ? A DG 14 N1 ? ? ? 1_555 B DC 2 N3 ? ? A DG 14 B DC 1  1_555 ? ? ? ? ? ? WATSON-CRICK ? ? ? 
hydrog31 hydrog ? ? A DG 14 N2 ? ? ? 1_555 B DC 2 O2 ? ? A DG 14 B DC 1  1_555 ? ? ? ? ? ? WATSON-CRICK ? ? ? 
hydrog32 hydrog ? ? A DG 14 O6 ? ? ? 1_555 B DC 2 N4 ? ? A DG 14 B DC 1  1_555 ? ? ? ? ? ? WATSON-CRICK ? ? ? 
hydrog33 hydrog ? ? A DG 15 N1 ? ? ? 1_555 B DC 1 N3 ? ? A DG 15 B DC 0  1_555 ? ? ? ? ? ? WATSON-CRICK ? ? ? 
hydrog34 hydrog ? ? A DG 15 N2 ? ? ? 1_555 B DC 1 O2 ? ? A DG 15 B DC 0  1_555 ? ? ? ? ? ? WATSON-CRICK ? ? ? 
hydrog35 hydrog ? ? A DG 15 O6 ? ? ? 1_555 B DC 1 N4 ? ? A DG 15 B DC 0  1_555 ? ? ? ? ? ? WATSON-CRICK ? ? ? 
hydrog36 hydrog ? ? A DA 16 N1 ? ? ? 1_555 C DT 8 N3 ? ? A DA 16 C DT 8  1_555 ? ? ? ? ? ? WATSON-CRICK ? ? ? 
hydrog37 hydrog ? ? A DA 16 N6 ? ? ? 1_555 C DT 8 O4 ? ? A DA 16 C DT 8  1_555 ? ? ? ? ? ? WATSON-CRICK ? ? ? 
hydrog38 hydrog ? ? A DA 17 N1 ? ? ? 1_555 C DT 7 N3 ? ? A DA 17 C DT 7  1_555 ? ? ? ? ? ? WATSON-CRICK ? ? ? 
hydrog39 hydrog ? ? A DA 17 N6 ? ? ? 1_555 C DT 7 O4 ? ? A DA 17 C DT 7  1_555 ? ? ? ? ? ? WATSON-CRICK ? ? ? 
hydrog40 hydrog ? ? A DA 18 N1 ? ? ? 1_555 C DT 6 N3 ? ? A DA 18 C DT 6  1_555 ? ? ? ? ? ? WATSON-CRICK ? ? ? 
hydrog41 hydrog ? ? A DA 18 N6 ? ? ? 1_555 C DT 6 O4 ? ? A DA 18 C DT 6  1_555 ? ? ? ? ? ? WATSON-CRICK ? ? ? 
hydrog42 hydrog ? ? A DT 19 N3 ? ? ? 1_555 C DA 5 N1 ? ? A DT 19 C DA 5  1_555 ? ? ? ? ? ? WATSON-CRICK ? ? ? 
hydrog43 hydrog ? ? A DT 19 O4 ? ? ? 1_555 C DA 5 N6 ? ? A DT 19 C DA 5  1_555 ? ? ? ? ? ? WATSON-CRICK ? ? ? 
hydrog44 hydrog ? ? A DT 20 N3 ? ? ? 1_555 C DA 4 N1 ? ? A DT 20 C DA 4  1_555 ? ? ? ? ? ? WATSON-CRICK ? ? ? 
hydrog45 hydrog ? ? A DT 20 O4 ? ? ? 1_555 C DA 4 N6 ? ? A DT 20 C DA 4  1_555 ? ? ? ? ? ? WATSON-CRICK ? ? ? 
hydrog46 hydrog ? ? A DA 21 N1 ? ? ? 1_555 C DT 3 N3 ? ? A DA 21 C DT 3  1_555 ? ? ? ? ? ? WATSON-CRICK ? ? ? 
hydrog47 hydrog ? ? A DA 21 N6 ? ? ? 1_555 C DT 3 O4 ? ? A DA 21 C DT 3  1_555 ? ? ? ? ? ? WATSON-CRICK ? ? ? 
# 
_struct_conn_type.id          hydrog 
_struct_conn_type.criteria    ? 
_struct_conn_type.reference   ? 
# 
_atom_sites.entry_id                    8TAP 
_atom_sites.Cartn_transf_matrix[1][1]   ? 
_atom_sites.Cartn_transf_matrix[1][2]   ? 
_atom_sites.Cartn_transf_matrix[1][3]   ? 
_atom_sites.Cartn_transf_matrix[2][1]   ? 
_atom_sites.Cartn_transf_matrix[2][2]   ? 
_atom_sites.Cartn_transf_matrix[2][3]   ? 
_atom_sites.Cartn_transf_matrix[3][1]   ? 
_atom_sites.Cartn_transf_matrix[3][2]   ? 
_atom_sites.Cartn_transf_matrix[3][3]   ? 
_atom_sites.Cartn_transf_vector[1]      ? 
_atom_sites.Cartn_transf_vector[2]      ? 
_atom_sites.Cartn_transf_vector[3]      ? 
_atom_sites.fract_transf_matrix[1][1]   0.01503327 
_atom_sites.fract_transf_matrix[1][2]   -0.00658696 
_atom_sites.fract_transf_matrix[1][3]   0.00368965 
_atom_sites.fract_transf_matrix[2][1]   0.01158970 
_atom_sites.fract_transf_matrix[2][2]   -0.00178728 
_atom_sites.fract_transf_matrix[2][3]   -0.01206225 
_atom_sites.fract_transf_matrix[3][1]   0.00620957 
_atom_sites.fract_transf_matrix[3][2]   0.01617175 
_atom_sites.fract_transf_matrix[3][3]   0.00357011 
_atom_sites.fract_transf_vector[1]      0.085032 
_atom_sites.fract_transf_vector[2]      0.141930 
_atom_sites.fract_transf_vector[3]      -0.166109 
_atom_sites.solution_primary            ? 
_atom_sites.solution_secondary          ? 
_atom_sites.solution_hydrogens          ? 
_atom_sites.special_details             ? 
# 
loop_
_atom_type.symbol 
C 
N 
O 
P 
# 
loop_
_atom_site.group_PDB 
_atom_site.id 
_atom_site.type_symbol 
_atom_site.label_atom_id 
_atom_site.label_alt_id 
_atom_site.label_comp_id 
_atom_site.label_asym_id 
_atom_site.label_entity_id 
_atom_site.label_seq_id 
_atom_site.pdbx_PDB_ins_code 
_atom_site.Cartn_x 
_atom_site.Cartn_y 
_atom_site.Cartn_z 
_atom_site.occupancy 
_atom_site.B_iso_or_equiv 
_atom_site.pdbx_formal_charge 
_atom_site.auth_seq_id 
_atom_site.auth_comp_id 
_atom_site.auth_asym_id 
_atom_site.auth_atom_id 
_atom_site.pdbx_PDB_model_num 
ATOM   1   O "O5'" . DG  A 1 1  ? 15.676  -17.892 27.958  1.00 150.47 ? 1   DG  A "O5'" 1 
ATOM   2   C "C5'" . DG  A 1 1  ? 17.029  -17.615 27.633  1.00 147.00 ? 1   DG  A "C5'" 1 
ATOM   3   C "C4'" . DG  A 1 1  ? 17.425  -16.226 28.104  1.00 148.08 ? 1   DG  A "C4'" 1 
ATOM   4   O "O4'" . DG  A 1 1  ? 18.867  -16.112 28.117  1.00 140.85 ? 1   DG  A "O4'" 1 
ATOM   5   C "C3'" . DG  A 1 1  ? 16.884  -15.078 27.253  1.00 155.55 ? 1   DG  A "C3'" 1 
ATOM   6   O "O3'" . DG  A 1 1  ? 15.970  -14.298 28.029  1.00 164.21 ? 1   DG  A "O3'" 1 
ATOM   7   C "C2'" . DG  A 1 1  ? 18.115  -14.259 26.846  1.00 145.45 ? 1   DG  A "C2'" 1 
ATOM   8   C "C1'" . DG  A 1 1  ? 19.298  -15.148 27.186  1.00 136.79 ? 1   DG  A "C1'" 1 
ATOM   9   N N9    . DG  A 1 1  ? 19.895  -15.832 26.043  1.00 129.89 ? 1   DG  A N9    1 
ATOM   10  C C8    . DG  A 1 1  ? 19.488  -17.015 25.469  1.00 128.77 ? 1   DG  A C8    1 
ATOM   11  N N7    . DG  A 1 1  ? 20.241  -17.396 24.474  1.00 123.38 ? 1   DG  A N7    1 
ATOM   12  C C5    . DG  A 1 1  ? 21.214  -16.408 24.389  1.00 123.96 ? 1   DG  A C5    1 
ATOM   13  C C6    . DG  A 1 1  ? 22.305  -16.279 23.501  1.00 121.55 ? 1   DG  A C6    1 
ATOM   14  O O6    . DG  A 1 1  ? 22.641  -17.040 22.582  1.00 118.29 ? 1   DG  A O6    1 
ATOM   15  N N1    . DG  A 1 1  ? 23.045  -15.125 23.761  1.00 123.01 ? 1   DG  A N1    1 
ATOM   16  C C2    . DG  A 1 1  ? 22.763  -14.215 24.756  1.00 123.83 ? 1   DG  A C2    1 
ATOM   17  N N2    . DG  A 1 1  ? 23.590  -13.165 24.855  1.00 122.20 ? 1   DG  A N2    1 
ATOM   18  N N3    . DG  A 1 1  ? 21.744  -14.326 25.593  1.00 125.76 ? 1   DG  A N3    1 
ATOM   19  C C4    . DG  A 1 1  ? 21.015  -15.443 25.352  1.00 127.51 ? 1   DG  A C4    1 
ATOM   20  P P     . DA  A 1 2  ? 15.518  -12.830 27.549  1.00 167.92 ? 2   DA  A P     1 
ATOM   21  O OP1   . DA  A 1 2  ? 14.286  -12.513 28.303  1.00 165.59 ? 2   DA  A OP1   1 
ATOM   22  O OP2   . DA  A 1 2  ? 15.484  -12.799 26.066  1.00 150.59 ? 2   DA  A OP2   1 
ATOM   23  O "O5'" . DA  A 1 2  ? 16.696  -11.869 28.065  1.00 156.49 ? 2   DA  A "O5'" 1 
ATOM   24  C "C5'" . DA  A 1 2  ? 16.605  -10.462 27.870  1.00 156.38 ? 2   DA  A "C5'" 1 
ATOM   25  C "C4'" . DA  A 1 2  ? 17.782  -9.938  27.062  1.00 154.23 ? 2   DA  A "C4'" 1 
ATOM   26  O "O4'" . DA  A 1 2  ? 18.426  -11.035 26.347  1.00 151.99 ? 2   DA  A "O4'" 1 
ATOM   27  C "C3'" . DA  A 1 2  ? 17.418  -8.904  25.987  1.00 152.66 ? 2   DA  A "C3'" 1 
ATOM   28  O "O3'" . DA  A 1 2  ? 18.433  -7.900  25.920  1.00 155.62 ? 2   DA  A "O3'" 1 
ATOM   29  C "C2'" . DA  A 1 2  ? 17.401  -9.754  24.724  1.00 143.97 ? 2   DA  A "C2'" 1 
ATOM   30  C "C1'" . DA  A 1 2  ? 18.592  -10.641 25.004  1.00 144.81 ? 2   DA  A "C1'" 1 
ATOM   31  N N9    . DA  A 1 2  ? 18.662  -11.818 24.146  1.00 140.78 ? 2   DA  A N9    1 
ATOM   32  C C8    . DA  A 1 2  ? 17.730  -12.810 24.015  1.00 142.28 ? 2   DA  A C8    1 
ATOM   33  N N7    . DA  A 1 2  ? 18.069  -13.744 23.156  1.00 137.78 ? 2   DA  A N7    1 
ATOM   34  C C5    . DA  A 1 2  ? 19.302  -13.323 22.681  1.00 134.29 ? 2   DA  A C5    1 
ATOM   35  C C6    . DA  A 1 2  ? 20.194  -13.870 21.739  1.00 130.62 ? 2   DA  A C6    1 
ATOM   36  N N6    . DA  A 1 2  ? 19.961  -15.010 21.081  1.00 129.16 ? 2   DA  A N6    1 
ATOM   37  N N1    . DA  A 1 2  ? 21.338  -13.198 21.496  1.00 128.98 ? 2   DA  A N1    1 
ATOM   38  C C2    . DA  A 1 2  ? 21.568  -12.055 22.155  1.00 130.81 ? 2   DA  A C2    1 
ATOM   39  N N3    . DA  A 1 2  ? 20.807  -11.444 23.061  1.00 131.60 ? 2   DA  A N3    1 
ATOM   40  C C4    . DA  A 1 2  ? 19.679  -12.137 23.281  1.00 135.70 ? 2   DA  A C4    1 
ATOM   41  P P     . DG  A 1 3  ? 18.217  -6.568  25.042  1.00 154.28 ? 3   DG  A P     1 
ATOM   42  O OP1   . DG  A 1 3  ? 19.466  -5.775  25.135  1.00 139.07 ? 3   DG  A OP1   1 
ATOM   43  O OP2   . DG  A 1 3  ? 16.932  -5.964  25.459  1.00 155.11 ? 3   DG  A OP2   1 
ATOM   44  O "O5'" . DG  A 1 3  ? 18.022  -7.109  23.549  1.00 140.54 ? 3   DG  A "O5'" 1 
ATOM   45  C "C5'" . DG  A 1 3  ? 18.313  -6.277  22.445  1.00 139.58 ? 3   DG  A "C5'" 1 
ATOM   46  C "C4'" . DG  A 1 3  ? 19.788  -6.343  22.109  1.00 136.56 ? 3   DG  A "C4'" 1 
ATOM   47  O "O4'" . DG  A 1 3  ? 20.235  -7.718  22.167  1.00 134.87 ? 3   DG  A "O4'" 1 
ATOM   48  C "C3'" . DG  A 1 3  ? 20.150  -5.822  20.729  1.00 139.69 ? 3   DG  A "C3'" 1 
ATOM   49  O "O3'" . DG  A 1 3  ? 21.345  -5.068  20.776  1.00 143.44 ? 3   DG  A "O3'" 1 
ATOM   50  C "C2'" . DG  A 1 3  ? 20.310  -7.077  19.876  1.00 134.48 ? 3   DG  A "C2'" 1 
ATOM   51  C "C1'" . DG  A 1 3  ? 20.570  -8.195  20.880  1.00 131.64 ? 3   DG  A "C1'" 1 
ATOM   52  N N9    . DG  A 1 3  ? 19.789  -9.405  20.612  1.00 131.38 ? 3   DG  A N9    1 
ATOM   53  C C8    . DG  A 1 3  ? 18.622  -9.797  21.230  1.00 131.59 ? 3   DG  A C8    1 
ATOM   54  N N7    . DG  A 1 3  ? 18.151  -10.930 20.782  1.00 130.16 ? 3   DG  A N7    1 
ATOM   55  C C5    . DG  A 1 3  ? 19.061  -11.315 19.805  1.00 127.60 ? 3   DG  A C5    1 
ATOM   56  C C6    . DG  A 1 3  ? 19.077  -12.463 18.972  1.00 128.92 ? 3   DG  A C6    1 
ATOM   57  O O6    . DG  A 1 3  ? 18.265  -13.399 18.933  1.00 129.30 ? 3   DG  A O6    1 
ATOM   58  N N1    . DG  A 1 3  ? 20.182  -12.468 18.121  1.00 127.05 ? 3   DG  A N1    1 
ATOM   59  C C2    . DG  A 1 3  ? 21.146  -11.486 18.079  1.00 126.78 ? 3   DG  A C2    1 
ATOM   60  N N2    . DG  A 1 3  ? 22.133  -11.655 17.188  1.00 126.62 ? 3   DG  A N2    1 
ATOM   61  N N3    . DG  A 1 3  ? 21.141  -10.407 18.853  1.00 125.84 ? 3   DG  A N3    1 
ATOM   62  C C4    . DG  A 1 3  ? 20.073  -10.386 19.687  1.00 127.86 ? 3   DG  A C4    1 
ATOM   63  P P     . DC  A 1 4  ? 21.553  -3.847  19.753  1.00 148.68 ? 4   DC  A P     1 
ATOM   64  O OP1   . DC  A 1 4  ? 22.941  -3.364  19.925  1.00 142.83 ? 4   DC  A OP1   1 
ATOM   65  O OP2   . DC  A 1 4  ? 20.411  -2.916  19.919  1.00 142.79 ? 4   DC  A OP2   1 
ATOM   66  O "O5'" . DC  A 1 4  ? 21.452  -4.531  18.311  1.00 131.33 ? 4   DC  A "O5'" 1 
ATOM   67  C "C5'" . DC  A 1 4  ? 22.633  -4.742  17.563  1.00 129.01 ? 4   DC  A "C5'" 1 
ATOM   68  C "C4'" . DC  A 1 4  ? 22.439  -5.814  16.507  1.00 134.56 ? 4   DC  A "C4'" 1 
ATOM   69  O "O4'" . DC  A 1 4  ? 21.516  -6.818  16.966  1.00 128.50 ? 4   DC  A "O4'" 1 
ATOM   70  C "C3'" . DC  A 1 4  ? 21.857  -5.332  15.182  1.00 134.77 ? 4   DC  A "C3'" 1 
ATOM   71  O "O3'" . DC  A 1 4  ? 22.903  -5.139  14.237  1.00 139.83 ? 4   DC  A "O3'" 1 
ATOM   72  C "C2'" . DC  A 1 4  ? 20.912  -6.472  14.753  1.00 131.98 ? 4   DC  A "C2'" 1 
ATOM   73  C "C1'" . DC  A 1 4  ? 21.115  -7.531  15.830  1.00 124.86 ? 4   DC  A "C1'" 1 
ATOM   74  N N1    . DC  A 1 4  ? 19.891  -8.354  16.154  1.00 123.92 ? 4   DC  A N1    1 
ATOM   75  C C2    . DC  A 1 4  ? 19.698  -9.594  15.522  1.00 128.81 ? 4   DC  A C2    1 
ATOM   76  O O2    . DC  A 1 4  ? 20.532  -9.986  14.695  1.00 129.86 ? 4   DC  A O2    1 
ATOM   77  N N3    . DC  A 1 4  ? 18.597  -10.329 15.835  1.00 135.13 ? 4   DC  A N3    1 
ATOM   78  C C4    . DC  A 1 4  ? 17.722  -9.870  16.735  1.00 124.82 ? 4   DC  A C4    1 
ATOM   79  N N4    . DC  A 1 4  ? 16.655  -10.627 17.014  1.00 121.03 ? 4   DC  A N4    1 
ATOM   80  C C5    . DC  A 1 4  ? 17.906  -8.618  17.389  1.00 126.30 ? 4   DC  A C5    1 
ATOM   81  C C6    . DC  A 1 4  ? 18.988  -7.900  17.066  1.00 128.06 ? 4   DC  A C6    1 
ATOM   82  P P     . DA  A 1 5  ? 22.660  -4.247  12.922  1.00 144.44 ? 5   DA  A P     1 
ATOM   83  O OP1   . DA  A 1 5  ? 23.583  -3.087  12.988  1.00 132.53 ? 5   DA  A OP1   1 
ATOM   84  O OP2   . DA  A 1 5  ? 21.200  -4.037  12.793  1.00 146.16 ? 5   DA  A OP2   1 
ATOM   85  O "O5'" . DA  A 1 5  ? 23.110  -5.204  11.723  1.00 130.85 ? 5   DA  A "O5'" 1 
ATOM   86  C "C5'" . DA  A 1 5  ? 23.272  -6.596  11.955  1.00 134.41 ? 5   DA  A "C5'" 1 
ATOM   87  C "C4'" . DA  A 1 5  ? 22.416  -7.407  10.998  1.00 138.78 ? 5   DA  A "C4'" 1 
ATOM   88  O "O4'" . DA  A 1 5  ? 21.374  -8.101  11.730  1.00 141.08 ? 5   DA  A "O4'" 1 
ATOM   89  C "C3'" . DA  A 1 5  ? 21.710  -6.594  9.913   1.00 139.57 ? 5   DA  A "C3'" 1 
ATOM   90  O "O3'" . DA  A 1 5  ? 22.017  -7.135  8.634   1.00 148.59 ? 5   DA  A "O3'" 1 
ATOM   91  C "C2'" . DA  A 1 5  ? 20.222  -6.744  10.252  1.00 134.64 ? 5   DA  A "C2'" 1 
ATOM   92  C "C1'" . DA  A 1 5  ? 20.193  -8.083  10.972  1.00 131.30 ? 5   DA  A "C1'" 1 
ATOM   93  N N9    . DA  A 1 5  ? 19.064  -8.240  11.890  1.00 127.65 ? 5   DA  A N9    1 
ATOM   94  C C8    . DA  A 1 5  ? 18.666  -7.357  12.848  1.00 127.23 ? 5   DA  A C8    1 
ATOM   95  N N7    . DA  A 1 5  ? 17.636  -7.754  13.553  1.00 127.66 ? 5   DA  A N7    1 
ATOM   96  C C5    . DA  A 1 5  ? 17.319  -8.985  13.014  1.00 131.31 ? 5   DA  A C5    1 
ATOM   97  C C6    . DA  A 1 5  ? 16.307  -9.917  13.326  1.00 131.65 ? 5   DA  A C6    1 
ATOM   98  N N6    . DA  A 1 5  ? 15.406  -9.719  14.291  1.00 135.41 ? 5   DA  A N6    1 
ATOM   99  N N1    . DA  A 1 5  ? 16.256  -11.054 12.602  1.00 130.14 ? 5   DA  A N1    1 
ATOM   100 C C2    . DA  A 1 5  ? 17.166  -11.242 11.631  1.00 134.02 ? 5   DA  A C2    1 
ATOM   101 N N3    . DA  A 1 5  ? 18.167  -10.436 11.247  1.00 134.57 ? 5   DA  A N3    1 
ATOM   102 C C4    . DA  A 1 5  ? 18.189  -9.313  11.989  1.00 133.28 ? 5   DA  A C4    1 
ATOM   103 P P     . DG  A 1 6  ? 21.914  -6.219  7.319   1.00 161.20 ? 6   DG  A P     1 
ATOM   104 O OP1   . DG  A 1 6  ? 23.114  -6.488  6.493   1.00 149.26 ? 6   DG  A OP1   1 
ATOM   105 O OP2   . DG  A 1 6  ? 21.624  -4.833  7.755   1.00 153.87 ? 6   DG  A OP2   1 
ATOM   106 O "O5'" . DG  A 1 6  ? 20.627  -6.799  6.558   1.00 152.76 ? 6   DG  A "O5'" 1 
ATOM   107 C "C5'" . DG  A 1 6  ? 20.756  -7.959  5.748   1.00 146.31 ? 6   DG  A "C5'" 1 
ATOM   108 C "C4'" . DG  A 1 6  ? 19.582  -8.909  5.941   1.00 147.30 ? 6   DG  A "C4'" 1 
ATOM   109 O "O4'" . DG  A 1 6  ? 19.112  -8.856  7.297   1.00 135.83 ? 6   DG  A "O4'" 1 
ATOM   110 C "C3'" . DG  A 1 6  ? 18.346  -8.602  5.109   1.00 152.27 ? 6   DG  A "C3'" 1 
ATOM   111 O "O3'" . DG  A 1 6  ? 18.450  -9.244  3.827   1.00 160.02 ? 6   DG  A "O3'" 1 
ATOM   112 C "C2'" . DG  A 1 6  ? 17.197  -9.177  5.958   1.00 145.31 ? 6   DG  A "C2'" 1 
ATOM   113 C "C1'" . DG  A 1 6  ? 17.835  -9.450  7.321   1.00 140.56 ? 6   DG  A "C1'" 1 
ATOM   114 N N9    . DG  A 1 6  ? 17.081  -8.908  8.451   1.00 140.91 ? 6   DG  A N9    1 
ATOM   115 C C8    . DG  A 1 6  ? 17.363  -7.764  9.152   1.00 138.06 ? 6   DG  A C8    1 
ATOM   116 N N7    . DG  A 1 6  ? 16.532  -7.527  10.128  1.00 136.76 ? 6   DG  A N7    1 
ATOM   117 C C5    . DG  A 1 6  ? 15.631  -8.582  10.071  1.00 136.81 ? 6   DG  A C5    1 
ATOM   118 C C6    . DG  A 1 6  ? 14.505  -8.859  10.880  1.00 130.00 ? 6   DG  A C6    1 
ATOM   119 O O6    . DG  A 1 6  ? 14.069  -8.204  11.838  1.00 125.28 ? 6   DG  A O6    1 
ATOM   120 N N1    . DG  A 1 6  ? 13.862  -10.028 10.488  1.00 130.09 ? 6   DG  A N1    1 
ATOM   121 C C2    . DG  A 1 6  ? 14.258  -10.834 9.447   1.00 131.20 ? 6   DG  A C2    1 
ATOM   122 N N2    . DG  A 1 6  ? 13.504  -11.920 9.218   1.00 132.81 ? 6   DG  A N2    1 
ATOM   123 N N3    . DG  A 1 6  ? 15.314  -10.586 8.672   1.00 134.10 ? 6   DG  A N3    1 
ATOM   124 C C4    . DG  A 1 6  ? 15.953  -9.446  9.044   1.00 137.06 ? 6   DG  A C4    1 
ATOM   125 P P     . DA  A 1 7  ? 17.144  -9.745  3.024   1.00 174.11 ? 7   DA  A P     1 
ATOM   126 O OP1   . DA  A 1 7  ? 17.605  -10.064 1.653   1.00 171.14 ? 7   DA  A OP1   1 
ATOM   127 O OP2   . DA  A 1 7  ? 16.040  -8.773  3.200   1.00 155.85 ? 7   DA  A OP2   1 
ATOM   128 O "O5'" . DA  A 1 7  ? 16.738  -11.110 3.758   1.00 158.67 ? 7   DA  A "O5'" 1 
ATOM   129 C "C5'" . DA  A 1 7  ? 15.903  -12.050 3.107   1.00 151.53 ? 7   DA  A "C5'" 1 
ATOM   130 C "C4'" . DA  A 1 7  ? 14.492  -12.013 3.665   1.00 150.42 ? 7   DA  A "C4'" 1 
ATOM   131 O "O4'" . DA  A 1 7  ? 14.467  -11.329 4.940   1.00 150.79 ? 7   DA  A "O4'" 1 
ATOM   132 C "C3'" . DA  A 1 7  ? 13.465  -11.289 2.789   1.00 152.01 ? 7   DA  A "C3'" 1 
ATOM   133 O "O3'" . DA  A 1 7  ? 12.570  -12.242 2.212   1.00 159.40 ? 7   DA  A "O3'" 1 
ATOM   134 C "C2'" . DA  A 1 7  ? 12.742  -10.343 3.764   1.00 148.64 ? 7   DA  A "C2'" 1 
ATOM   135 C "C1'" . DA  A 1 7  ? 13.159  -10.857 5.131   1.00 146.50 ? 7   DA  A "C1'" 1 
ATOM   136 N N9    . DA  A 1 7  ? 13.160  -9.816  6.164   1.00 140.48 ? 7   DA  A N9    1 
ATOM   137 C C8    . DA  A 1 7  ? 14.044  -8.782  6.280   1.00 139.07 ? 7   DA  A C8    1 
ATOM   138 N N7    . DA  A 1 7  ? 13.807  -7.985  7.294   1.00 135.75 ? 7   DA  A N7    1 
ATOM   139 C C5    . DA  A 1 7  ? 12.678  -8.522  7.886   1.00 137.52 ? 7   DA  A C5    1 
ATOM   140 C C6    . DA  A 1 7  ? 11.924  -8.130  9.011   1.00 125.26 ? 7   DA  A C6    1 
ATOM   141 N N6    . DA  A 1 7  ? 12.226  -7.063  9.755   1.00 121.70 ? 7   DA  A N6    1 
ATOM   142 N N1    . DA  A 1 7  ? 10.853  -8.878  9.341   1.00 120.01 ? 7   DA  A N1    1 
ATOM   143 C C2    . DA  A 1 7  ? 10.556  -9.951  8.592   1.00 128.49 ? 7   DA  A C2    1 
ATOM   144 N N3    . DA  A 1 7  ? 11.190  -10.421 7.506   1.00 134.53 ? 7   DA  A N3    1 
ATOM   145 C C4    . DA  A 1 7  ? 12.255  -9.652  7.203   1.00 138.53 ? 7   DA  A C4    1 
ATOM   146 P P     . DC  A 1 8  ? 11.360  -11.791 1.248   1.00 166.81 ? 8   DC  A P     1 
ATOM   147 O OP1   . DC  A 1 8  ? 11.605  -12.450 -0.051  1.00 166.38 ? 8   DC  A OP1   1 
ATOM   148 O OP2   . DC  A 1 8  ? 11.147  -10.324 1.278   1.00 148.84 ? 8   DC  A OP2   1 
ATOM   149 O "O5'" . DC  A 1 8  ? 10.083  -12.471 1.925   1.00 155.14 ? 8   DC  A "O5'" 1 
ATOM   150 C "C5'" . DC  A 1 8  ? 10.070  -12.709 3.328   1.00 150.81 ? 8   DC  A "C5'" 1 
ATOM   151 C "C4'" . DC  A 1 8  ? 8.869   -12.047 3.972   1.00 149.90 ? 8   DC  A "C4'" 1 
ATOM   152 O "O4'" . DC  A 1 8  ? 9.313   -11.079 4.970   1.00 147.63 ? 8   DC  A "O4'" 1 
ATOM   153 C "C3'" . DC  A 1 8  ? 7.973   -11.261 3.005   1.00 146.80 ? 8   DC  A "C3'" 1 
ATOM   154 O "O3'" . DC  A 1 8  ? 6.610   -11.458 3.355   1.00 149.86 ? 8   DC  A "O3'" 1 
ATOM   155 C "C2'" . DC  A 1 8  ? 8.401   -9.824  3.268   1.00 142.11 ? 8   DC  A "C2'" 1 
ATOM   156 C "C1'" . DC  A 1 8  ? 8.587   -9.893  4.765   1.00 139.64 ? 8   DC  A "C1'" 1 
ATOM   157 N N1    . DC  A 1 8  ? 9.312   -8.732  5.337   1.00 133.21 ? 8   DC  A N1    1 
ATOM   158 C C2    . DC  A 1 8  ? 8.795   -8.112  6.470   1.00 128.93 ? 8   DC  A C2    1 
ATOM   159 O O2    . DC  A 1 8  ? 7.764   -8.573  6.971   1.00 126.29 ? 8   DC  A O2    1 
ATOM   160 N N3    . DC  A 1 8  ? 9.436   -7.033  6.983   1.00 122.79 ? 8   DC  A N3    1 
ATOM   161 C C4    . DC  A 1 8  ? 10.545  -6.578  6.395   1.00 126.06 ? 8   DC  A C4    1 
ATOM   162 N N4    . DC  A 1 8  ? 11.151  -5.514  6.935   1.00 123.22 ? 8   DC  A N4    1 
ATOM   163 C C5    . DC  A 1 8  ? 11.083  -7.195  5.227   1.00 129.32 ? 8   DC  A C5    1 
ATOM   164 C C6    . DC  A 1 8  ? 10.432  -8.253  4.731   1.00 131.91 ? 8   DC  A C6    1 
ATOM   165 P P     . DC  A 1 9  ? 5.429   -10.870 2.432   1.00 165.97 ? 9   DC  A P     1 
ATOM   166 O OP1   . DC  A 1 9  ? 4.769   -12.032 1.799   1.00 163.46 ? 9   DC  A OP1   1 
ATOM   167 O OP2   . DC  A 1 9  ? 5.945   -9.771  1.582   1.00 149.37 ? 9   DC  A OP2   1 
ATOM   168 O "O5'" . DC  A 1 9  ? 4.408   -10.235 3.482   1.00 138.64 ? 9   DC  A "O5'" 1 
ATOM   169 C "C5'" . DC  A 1 9  ? 3.737   -11.073 4.405   1.00 133.92 ? 9   DC  A "C5'" 1 
ATOM   170 C "C4'" . DC  A 1 9  ? 3.225   -10.270 5.584   1.00 133.99 ? 9   DC  A "C4'" 1 
ATOM   171 O "O4'" . DC  A 1 9  ? 4.276   -9.390  6.069   1.00 131.53 ? 9   DC  A "O4'" 1 
ATOM   172 C "C3'" . DC  A 1 9  ? 2.014   -9.381  5.287   1.00 126.65 ? 9   DC  A "C3'" 1 
ATOM   173 O "O3'" . DC  A 1 9  ? 0.945   -9.701  6.201   1.00 128.61 ? 9   DC  A "O3'" 1 
ATOM   174 C "C2'" . DC  A 1 9  ? 2.551   -7.952  5.466   1.00 126.27 ? 9   DC  A "C2'" 1 
ATOM   175 C "C1'" . DC  A 1 9  ? 3.716   -8.150  6.426   1.00 125.25 ? 9   DC  A "C1'" 1 
ATOM   176 N N1    . DC  A 1 9  ? 4.777   -7.091  6.297   1.00 117.06 ? 9   DC  A N1    1 
ATOM   177 C C2    . DC  A 1 9  ? 4.827   -6.013  7.206   1.00 104.65 ? 9   DC  A C2    1 
ATOM   178 O O2    . DC  A 1 9  ? 3.993   -5.950  8.121   1.00 106.02 ? 9   DC  A O2    1 
ATOM   179 N N3    . DC  A 1 9  ? 5.796   -5.069  7.050   1.00 99.10  ? 9   DC  A N3    1 
ATOM   180 C C4    . DC  A 1 9  ? 6.675   -5.174  6.049   1.00 98.76  ? 9   DC  A C4    1 
ATOM   181 N N4    . DC  A 1 9  ? 7.613   -4.231  5.927   1.00 94.60  ? 9   DC  A N4    1 
ATOM   182 C C5    . DC  A 1 9  ? 6.631   -6.253  5.121   1.00 111.88 ? 9   DC  A C5    1 
ATOM   183 C C6    . DC  A 1 9  ? 5.680   -7.177  5.280   1.00 119.56 ? 9   DC  A C6    1 
ATOM   184 P P     . DT  A 1 10 ? -0.159  -8.610  6.633   1.00 150.75 ? 10  DT  A P     1 
ATOM   185 O OP1   . DT  A 1 10 ? -1.236  -9.331  7.352   1.00 139.95 ? 10  DT  A OP1   1 
ATOM   186 O OP2   . DT  A 1 10 ? -0.512  -7.790  5.449   1.00 136.97 ? 10  DT  A OP2   1 
ATOM   187 O "O5'" . DT  A 1 10 ? 0.612   -7.691  7.695   1.00 143.67 ? 10  DT  A "O5'" 1 
ATOM   188 C "C5'" . DT  A 1 10 ? 0.047   -7.432  8.972   1.00 140.93 ? 10  DT  A "C5'" 1 
ATOM   189 C "C4'" . DT  A 1 10 ? -0.516  -6.025  9.027   1.00 126.16 ? 10  DT  A "C4'" 1 
ATOM   190 O "O4'" . DT  A 1 10 ? 0.551   -5.063  8.800   1.00 116.28 ? 10  DT  A "O4'" 1 
ATOM   191 C "C3'" . DT  A 1 10 ? -1.579  -5.729  7.971   1.00 120.49 ? 10  DT  A "C3'" 1 
ATOM   192 O "O3'" . DT  A 1 10 ? -2.642  -5.004  8.549   1.00 126.85 ? 10  DT  A "O3'" 1 
ATOM   193 C "C2'" . DT  A 1 10 ? -0.824  -4.891  6.943   1.00 114.05 ? 10  DT  A "C2'" 1 
ATOM   194 C "C1'" . DT  A 1 10 ? 0.117   -4.122  7.846   1.00 110.02 ? 10  DT  A "C1'" 1 
ATOM   195 N N1    . DT  A 1 10 ? 1.305   -3.561  7.141   1.00 96.10  ? 10  DT  A N1    1 
ATOM   196 C C2    . DT  A 1 10 ? 1.832   -2.359  7.561   1.00 88.67  ? 10  DT  A C2    1 
ATOM   197 O O2    . DT  A 1 10 ? 1.382   -1.723  8.499   1.00 85.03  ? 10  DT  A O2    1 
ATOM   198 N N3    . DT  A 1 10 ? 2.917   -1.927  6.844   1.00 88.67  ? 10  DT  A N3    1 
ATOM   199 C C4    . DT  A 1 10 ? 3.514   -2.557  5.768   1.00 93.19  ? 10  DT  A C4    1 
ATOM   200 O O4    . DT  A 1 10 ? 4.492   -2.083  5.187   1.00 84.16  ? 10  DT  A O4    1 
ATOM   201 C C5    . DT  A 1 10 ? 2.907   -3.812  5.374   1.00 102.98 ? 10  DT  A C5    1 
ATOM   202 C C7    . DT  A 1 10 ? 3.463   -4.592  4.220   1.00 110.26 ? 10  DT  A C7    1 
ATOM   203 C C6    . DT  A 1 10 ? 1.843   -4.247  6.072   1.00 99.60  ? 10  DT  A C6    1 
ATOM   204 P P     . DG  A 1 11 ? -4.148  -5.295  8.079   1.00 147.33 ? 11  DG  A P     1 
ATOM   205 O OP1   . DG  A 1 11 ? -4.432  -6.714  8.407   1.00 142.16 ? 11  DG  A OP1   1 
ATOM   206 O OP2   . DG  A 1 11 ? -4.272  -4.820  6.675   1.00 122.44 ? 11  DG  A OP2   1 
ATOM   207 O "O5'" . DG  A 1 11 ? -5.038  -4.361  9.031   1.00 132.03 ? 11  DG  A "O5'" 1 
ATOM   208 C "C5'" . DG  A 1 11 ? -4.409  -3.476  9.952   1.00 120.20 ? 11  DG  A "C5'" 1 
ATOM   209 C "C4'" . DG  A 1 11 ? -4.502  -2.036  9.473   1.00 119.38 ? 11  DG  A "C4'" 1 
ATOM   210 O "O4'" . DG  A 1 11 ? -3.283  -1.664  8.768   1.00 112.95 ? 11  DG  A "O4'" 1 
ATOM   211 C "C3'" . DG  A 1 11 ? -5.653  -1.735  8.504   1.00 114.17 ? 11  DG  A "C3'" 1 
ATOM   212 O "O3'" . DG  A 1 11 ? -6.211  -0.466  8.822   1.00 112.99 ? 11  DG  A "O3'" 1 
ATOM   213 C "C2'" . DG  A 1 11 ? -4.943  -1.699  7.153   1.00 104.76 ? 11  DG  A "C2'" 1 
ATOM   214 C "C1'" . DG  A 1 11 ? -3.645  -1.034  7.562   1.00 105.09 ? 11  DG  A "C1'" 1 
ATOM   215 N N9    . DG  A 1 11 ? -2.559  -1.176  6.599   1.00 95.81  ? 11  DG  A N9    1 
ATOM   216 C C8    . DG  A 1 11 ? -2.335  -2.219  5.734   1.00 99.39  ? 11  DG  A C8    1 
ATOM   217 N N7    . DG  A 1 11 ? -1.273  -2.058  4.989   1.00 86.05  ? 11  DG  A N7    1 
ATOM   218 C C5    . DG  A 1 11 ? -0.770  -0.824  5.384   1.00 91.46  ? 11  DG  A C5    1 
ATOM   219 C C6    . DG  A 1 11 ? 0.370   -0.113  4.933   1.00 89.99  ? 11  DG  A C6    1 
ATOM   220 O O6    . DG  A 1 11 ? 1.189   -0.443  4.062   1.00 88.65  ? 11  DG  A O6    1 
ATOM   221 N N1    . DG  A 1 11 ? 0.518   1.100   5.605   1.00 80.82  ? 11  DG  A N1    1 
ATOM   222 C C2    . DG  A 1 11 ? -0.329  1.562   6.586   1.00 88.38  ? 11  DG  A C2    1 
ATOM   223 N N2    . DG  A 1 11 ? -0.035  2.754   7.120   1.00 86.20  ? 11  DG  A N2    1 
ATOM   224 N N3    . DG  A 1 11 ? -1.399  0.905   7.015   1.00 92.66  ? 11  DG  A N3    1 
ATOM   225 C C4    . DG  A 1 11 ? -1.555  -0.273  6.373   1.00 92.26  ? 11  DG  A C4    1 
ATOM   226 P P     . DA  A 1 12 ? -7.518  0.070   8.056   1.00 123.12 ? 12  DA  A P     1 
ATOM   227 O OP1   . DA  A 1 12 ? -8.622  -0.844  8.426   1.00 128.96 ? 12  DA  A OP1   1 
ATOM   228 O OP2   . DA  A 1 12 ? -7.185  0.303   6.627   1.00 108.21 ? 12  DA  A OP2   1 
ATOM   229 O "O5'" . DA  A 1 12 ? -7.796  1.496   8.730   1.00 113.41 ? 12  DA  A "O5'" 1 
ATOM   230 C "C5'" . DA  A 1 12 ? -6.788  2.124   9.512   1.00 106.62 ? 12  DA  A "C5'" 1 
ATOM   231 C "C4'" . DA  A 1 12 ? -6.130  3.271   8.754   1.00 111.29 ? 12  DA  A "C4'" 1 
ATOM   232 O "O4'" . DA  A 1 12 ? -5.060  2.774   7.915   1.00 110.33 ? 12  DA  A "O4'" 1 
ATOM   233 C "C3'" . DA  A 1 12 ? -7.052  4.079   7.838   1.00 104.79 ? 12  DA  A "C3'" 1 
ATOM   234 O "O3'" . DA  A 1 12 ? -7.051  5.436   8.255   1.00 106.65 ? 12  DA  A "O3'" 1 
ATOM   235 C "C2'" . DA  A 1 12 ? -6.441  3.910   6.434   1.00 97.79  ? 12  DA  A "C2'" 1 
ATOM   236 C "C1'" . DA  A 1 12 ? -4.998  3.551   6.749   1.00 99.68  ? 12  DA  A "C1'" 1 
ATOM   237 N N9    . DA  A 1 12 ? -4.337  2.754   5.714   1.00 96.32  ? 12  DA  A N9    1 
ATOM   238 C C8    . DA  A 1 12 ? -4.657  1.480   5.328   1.00 96.93  ? 12  DA  A C8    1 
ATOM   239 N N7    . DA  A 1 12 ? -3.877  0.999   4.386   1.00 92.56  ? 12  DA  A N7    1 
ATOM   240 C C5    . DA  A 1 12 ? -2.977  2.023   4.143   1.00 89.70  ? 12  DA  A C5    1 
ATOM   241 C C6    . DA  A 1 12 ? -1.891  2.137   3.248   1.00 90.06  ? 12  DA  A C6    1 
ATOM   242 N N6    . DA  A 1 12 ? -1.531  1.164   2.407   1.00 87.91  ? 12  DA  A N6    1 
ATOM   243 N N1    . DA  A 1 12 ? -1.191  3.294   3.251   1.00 91.92  ? 12  DA  A N1    1 
ATOM   244 C C2    . DA  A 1 12 ? -1.562  4.266   4.101   1.00 95.44  ? 12  DA  A C2    1 
ATOM   245 N N3    . DA  A 1 12 ? -2.568  4.275   4.985   1.00 90.86  ? 12  DA  A N3    1 
ATOM   246 C C4    . DA  A 1 12 ? -3.240  3.111   4.957   1.00 92.20  ? 12  DA  A C4    1 
ATOM   247 P P     . DC  A 1 13 ? -8.060  6.491   7.590   1.00 119.82 ? 13  DC  A P     1 
ATOM   248 O OP1   . DC  A 1 13 ? -8.255  7.594   8.561   1.00 113.25 ? 13  DC  A OP1   1 
ATOM   249 O OP2   . DC  A 1 13 ? -9.221  5.729   7.070   1.00 120.79 ? 13  DC  A OP2   1 
ATOM   250 O "O5'" . DC  A 1 13 ? -7.225  7.077   6.360   1.00 107.13 ? 13  DC  A "O5'" 1 
ATOM   251 C "C5'" . DC  A 1 13 ? -5.979  7.689   6.615   1.00 108.36 ? 13  DC  A "C5'" 1 
ATOM   252 C "C4'" . DC  A 1 13 ? -5.191  7.913   5.339   1.00 108.68 ? 13  DC  A "C4'" 1 
ATOM   253 O "O4'" . DC  A 1 13 ? -4.801  6.661   4.764   1.00 104.58 ? 13  DC  A "O4'" 1 
ATOM   254 C "C3'" . DC  A 1 13 ? -5.935  8.636   4.226   1.00 105.47 ? 13  DC  A "C3'" 1 
ATOM   255 O "O3'" . DC  A 1 13 ? -5.599  10.010  4.253   1.00 118.11 ? 13  DC  A "O3'" 1 
ATOM   256 C "C2'" . DC  A 1 13 ? -5.438  7.954   2.935   1.00 101.96 ? 13  DC  A "C2'" 1 
ATOM   257 C "C1'" . DC  A 1 13 ? -4.437  6.920   3.437   1.00 94.43  ? 13  DC  A "C1'" 1 
ATOM   258 N N1    . DC  A 1 13 ? -4.437  5.630   2.684   1.00 87.65  ? 13  DC  A N1    1 
ATOM   259 C C2    . DC  A 1 13 ? -3.466  5.402   1.700   1.00 92.21  ? 13  DC  A C2    1 
ATOM   260 O O2    . DC  A 1 13 ? -2.638  6.288   1.454   1.00 96.39  ? 13  DC  A O2    1 
ATOM   261 N N3    . DC  A 1 13 ? -3.464  4.217   1.042   1.00 88.54  ? 13  DC  A N3    1 
ATOM   262 C C4    . DC  A 1 13 ? -4.371  3.288   1.342   1.00 88.29  ? 13  DC  A C4    1 
ATOM   263 N N4    . DC  A 1 13 ? -4.332  2.133   0.670   1.00 87.81  ? 13  DC  A N4    1 
ATOM   264 C C5    . DC  A 1 13 ? -5.364  3.502   2.343   1.00 89.00  ? 13  DC  A C5    1 
ATOM   265 C C6    . DC  A 1 13 ? -5.356  4.672   2.985   1.00 87.07  ? 13  DC  A C6    1 
ATOM   266 P P     . DG  A 1 14 ? -6.488  11.080  3.450   1.00 133.07 ? 14  DG  A P     1 
ATOM   267 O OP1   . DG  A 1 14 ? -6.514  12.319  4.267   1.00 116.50 ? 14  DG  A OP1   1 
ATOM   268 O OP2   . DG  A 1 14 ? -7.753  10.418  3.035   1.00 114.99 ? 14  DG  A OP2   1 
ATOM   269 O "O5'" . DG  A 1 14 ? -5.631  11.355  2.134   1.00 107.73 ? 14  DG  A "O5'" 1 
ATOM   270 C "C5'" . DG  A 1 14 ? -4.247  11.585  2.243   1.00 103.10 ? 14  DG  A "C5'" 1 
ATOM   271 C "C4'" . DG  A 1 14 ? -3.593  11.494  0.885   1.00 108.67 ? 14  DG  A "C4'" 1 
ATOM   272 O "O4'" . DG  A 1 14 ? -3.460  10.101  0.500   1.00 106.53 ? 14  DG  A "O4'" 1 
ATOM   273 C "C3'" . DG  A 1 14 ? -4.369  12.178  -0.234  1.00 112.53 ? 14  DG  A "C3'" 1 
ATOM   274 O "O3'" . DG  A 1 14 ? -3.481  12.928  -1.054  1.00 120.76 ? 14  DG  A "O3'" 1 
ATOM   275 C "C2'" . DG  A 1 14 ? -5.004  11.012  -0.991  1.00 110.57 ? 14  DG  A "C2'" 1 
ATOM   276 C "C1'" . DG  A 1 14 ? -3.977  9.910   -0.794  1.00 101.62 ? 14  DG  A "C1'" 1 
ATOM   277 N N9    . DG  A 1 14 ? -4.553  8.571   -0.857  1.00 95.16  ? 14  DG  A N9    1 
ATOM   278 C C8    . DG  A 1 14 ? -5.687  8.134   -0.218  1.00 92.41  ? 14  DG  A C8    1 
ATOM   279 N N7    . DG  A 1 14 ? -5.967  6.885   -0.447  1.00 87.32  ? 14  DG  A N7    1 
ATOM   280 C C5    . DG  A 1 14 ? -4.960  6.464   -1.306  1.00 93.96  ? 14  DG  A C5    1 
ATOM   281 C C6    . DG  A 1 14 ? -4.745  5.200   -1.899  1.00 95.26  ? 14  DG  A C6    1 
ATOM   282 O O6    . DG  A 1 14 ? -5.430  4.175   -1.776  1.00 92.73  ? 14  DG  A O6    1 
ATOM   283 N N1    . DG  A 1 14 ? -3.607  5.194   -2.705  1.00 88.95  ? 14  DG  A N1    1 
ATOM   284 C C2    . DG  A 1 14 ? -2.785  6.277   -2.912  1.00 87.79  ? 14  DG  A C2    1 
ATOM   285 N N2    . DG  A 1 14 ? -1.737  6.084   -3.721  1.00 92.53  ? 14  DG  A N2    1 
ATOM   286 N N3    . DG  A 1 14 ? -2.974  7.472   -2.357  1.00 86.79  ? 14  DG  A N3    1 
ATOM   287 C C4    . DG  A 1 14 ? -4.078  7.491   -1.570  1.00 91.16  ? 14  DG  A C4    1 
ATOM   288 P P     . DG  A 1 15 ? -4.059  13.923  -2.177  1.00 128.36 ? 15  DG  A P     1 
ATOM   289 O OP1   . DG  A 1 15 ? -3.362  15.222  -2.030  1.00 127.98 ? 15  DG  A OP1   1 
ATOM   290 O OP2   . DG  A 1 15 ? -5.543  13.884  -2.117  1.00 118.36 ? 15  DG  A OP2   1 
ATOM   291 O "O5'" . DG  A 1 15 ? -3.582  13.242  -3.541  1.00 103.83 ? 15  DG  A "O5'" 1 
ATOM   292 C "C5'" . DG  A 1 15 ? -2.243  12.795  -3.659  1.00 110.35 ? 15  DG  A "C5'" 1 
ATOM   293 C "C4'" . DG  A 1 15 ? -2.110  11.777  -4.773  1.00 116.22 ? 15  DG  A "C4'" 1 
ATOM   294 O "O4'" . DG  A 1 15 ? -2.699  10.510  -4.363  1.00 111.95 ? 15  DG  A "O4'" 1 
ATOM   295 C "C3'" . DG  A 1 15 ? -2.805  12.156  -6.081  1.00 113.78 ? 15  DG  A "C3'" 1 
ATOM   296 O "O3'" . DG  A 1 15 ? -1.968  11.822  -7.164  1.00 116.94 ? 15  DG  A "O3'" 1 
ATOM   297 C "C2'" . DG  A 1 15 ? -4.050  11.279  -6.063  1.00 109.75 ? 15  DG  A "C2'" 1 
ATOM   298 C "C1'" . DG  A 1 15 ? -3.487  10.030  -5.421  1.00 103.18 ? 15  DG  A "C1'" 1 
ATOM   299 N N9    . DG  A 1 15 ? -4.511  9.142   -4.892  1.00 99.83  ? 15  DG  A N9    1 
ATOM   300 C C8    . DG  A 1 15 ? -5.476  9.451   -3.963  1.00 99.87  ? 15  DG  A C8    1 
ATOM   301 N N7    . DG  A 1 15 ? -6.268  8.452   -3.688  1.00 100.39 ? 15  DG  A N7    1 
ATOM   302 C C5    . DG  A 1 15 ? -5.801  7.417   -4.493  1.00 94.50  ? 15  DG  A C5    1 
ATOM   303 C C6    . DG  A 1 15 ? -6.264  6.096   -4.623  1.00 85.30  ? 15  DG  A C6    1 
ATOM   304 O O6    . DG  A 1 15 ? -7.207  5.563   -4.030  1.00 85.17  ? 15  DG  A O6    1 
ATOM   305 N N1    . DG  A 1 15 ? -5.512  5.371   -5.545  1.00 83.71  ? 15  DG  A N1    1 
ATOM   306 C C2    . DG  A 1 15 ? -4.441  5.866   -6.251  1.00 89.73  ? 15  DG  A C2    1 
ATOM   307 N N2    . DG  A 1 15 ? -3.835  5.022   -7.103  1.00 92.95  ? 15  DG  A N2    1 
ATOM   308 N N3    . DG  A 1 15 ? -3.996  7.110   -6.136  1.00 91.20  ? 15  DG  A N3    1 
ATOM   309 C C4    . DG  A 1 15 ? -4.722  7.826   -5.241  1.00 95.41  ? 15  DG  A C4    1 
ATOM   310 P P     . DA  A 1 16 ? -2.335  12.290  -8.655  1.00 125.63 ? 16  DA  A P     1 
ATOM   311 O OP1   . DA  A 1 16 ? -2.108  13.753  -8.712  1.00 133.07 ? 16  DA  A OP1   1 
ATOM   312 O OP2   . DA  A 1 16 ? -3.661  11.749  -9.029  1.00 109.05 ? 16  DA  A OP2   1 
ATOM   313 O "O5'" . DA  A 1 16 ? -1.251  11.520  -9.541  1.00 116.29 ? 16  DA  A "O5'" 1 
ATOM   314 C "C5'" . DA  A 1 16 ? -0.725  10.280  -9.077  1.00 114.17 ? 16  DA  A "C5'" 1 
ATOM   315 C "C4'" . DA  A 1 16 ? -1.112  9.142   -10.005 1.00 116.74 ? 16  DA  A "C4'" 1 
ATOM   316 O "O4'" . DA  A 1 16 ? -2.136  8.312   -9.390  1.00 114.51 ? 16  DA  A "O4'" 1 
ATOM   317 C "C3'" . DA  A 1 16 ? -1.666  9.567   -11.358 1.00 113.22 ? 16  DA  A "C3'" 1 
ATOM   318 O "O3'" . DA  A 1 16 ? -1.135  8.719   -12.353 1.00 117.53 ? 16  DA  A "O3'" 1 
ATOM   319 C "C2'" . DA  A 1 16 ? -3.178  9.375   -11.192 1.00 105.47 ? 16  DA  A "C2'" 1 
ATOM   320 C "C1'" . DA  A 1 16 ? -3.234  8.169   -10.268 1.00 103.88 ? 16  DA  A "C1'" 1 
ATOM   321 N N9    . DA  A 1 16 ? -4.451  8.085   -9.453  1.00 103.51 ? 16  DA  A N9    1 
ATOM   322 C C8    . DA  A 1 16 ? -4.984  9.064   -8.656  1.00 102.64 ? 16  DA  A C8    1 
ATOM   323 N N7    . DA  A 1 16 ? -6.075  8.697   -8.016  1.00 95.02  ? 16  DA  A N7    1 
ATOM   324 C C5    . DA  A 1 16 ? -6.265  7.384   -8.409  1.00 97.91  ? 16  DA  A C5    1 
ATOM   325 C C6    . DA  A 1 16 ? -7.247  6.427   -8.077  1.00 92.96  ? 16  DA  A C6    1 
ATOM   326 N N6    . DA  A 1 16 ? -8.260  6.672   -7.240  1.00 98.63  ? 16  DA  A N6    1 
ATOM   327 N N1    . DA  A 1 16 ? -7.147  5.206   -8.642  1.00 85.55  ? 16  DA  A N1    1 
ATOM   328 C C2    . DA  A 1 16 ? -6.131  4.963   -9.480  1.00 90.49  ? 16  DA  A C2    1 
ATOM   329 N N3    . DA  A 1 16 ? -5.145  5.776   -9.865  1.00 99.17  ? 16  DA  A N3    1 
ATOM   330 C C4    . DA  A 1 16 ? -5.270  6.984   -9.289  1.00 102.48 ? 16  DA  A C4    1 
ATOM   331 P P     . DA  A 1 17 ? -1.292  9.088   -13.905 1.00 125.52 ? 17  DA  A P     1 
ATOM   332 O OP1   . DA  A 1 17 ? 0.046   8.959   -14.531 1.00 119.55 ? 17  DA  A OP1   1 
ATOM   333 O OP2   . DA  A 1 17 ? -2.063  10.353  -13.995 1.00 119.35 ? 17  DA  A OP2   1 
ATOM   334 O "O5'" . DA  A 1 17 ? -2.201  7.910   -14.470 1.00 110.94 ? 17  DA  A "O5'" 1 
ATOM   335 C "C5'" . DA  A 1 17 ? -1.806  6.571   -14.264 1.00 105.81 ? 17  DA  A "C5'" 1 
ATOM   336 C "C4'" . DA  A 1 17 ? -2.982  5.638   -14.433 1.00 104.71 ? 17  DA  A "C4'" 1 
ATOM   337 O "O4'" . DA  A 1 17 ? -3.953  5.877   -13.381 1.00 105.81 ? 17  DA  A "O4'" 1 
ATOM   338 C "C3'" . DA  A 1 17 ? -3.752  5.802   -15.741 1.00 108.43 ? 17  DA  A "C3'" 1 
ATOM   339 O "O3'" . DA  A 1 17 ? -4.165  4.536   -16.183 1.00 103.73 ? 17  DA  A "O3'" 1 
ATOM   340 C "C2'" . DA  A 1 17 ? -4.950  6.649   -15.316 1.00 106.36 ? 17  DA  A "C2'" 1 
ATOM   341 C "C1'" . DA  A 1 17 ? -5.224  6.023   -13.969 1.00 102.27 ? 17  DA  A "C1'" 1 
ATOM   342 N N9    . DA  A 1 17 ? -6.059  6.809   -13.075 1.00 99.94  ? 17  DA  A N9    1 
ATOM   343 C C8    . DA  A 1 17 ? -5.879  8.108   -12.690 1.00 103.95 ? 17  DA  A C8    1 
ATOM   344 N N7    . DA  A 1 17 ? -6.790  8.536   -11.842 1.00 104.60 ? 17  DA  A N7    1 
ATOM   345 C C5    . DA  A 1 17 ? -7.612  7.436   -11.656 1.00 100.23 ? 17  DA  A C5    1 
ATOM   346 C C6    . DA  A 1 17 ? -8.766  7.228   -10.872 1.00 97.12  ? 17  DA  A C6    1 
ATOM   347 N N6    . DA  A 1 17 ? -9.313  8.169   -10.095 1.00 96.50  ? 17  DA  A N6    1 
ATOM   348 N N1    . DA  A 1 17 ? -9.342  6.008   -10.922 1.00 94.66  ? 17  DA  A N1    1 
ATOM   349 C C2    . DA  A 1 17 ? -8.793  5.067   -11.696 1.00 93.35  ? 17  DA  A C2    1 
ATOM   350 N N3    . DA  A 1 17 ? -7.716  5.143   -12.472 1.00 97.03  ? 17  DA  A N3    1 
ATOM   351 C C4    . DA  A 1 17 ? -7.168  6.365   -12.405 1.00 99.18  ? 17  DA  A C4    1 
ATOM   352 P P     . DA  A 1 18 ? -4.050  4.144   -17.731 1.00 119.97 ? 18  DA  A P     1 
ATOM   353 O OP1   . DA  A 1 18 ? -2.974  3.127   -17.821 1.00 107.08 ? 18  DA  A OP1   1 
ATOM   354 O OP2   . DA  A 1 18 ? -3.973  5.400   -18.518 1.00 111.88 ? 18  DA  A OP2   1 
ATOM   355 O "O5'" . DA  A 1 18 ? -5.454  3.444   -18.043 1.00 105.63 ? 18  DA  A "O5'" 1 
ATOM   356 C "C5'" . DA  A 1 18 ? -5.775  2.225   -17.402 1.00 101.17 ? 18  DA  A "C5'" 1 
ATOM   357 C "C4'" . DA  A 1 18 ? -7.213  2.212   -16.916 1.00 93.28  ? 18  DA  A "C4'" 1 
ATOM   358 O "O4'" . DA  A 1 18 ? -7.472  3.347   -16.073 1.00 88.85  ? 18  DA  A "O4'" 1 
ATOM   359 C "C3'" . DA  A 1 18 ? -8.272  2.260   -18.011 1.00 92.65  ? 18  DA  A "C3'" 1 
ATOM   360 O "O3'" . DA  A 1 18 ? -8.964  1.043   -18.014 1.00 88.57  ? 18  DA  A "O3'" 1 
ATOM   361 C "C2'" . DA  A 1 18 ? -9.186  3.450   -17.625 1.00 90.68  ? 18  DA  A "C2'" 1 
ATOM   362 C "C1'" . DA  A 1 18 ? -8.838  3.642   -16.163 1.00 88.76  ? 18  DA  A "C1'" 1 
ATOM   363 N N9    . DA  A 1 18 ? -9.035  4.986   -15.617 1.00 95.84  ? 18  DA  A N9    1 
ATOM   364 C C8    . DA  A 1 18 ? -8.230  6.080   -15.791 1.00 97.72  ? 18  DA  A C8    1 
ATOM   365 N N7    . DA  A 1 18 ? -8.625  7.142   -15.121 1.00 91.97  ? 18  DA  A N7    1 
ATOM   366 C C5    . DA  A 1 18 ? -9.750  6.705   -14.444 1.00 93.42  ? 18  DA  A C5    1 
ATOM   367 C C6    . DA  A 1 18 ? -10.637 7.348   -13.554 1.00 98.27  ? 18  DA  A C6    1 
ATOM   368 N N6    . DA  A 1 18 ? -10.518 8.629   -13.184 1.00 101.37 ? 18  DA  A N6    1 
ATOM   369 N N1    . DA  A 1 18 ? -11.658 6.621   -13.056 1.00 98.64  ? 18  DA  A N1    1 
ATOM   370 C C2    . DA  A 1 18 ? -11.776 5.340   -13.423 1.00 97.58  ? 18  DA  A C2    1 
ATOM   371 N N3    . DA  A 1 18 ? -11.012 4.630   -14.251 1.00 96.00  ? 18  DA  A N3    1 
ATOM   372 C C4    . DA  A 1 18 ? -10.008 5.376   -14.730 1.00 95.80  ? 18  DA  A C4    1 
ATOM   373 P P     . DT  A 1 19 ? -9.820  0.612   -19.296 1.00 106.64 ? 19  DT  A P     1 
ATOM   374 O OP1   . DT  A 1 19 ? -9.743  -0.863  -19.409 1.00 97.04  ? 19  DT  A OP1   1 
ATOM   375 O OP2   . DT  A 1 19 ? -9.389  1.460   -20.436 1.00 107.58 ? 19  DT  A OP2   1 
ATOM   376 O "O5'" . DT  A 1 19 ? -11.305 0.993   -18.863 1.00 90.99  ? 19  DT  A "O5'" 1 
ATOM   377 C "C5'" . DT  A 1 19 ? -11.783 0.511   -17.643 1.00 90.12  ? 19  DT  A "C5'" 1 
ATOM   378 C "C4'" . DT  A 1 19 ? -12.937 1.339   -17.144 1.00 95.37  ? 19  DT  A "C4'" 1 
ATOM   379 O "O4'" . DT  A 1 19 ? -12.508 2.662   -16.782 1.00 99.87  ? 19  DT  A "O4'" 1 
ATOM   380 C "C3'" . DT  A 1 19 ? -14.080 1.532   -18.133 1.00 95.84  ? 19  DT  A "C3'" 1 
ATOM   381 O "O3'" . DT  A 1 19 ? -15.201 0.869   -17.613 1.00 101.38 ? 19  DT  A "O3'" 1 
ATOM   382 C "C2'" . DT  A 1 19 ? -14.284 3.067   -18.178 1.00 97.97  ? 19  DT  A "C2'" 1 
ATOM   383 C "C1'" . DT  A 1 19 ? -13.633 3.488   -16.874 1.00 98.20  ? 19  DT  A "C1'" 1 
ATOM   384 N N1    . DT  A 1 19 ? -13.172 4.911   -16.779 1.00 99.10  ? 19  DT  A N1    1 
ATOM   385 C C2    . DT  A 1 19 ? -13.801 5.767   -15.898 1.00 98.55  ? 19  DT  A C2    1 
ATOM   386 O O2    . DT  A 1 19 ? -14.758 5.445   -15.218 1.00 101.30 ? 19  DT  A O2    1 
ATOM   387 N N3    . DT  A 1 19 ? -13.269 7.028   -15.852 1.00 93.43  ? 19  DT  A N3    1 
ATOM   388 C C4    . DT  A 1 19 ? -12.192 7.506   -16.567 1.00 99.55  ? 19  DT  A C4    1 
ATOM   389 O O4    . DT  A 1 19 ? -11.790 8.657   -16.456 1.00 107.88 ? 19  DT  A O4    1 
ATOM   390 C C5    . DT  A 1 19 ? -11.570 6.557   -17.456 1.00 99.35  ? 19  DT  A C5    1 
ATOM   391 C C7    . DT  A 1 19 ? -10.391 6.967   -18.285 1.00 102.35 ? 19  DT  A C7    1 
ATOM   392 C C6    . DT  A 1 19 ? -12.077 5.317   -17.511 1.00 100.70 ? 19  DT  A C6    1 
ATOM   393 P P     . DT  A 1 20 ? -16.400 0.411   -18.568 1.00 113.71 ? 20  DT  A P     1 
ATOM   394 O OP1   . DT  A 1 20 ? -16.860 -0.915  -18.090 1.00 104.75 ? 20  DT  A OP1   1 
ATOM   395 O OP2   . DT  A 1 20 ? -15.954 0.605   -19.972 1.00 112.58 ? 20  DT  A OP2   1 
ATOM   396 O "O5'" . DT  A 1 20 ? -17.539 1.472   -18.224 1.00 105.64 ? 20  DT  A "O5'" 1 
ATOM   397 C "C5'" . DT  A 1 20 ? -17.787 1.798   -16.870 1.00 106.91 ? 20  DT  A "C5'" 1 
ATOM   398 C "C4'" . DT  A 1 20 ? -18.604 3.067   -16.757 1.00 110.45 ? 20  DT  A "C4'" 1 
ATOM   399 O "O4'" . DT  A 1 20 ? -17.729 4.227   -16.768 1.00 107.56 ? 20  DT  A "O4'" 1 
ATOM   400 C "C3'" . DT  A 1 20 ? -19.609 3.302   -17.884 1.00 111.92 ? 20  DT  A "C3'" 1 
ATOM   401 O "O3'" . DT  A 1 20 ? -20.753 3.903   -17.337 1.00 113.67 ? 20  DT  A "O3'" 1 
ATOM   402 C "C2'" . DT  A 1 20 ? -18.861 4.287   -18.774 1.00 114.55 ? 20  DT  A "C2'" 1 
ATOM   403 C "C1'" . DT  A 1 20 ? -18.240 5.148   -17.699 1.00 106.04 ? 20  DT  A "C1'" 1 
ATOM   404 N N1    . DT  A 1 20 ? -17.145 6.018   -18.147 1.00 98.03  ? 20  DT  A N1    1 
ATOM   405 C C2    . DT  A 1 20 ? -16.985 7.226   -17.524 1.00 102.39 ? 20  DT  A C2    1 
ATOM   406 O O2    . DT  A 1 20 ? -17.714 7.612   -16.627 1.00 101.27 ? 20  DT  A O2    1 
ATOM   407 N N3    . DT  A 1 20 ? -15.945 7.979   -17.984 1.00 104.11 ? 20  DT  A N3    1 
ATOM   408 C C4    . DT  A 1 20 ? -15.057 7.646   -18.990 1.00 105.16 ? 20  DT  A C4    1 
ATOM   409 O O4    . DT  A 1 20 ? -14.146 8.395   -19.328 1.00 104.97 ? 20  DT  A O4    1 
ATOM   410 C C5    . DT  A 1 20 ? -15.279 6.353   -19.609 1.00 102.75 ? 20  DT  A C5    1 
ATOM   411 C C7    . DT  A 1 20 ? -14.379 5.878   -20.710 1.00 102.62 ? 20  DT  A C7    1 
ATOM   412 C C6    . DT  A 1 20 ? -16.305 5.609   -19.161 1.00 94.37  ? 20  DT  A C6    1 
ATOM   413 P P     . DA  A 1 21 ? -22.189 3.208   -17.476 1.00 127.02 ? 21  DA  A P     1 
ATOM   414 O OP1   . DA  A 1 21 ? -22.063 1.784   -17.075 1.00 111.90 ? 21  DA  A OP1   1 
ATOM   415 O OP2   . DA  A 1 21 ? -22.682 3.562   -18.830 1.00 123.27 ? 21  DA  A OP2   1 
ATOM   416 O "O5'" . DA  A 1 21 ? -23.070 3.987   -16.388 1.00 122.41 ? 21  DA  A "O5'" 1 
ATOM   417 C "C5'" . DA  A 1 21 ? -22.448 4.957   -15.542 1.00 120.52 ? 21  DA  A "C5'" 1 
ATOM   418 C "C4'" . DA  A 1 21 ? -23.193 6.281   -15.590 1.00 120.57 ? 21  DA  A "C4'" 1 
ATOM   419 O "O4'" . DA  A 1 21 ? -22.339 7.310   -16.161 1.00 116.70 ? 21  DA  A "O4'" 1 
ATOM   420 C "C3'" . DA  A 1 21 ? -24.447 6.276   -16.443 1.00 129.90 ? 21  DA  A "C3'" 1 
ATOM   421 O "O3'" . DA  A 1 21 ? -25.383 7.206   -15.920 1.00 139.52 ? 21  DA  A "O3'" 1 
ATOM   422 C "C2'" . DA  A 1 21 ? -23.918 6.713   -17.807 1.00 123.61 ? 21  DA  A "C2'" 1 
ATOM   423 C "C1'" . DA  A 1 21 ? -22.841 7.720   -17.420 1.00 112.95 ? 21  DA  A "C1'" 1 
ATOM   424 N N9    . DA  A 1 21 ? -21.722 7.763   -18.354 1.00 107.35 ? 21  DA  A N9    1 
ATOM   425 C C8    . DA  A 1 21 ? -21.325 6.776   -19.215 1.00 110.15 ? 21  DA  A C8    1 
ATOM   426 N N7    . DA  A 1 21 ? -20.271 7.093   -19.934 1.00 105.30 ? 21  DA  A N7    1 
ATOM   427 C C5    . DA  A 1 21 ? -19.952 8.374   -19.510 1.00 112.12 ? 21  DA  A C5    1 
ATOM   428 C C6    . DA  A 1 21 ? -18.930 9.274   -19.882 1.00 108.59 ? 21  DA  A C6    1 
ATOM   429 N N6    . DA  A 1 21 ? -18.007 8.997   -20.808 1.00 110.16 ? 21  DA  A N6    1 
ATOM   430 N N1    . DA  A 1 21 ? -18.894 10.474  -19.263 1.00 108.25 ? 21  DA  A N1    1 
ATOM   431 C C2    . DA  A 1 21 ? -19.822 10.747  -18.335 1.00 115.55 ? 21  DA  A C2    1 
ATOM   432 N N3    . DA  A 1 21 ? -20.828 9.985   -17.903 1.00 118.57 ? 21  DA  A N3    1 
ATOM   433 C C4    . DA  A 1 21 ? -20.836 8.800   -18.535 1.00 115.49 ? 21  DA  A C4    1 
ATOM   434 P P     . DC  B 2 1  ? -5.684  -5.124  -6.618  1.00 103.69 ? 0   DC  B P     1 
ATOM   435 O OP1   . DC  B 2 1  ? -6.277  -5.373  -7.952  1.00 99.66  ? 0   DC  B OP1   1 
ATOM   436 O OP2   . DC  B 2 1  ? -4.221  -5.023  -6.450  1.00 113.70 ? 0   DC  B OP2   1 
ATOM   437 O "O5'" . DC  B 2 1  ? -6.363  -3.803  -6.039  1.00 83.81  ? 0   DC  B "O5'" 1 
ATOM   438 C "C5'" . DC  B 2 1  ? -5.770  -2.530  -6.291  1.00 103.02 ? 0   DC  B "C5'" 1 
ATOM   439 C "C4'" . DC  B 2 1  ? -5.352  -2.355  -7.757  1.00 103.30 ? 0   DC  B "C4'" 1 
ATOM   440 O "O4'" . DC  B 2 1  ? -6.247  -1.444  -8.439  1.00 89.28  ? 0   DC  B "O4'" 1 
ATOM   441 C "C3'" . DC  B 2 1  ? -3.955  -1.776  -7.936  1.00 101.72 ? 0   DC  B "C3'" 1 
ATOM   442 O "O3'" . DC  B 2 1  ? -3.205  -2.581  -8.826  1.00 98.58  ? 0   DC  B "O3'" 1 
ATOM   443 C "C2'" . DC  B 2 1  ? -4.156  -0.341  -8.468  1.00 85.29  ? 0   DC  B "C2'" 1 
ATOM   444 C "C1'" . DC  B 2 1  ? -5.670  -0.155  -8.486  1.00 83.67  ? 0   DC  B "C1'" 1 
ATOM   445 N N1    . DC  B 2 1  ? -6.256  0.682   -7.351  1.00 87.28  ? 0   DC  B N1    1 
ATOM   446 C C2    . DC  B 2 1  ? -5.775  1.976   -7.062  1.00 84.63  ? 0   DC  B C2    1 
ATOM   447 O O2    . DC  B 2 1  ? -4.832  2.445   -7.708  1.00 84.01  ? 0   DC  B O2    1 
ATOM   448 N N3    . DC  B 2 1  ? -6.365  2.674   -6.053  1.00 82.23  ? 0   DC  B N3    1 
ATOM   449 C C4    . DC  B 2 1  ? -7.384  2.145   -5.372  1.00 82.06  ? 0   DC  B C4    1 
ATOM   450 N N4    . DC  B 2 1  ? -7.940  2.863   -4.394  1.00 89.01  ? 0   DC  B N4    1 
ATOM   451 C C5    . DC  B 2 1  ? -7.884  0.856   -5.662  1.00 86.26  ? 0   DC  B C5    1 
ATOM   452 C C6    . DC  B 2 1  ? -7.313  0.180   -6.650  1.00 87.73  ? 0   DC  B C6    1 
ATOM   453 P P     . DC  B 2 2  ? -1.747  -3.090  -8.380  1.00 110.22 ? 1   DC  B P     1 
ATOM   454 O OP1   . DC  B 2 2  ? -1.092  -3.701  -9.560  1.00 115.44 ? 1   DC  B OP1   1 
ATOM   455 O OP2   . DC  B 2 2  ? -1.875  -3.866  -7.123  1.00 84.92  ? 1   DC  B OP2   1 
ATOM   456 O "O5'" . DC  B 2 2  ? -0.986  -1.737  -8.018  1.00 104.11 ? 1   DC  B "O5'" 1 
ATOM   457 C "C5'" . DC  B 2 2  ? -0.733  -0.769  -9.023  1.00 100.97 ? 1   DC  B "C5'" 1 
ATOM   458 C "C4'" . DC  B 2 2  ? 0.036   0.398   -8.445  1.00 108.96 ? 1   DC  B "C4'" 1 
ATOM   459 O "O4'" . DC  B 2 2  ? -0.882  1.281   -7.744  1.00 101.28 ? 1   DC  B "O4'" 1 
ATOM   460 C "C3'" . DC  B 2 2  ? 1.094   -0.002  -7.421  1.00 113.90 ? 1   DC  B "C3'" 1 
ATOM   461 O "O3'" . DC  B 2 2  ? 2.225   0.854   -7.508  1.00 115.77 ? 1   DC  B "O3'" 1 
ATOM   462 C "C2'" . DC  B 2 2  ? 0.363   0.183   -6.104  1.00 107.29 ? 1   DC  B "C2'" 1 
ATOM   463 C "C1'" . DC  B 2 2  ? -0.473  1.415   -6.400  1.00 101.53 ? 1   DC  B "C1'" 1 
ATOM   464 N N1    . DC  B 2 2  ? -1.664  1.492   -5.551  1.00 97.23  ? 1   DC  B N1    1 
ATOM   465 C C2    . DC  B 2 2  ? -1.980  2.690   -4.898  1.00 92.73  ? 1   DC  B C2    1 
ATOM   466 O O2    . DC  B 2 2  ? -1.257  3.678   -5.071  1.00 91.31  ? 1   DC  B O2    1 
ATOM   467 N N3    . DC  B 2 2  ? -3.081  2.730   -4.104  1.00 93.90  ? 1   DC  B N3    1 
ATOM   468 C C4    . DC  B 2 2  ? -3.832  1.633   -3.954  1.00 98.68  ? 1   DC  B C4    1 
ATOM   469 N N4    . DC  B 2 2  ? -4.909  1.708   -3.166  1.00 94.65  ? 1   DC  B N4    1 
ATOM   470 C C5    . DC  B 2 2  ? -3.512  0.405   -4.604  1.00 103.59 ? 1   DC  B C5    1 
ATOM   471 C C6    . DC  B 2 2  ? -2.429  0.379   -5.380  1.00 98.80  ? 1   DC  B C6    1 
ATOM   472 P P     . DG  B 2 3  ? 3.605   0.417   -6.810  1.00 115.77 ? 2   DG  B P     1 
ATOM   473 O OP1   . DG  B 2 3  ? 4.249   -0.552  -7.725  1.00 105.07 ? 2   DG  B OP1   1 
ATOM   474 O OP2   . DG  B 2 3  ? 3.334   0.032   -5.401  1.00 102.84 ? 2   DG  B OP2   1 
ATOM   475 O "O5'" . DG  B 2 3  ? 4.460   1.770   -6.781  1.00 122.67 ? 2   DG  B "O5'" 1 
ATOM   476 C "C5'" . DG  B 2 3  ? 3.819   3.020   -6.997  1.00 115.24 ? 2   DG  B "C5'" 1 
ATOM   477 C "C4'" . DG  B 2 3  ? 3.831   3.888   -5.742  1.00 118.70 ? 2   DG  B "C4'" 1 
ATOM   478 O "O4'" . DG  B 2 3  ? 2.593   3.719   -5.004  1.00 113.73 ? 2   DG  B "O4'" 1 
ATOM   479 C "C3'" . DG  B 2 3  ? 4.956   3.619   -4.737  1.00 122.76 ? 2   DG  B "C3'" 1 
ATOM   480 O "O3'" . DG  B 2 3  ? 5.444   4.875   -4.251  1.00 137.78 ? 2   DG  B "O3'" 1 
ATOM   481 C "C2'" . DG  B 2 3  ? 4.239   2.833   -3.637  1.00 109.20 ? 2   DG  B "C2'" 1 
ATOM   482 C "C1'" . DG  B 2 3  ? 2.893   3.527   -3.642  1.00 106.53 ? 2   DG  B "C1'" 1 
ATOM   483 N N9    . DG  B 2 3  ? 1.805   2.759   -3.054  1.00 102.81 ? 2   DG  B N9    1 
ATOM   484 C C8    . DG  B 2 3  ? 1.469   1.456   -3.325  1.00 99.59  ? 2   DG  B C8    1 
ATOM   485 N N7    . DG  B 2 3  ? 0.419   1.042   -2.668  1.00 93.61  ? 2   DG  B N7    1 
ATOM   486 C C5    . DG  B 2 3  ? 0.031   2.145   -1.922  1.00 95.53  ? 2   DG  B C5    1 
ATOM   487 C C6    . DG  B 2 3  ? -1.045  2.295   -1.017  1.00 95.61  ? 2   DG  B C6    1 
ATOM   488 O O6    . DG  B 2 3  ? -1.889  1.453   -0.687  1.00 95.79  ? 2   DG  B O6    1 
ATOM   489 N N1    . DG  B 2 3  ? -1.083  3.577   -0.469  1.00 94.33  ? 2   DG  B N1    1 
ATOM   490 C C2    . DG  B 2 3  ? -0.193  4.587   -0.765  1.00 95.03  ? 2   DG  B C2    1 
ATOM   491 N N2    . DG  B 2 3  ? -0.388  5.755   -0.140  1.00 96.12  ? 2   DG  B N2    1 
ATOM   492 N N3    . DG  B 2 3  ? 0.823   4.457   -1.614  1.00 88.37  ? 2   DG  B N3    1 
ATOM   493 C C4    . DG  B 2 3  ? 0.870   3.214   -2.153  1.00 97.84  ? 2   DG  B C4    1 
ATOM   494 P P     . DT  B 2 4  ? 6.672   4.958   -3.214  1.00 149.96 ? 3   DT  B P     1 
ATOM   495 O OP1   . DT  B 2 4  ? 7.198   6.343   -3.278  1.00 123.68 ? 3   DT  B OP1   1 
ATOM   496 O OP2   . DT  B 2 4  ? 7.589   3.815   -3.442  1.00 140.47 ? 3   DT  B OP2   1 
ATOM   497 O "O5'" . DT  B 2 4  ? 5.983   4.756   -1.789  1.00 121.75 ? 3   DT  B "O5'" 1 
ATOM   498 C "C5'" . DT  B 2 4  ? 6.573   5.335   -0.644  1.00 117.79 ? 3   DT  B "C5'" 1 
ATOM   499 C "C4'" . DT  B 2 4  ? 5.843   6.601   -0.249  1.00 108.34 ? 3   DT  B "C4'" 1 
ATOM   500 O "O4'" . DT  B 2 4  ? 4.415   6.342   -0.251  1.00 107.27 ? 3   DT  B "O4'" 1 
ATOM   501 C "C3'" . DT  B 2 4  ? 6.141   7.066   1.157   1.00 108.33 ? 3   DT  B "C3'" 1 
ATOM   502 O "O3'" . DT  B 2 4  ? 5.799   8.435   1.309   1.00 114.77 ? 3   DT  B "O3'" 1 
ATOM   503 C "C2'" . DT  B 2 4  ? 5.213   6.173   1.960   1.00 109.10 ? 3   DT  B "C2'" 1 
ATOM   504 C "C1'" . DT  B 2 4  ? 3.965   6.153   1.083   1.00 103.93 ? 3   DT  B "C1'" 1 
ATOM   505 N N1    . DT  B 2 4  ? 3.179   4.865   1.149   1.00 98.29  ? 3   DT  B N1    1 
ATOM   506 C C2    . DT  B 2 4  ? 2.056   4.782   1.961   1.00 95.09  ? 3   DT  B C2    1 
ATOM   507 O O2    . DT  B 2 4  ? 1.659   5.703   2.655   1.00 89.28  ? 3   DT  B O2    1 
ATOM   508 N N3    . DT  B 2 4  ? 1.418   3.565   1.929   1.00 90.18  ? 3   DT  B N3    1 
ATOM   509 C C4    . DT  B 2 4  ? 1.774   2.457   1.186   1.00 91.41  ? 3   DT  B C4    1 
ATOM   510 O O4    . DT  B 2 4  ? 1.142   1.408   1.224   1.00 94.46  ? 3   DT  B O4    1 
ATOM   511 C C5    . DT  B 2 4  ? 2.950   2.614   0.361   1.00 94.92  ? 3   DT  B C5    1 
ATOM   512 C C7    . DT  B 2 4  ? 3.429   1.474   -0.485  1.00 100.41 ? 3   DT  B C7    1 
ATOM   513 C C6    . DT  B 2 4  ? 3.584   3.793   0.379   1.00 94.95  ? 3   DT  B C6    1 
ATOM   514 P P     . DC  B 2 5  ? 6.411   9.284   2.531   1.00 124.78 ? 4   DC  B P     1 
ATOM   515 O OP1   . DC  B 2 5  ? 5.882   10.664  2.449   1.00 126.34 ? 4   DC  B OP1   1 
ATOM   516 O OP2   . DC  B 2 5  ? 7.875   9.053   2.545   1.00 118.67 ? 4   DC  B OP2   1 
ATOM   517 O "O5'" . DC  B 2 5  ? 5.789   8.596   3.835   1.00 113.18 ? 4   DC  B "O5'" 1 
ATOM   518 C "C5'" . DC  B 2 5  ? 4.400   8.750   4.143   1.00 105.24 ? 4   DC  B "C5'" 1 
ATOM   519 C "C4'" . DC  B 2 5  ? 4.091   8.194   5.525   1.00 96.68  ? 4   DC  B "C4'" 1 
ATOM   520 O "O4'" . DC  B 2 5  ? 3.459   6.889   5.401   1.00 94.16  ? 4   DC  B "O4'" 1 
ATOM   521 C "C3'" . DC  B 2 5  ? 5.309   7.967   6.413   1.00 95.58  ? 4   DC  B "C3'" 1 
ATOM   522 O "O3'" . DC  B 2 5  ? 4.938   8.129   7.785   1.00 80.25  ? 4   DC  B "O3'" 1 
ATOM   523 C "C2'" . DC  B 2 5  ? 5.641   6.509   6.104   1.00 98.18  ? 4   DC  B "C2'" 1 
ATOM   524 C "C1'" . DC  B 2 5  ? 4.239   5.929   6.090   1.00 89.22  ? 4   DC  B "C1'" 1 
ATOM   525 N N1    . DC  B 2 5  ? 4.101   4.623   5.384   1.00 80.75  ? 4   DC  B N1    1 
ATOM   526 C C2    . DC  B 2 5  ? 3.004   3.804   5.671   1.00 81.93  ? 4   DC  B C2    1 
ATOM   527 O O2    . DC  B 2 5  ? 2.188   4.183   6.518   1.00 82.20  ? 4   DC  B O2    1 
ATOM   528 N N3    . DC  B 2 5  ? 2.870   2.625   5.012   1.00 86.41  ? 4   DC  B N3    1 
ATOM   529 C C4    . DC  B 2 5  ? 3.781   2.263   4.106   1.00 88.86  ? 4   DC  B C4    1 
ATOM   530 N N4    . DC  B 2 5  ? 3.615   1.094   3.479   1.00 91.14  ? 4   DC  B N4    1 
ATOM   531 C C5    . DC  B 2 5  ? 4.907   3.086   3.803   1.00 92.15  ? 4   DC  B C5    1 
ATOM   532 C C6    . DC  B 2 5  ? 5.027   4.241   4.468   1.00 88.65  ? 4   DC  B C6    1 
ATOM   533 P P     . DA  B 2 6  ? 4.966   9.579   8.482   1.00 91.70  ? 5   DA  B P     1 
ATOM   534 O OP1   . DA  B 2 6  ? 3.860   10.383  7.916   1.00 112.48 ? 5   DA  B OP1   1 
ATOM   535 O OP2   . DA  B 2 6  ? 6.349   10.107  8.407   1.00 96.97  ? 5   DA  B OP2   1 
ATOM   536 O "O5'" . DA  B 2 6  ? 4.643   9.252   10.010  1.00 74.95  ? 5   DA  B "O5'" 1 
ATOM   537 C "C5'" . DA  B 2 6  ? 5.408   8.264   10.676  1.00 89.57  ? 5   DA  B "C5'" 1 
ATOM   538 C "C4'" . DA  B 2 6  ? 4.584   7.030   10.966  1.00 78.11  ? 5   DA  B "C4'" 1 
ATOM   539 O "O4'" . DA  B 2 6  ? 4.583   6.133   9.814   1.00 80.09  ? 5   DA  B "O4'" 1 
ATOM   540 C "C3'" . DA  B 2 6  ? 5.115   6.186   12.119  1.00 71.07  ? 5   DA  B "C3'" 1 
ATOM   541 O "O3'" . DA  B 2 6  ? 4.036   5.678   12.842  1.00 64.24  ? 5   DA  B "O3'" 1 
ATOM   542 C "C2'" . DA  B 2 6  ? 5.840   5.068   11.394  1.00 80.71  ? 5   DA  B "C2'" 1 
ATOM   543 C "C1'" . DA  B 2 6  ? 4.848   4.838   10.295  1.00 73.15  ? 5   DA  B "C1'" 1 
ATOM   544 N N9    . DA  B 2 6  ? 5.329   3.981   9.226   1.00 71.18  ? 5   DA  B N9    1 
ATOM   545 C C8    . DA  B 2 6  ? 6.440   4.148   8.449   1.00 75.03  ? 5   DA  B C8    1 
ATOM   546 N N7    . DA  B 2 6  ? 6.610   3.193   7.556   1.00 73.62  ? 5   DA  B N7    1 
ATOM   547 C C5    . DA  B 2 6  ? 5.537   2.343   7.774   1.00 78.23  ? 5   DA  B C5    1 
ATOM   548 C C6    . DA  B 2 6  ? 5.131   1.137   7.158   1.00 76.46  ? 5   DA  B C6    1 
ATOM   549 N N6    . DA  B 2 6  ? 5.794   0.560   6.149   1.00 77.48  ? 5   DA  B N6    1 
ATOM   550 N N1    . DA  B 2 6  ? 4.009   0.546   7.624   1.00 70.37  ? 5   DA  B N1    1 
ATOM   551 C C2    . DA  B 2 6  ? 3.346   1.129   8.630   1.00 77.37  ? 5   DA  B C2    1 
ATOM   552 N N3    . DA  B 2 6  ? 3.625   2.255   9.284   1.00 73.74  ? 5   DA  B N3    1 
ATOM   553 C C4    . DA  B 2 6  ? 4.743   2.817   8.804   1.00 77.74  ? 5   DA  B C4    1 
ATOM   554 O "O5'" . DT  C 3 1  ? -17.819 12.486  -31.244 1.00 138.38 ? 1   DT  C "O5'" 1 
ATOM   555 C "C5'" . DT  C 3 1  ? -16.453 12.438  -30.854 1.00 137.68 ? 1   DT  C "C5'" 1 
ATOM   556 C "C4'" . DT  C 3 1  ? -16.036 13.758  -30.242 1.00 135.55 ? 1   DT  C "C4'" 1 
ATOM   557 O "O4'" . DT  C 3 1  ? -17.169 14.335  -29.554 1.00 143.67 ? 1   DT  C "O4'" 1 
ATOM   558 C "C3'" . DT  C 3 1  ? -14.915 13.670  -29.219 1.00 132.68 ? 1   DT  C "C3'" 1 
ATOM   559 O "O3'" . DT  C 3 1  ? -13.991 14.800  -29.353 1.00 138.56 ? 1   DT  C "O3'" 1 
ATOM   560 C "C2'" . DT  C 3 1  ? -15.645 13.604  -27.878 1.00 132.76 ? 1   DT  C "C2'" 1 
ATOM   561 C "C1'" . DT  C 3 1  ? -17.002 14.250  -28.154 1.00 132.41 ? 1   DT  C "C1'" 1 
ATOM   562 N N1    . DT  C 3 1  ? -18.157 13.497  -27.581 1.00 135.35 ? 1   DT  C N1    1 
ATOM   563 C C2    . DT  C 3 1  ? -19.125 14.181  -26.877 1.00 138.52 ? 1   DT  C C2    1 
ATOM   564 O O2    . DT  C 3 1  ? -19.094 15.388  -26.692 1.00 135.68 ? 1   DT  C O2    1 
ATOM   565 N N3    . DT  C 3 1  ? -20.144 13.398  -26.398 1.00 136.93 ? 1   DT  C N3    1 
ATOM   566 C C4    . DT  C 3 1  ? -20.289 12.029  -26.547 1.00 132.81 ? 1   DT  C C4    1 
ATOM   567 O O4    . DT  C 3 1  ? -21.242 11.414  -26.076 1.00 127.89 ? 1   DT  C O4    1 
ATOM   568 C C5    . DT  C 3 1  ? -19.239 11.376  -27.294 1.00 130.82 ? 1   DT  C C5    1 
ATOM   569 C C7    . DT  C 3 1  ? -19.286 9.895   -27.518 1.00 128.54 ? 1   DT  C C7    1 
ATOM   570 C C6    . DT  C 3 1  ? -18.237 12.132  -27.770 1.00 131.27 ? 1   DT  C C6    1 
ATOM   571 P P     . DC  C 3 2  ? -13.952 16.057  -28.337 1.00 150.93 ? 2   DC  C P     1 
ATOM   572 O OP1   . DC  C 3 2  ? -15.274 16.718  -28.290 1.00 153.45 ? 2   DC  C OP1   1 
ATOM   573 O OP2   . DC  C 3 2  ? -12.766 16.848  -28.742 1.00 141.79 ? 2   DC  C OP2   1 
ATOM   574 O "O5'" . DC  C 3 2  ? -13.591 15.441  -26.906 1.00 149.94 ? 2   DC  C "O5'" 1 
ATOM   575 C "C5'" . DC  C 3 2  ? -13.408 16.301  -25.785 1.00 143.03 ? 2   DC  C "C5'" 1 
ATOM   576 C "C4'" . DC  C 3 2  ? -14.737 16.638  -25.134 1.00 141.08 ? 2   DC  C "C4'" 1 
ATOM   577 O "O4'" . DC  C 3 2  ? -15.666 15.574  -25.365 1.00 140.82 ? 2   DC  C "O4'" 1 
ATOM   578 C "C3'" . DC  C 3 2  ? -14.668 16.801  -23.627 1.00 141.43 ? 2   DC  C "C3'" 1 
ATOM   579 O "O3'" . DC  C 3 2  ? -14.604 18.166  -23.309 1.00 145.52 ? 2   DC  C "O3'" 1 
ATOM   580 C "C2'" . DC  C 3 2  ? -15.954 16.150  -23.088 1.00 136.28 ? 2   DC  C "C2'" 1 
ATOM   581 C "C1'" . DC  C 3 2  ? -16.614 15.548  -24.326 1.00 140.15 ? 2   DC  C "C1'" 1 
ATOM   582 N N1    . DC  C 3 2  ? -17.072 14.133  -24.166 1.00 136.40 ? 2   DC  C N1    1 
ATOM   583 C C2    . DC  C 3 2  ? -18.273 13.855  -23.506 1.00 133.64 ? 2   DC  C C2    1 
ATOM   584 O O2    . DC  C 3 2  ? -18.926 14.787  -23.024 1.00 138.55 ? 2   DC  C O2    1 
ATOM   585 N N3    . DC  C 3 2  ? -18.678 12.564  -23.401 1.00 130.97 ? 2   DC  C N3    1 
ATOM   586 C C4    . DC  C 3 2  ? -17.941 11.585  -23.933 1.00 129.87 ? 2   DC  C C4    1 
ATOM   587 N N4    . DC  C 3 2  ? -18.381 10.328  -23.807 1.00 134.34 ? 2   DC  C N4    1 
ATOM   588 C C5    . DC  C 3 2  ? -16.723 11.854  -24.619 1.00 127.08 ? 2   DC  C C5    1 
ATOM   589 C C6    . DC  C 3 2  ? -16.333 13.126  -24.709 1.00 130.63 ? 2   DC  C C6    1 
ATOM   590 P P     . DT  C 3 3  ? -13.447 18.692  -22.334 1.00 165.02 ? 3   DT  C P     1 
ATOM   591 O OP1   . DT  C 3 3  ? -13.159 20.106  -22.671 1.00 168.53 ? 3   DT  C OP1   1 
ATOM   592 O OP2   . DT  C 3 3  ? -12.361 17.683  -22.405 1.00 152.93 ? 3   DT  C OP2   1 
ATOM   593 O "O5'" . DT  C 3 3  ? -14.124 18.622  -20.886 1.00 150.88 ? 3   DT  C "O5'" 1 
ATOM   594 C "C5'" . DT  C 3 3  ? -15.472 19.052  -20.717 1.00 145.93 ? 3   DT  C "C5'" 1 
ATOM   595 C "C4'" . DT  C 3 3  ? -16.137 18.317  -19.568 1.00 142.93 ? 3   DT  C "C4'" 1 
ATOM   596 O "O4'" . DT  C 3 3  ? -16.543 17.001  -19.998 1.00 140.94 ? 3   DT  C "O4'" 1 
ATOM   597 C "C3'" . DT  C 3 3  ? -15.257 18.118  -18.334 1.00 140.24 ? 3   DT  C "C3'" 1 
ATOM   598 O "O3'" . DT  C 3 3  ? -15.820 18.821  -17.234 1.00 146.11 ? 3   DT  C "O3'" 1 
ATOM   599 C "C2'" . DT  C 3 3  ? -15.245 16.593  -18.106 1.00 136.57 ? 3   DT  C "C2'" 1 
ATOM   600 C "C1'" . DT  C 3 3  ? -16.437 16.111  -18.917 1.00 134.29 ? 3   DT  C "C1'" 1 
ATOM   601 N N1    . DT  C 3 3  ? -16.278 14.726  -19.474 1.00 127.12 ? 3   DT  C N1    1 
ATOM   602 C C2    . DT  C 3 3  ? -17.274 13.796  -19.268 1.00 121.76 ? 3   DT  C C2    1 
ATOM   603 O O2    . DT  C 3 3  ? -18.285 14.032  -18.630 1.00 122.30 ? 3   DT  C O2    1 
ATOM   604 N N3    . DT  C 3 3  ? -17.038 12.571  -19.839 1.00 119.02 ? 3   DT  C N3    1 
ATOM   605 C C4    . DT  C 3 3  ? -15.935 12.190  -20.580 1.00 119.21 ? 3   DT  C C4    1 
ATOM   606 O O4    . DT  C 3 3  ? -15.816 11.064  -21.054 1.00 117.60 ? 3   DT  C O4    1 
ATOM   607 C C5    . DT  C 3 3  ? -14.932 13.212  -20.761 1.00 121.20 ? 3   DT  C C5    1 
ATOM   608 C C7    . DT  C 3 3  ? -13.691 12.915  -21.548 1.00 123.82 ? 3   DT  C C7    1 
ATOM   609 C C6    . DT  C 3 3  ? -15.150 14.416  -20.207 1.00 125.18 ? 3   DT  C C6    1 
ATOM   610 P P     . DA  C 3 4  ? -15.058 18.881  -15.822 1.00 153.38 ? 4   DA  C P     1 
ATOM   611 O OP1   . DA  C 3 4  ? -15.232 20.240  -15.258 1.00 145.03 ? 4   DA  C OP1   1 
ATOM   612 O OP2   . DA  C 3 4  ? -13.690 18.345  -16.015 1.00 142.00 ? 4   DA  C OP2   1 
ATOM   613 O "O5'" . DA  C 3 4  ? -15.892 17.868  -14.914 1.00 136.29 ? 4   DA  C "O5'" 1 
ATOM   614 C "C5'" . DA  C 3 4  ? -17.304 17.992  -14.832 1.00 126.94 ? 4   DA  C "C5'" 1 
ATOM   615 C "C4'" . DA  C 3 4  ? -17.897 16.837  -14.053 1.00 130.48 ? 4   DA  C "C4'" 1 
ATOM   616 O "O4'" . DA  C 3 4  ? -17.709 15.602  -14.792 1.00 132.35 ? 4   DA  C "O4'" 1 
ATOM   617 C "C3'" . DA  C 3 4  ? -17.280 16.597  -12.682 1.00 130.06 ? 4   DA  C "C3'" 1 
ATOM   618 O "O3'" . DA  C 3 4  ? -18.277 16.113  -11.808 1.00 133.53 ? 4   DA  C "O3'" 1 
ATOM   619 C "C2'" . DA  C 3 4  ? -16.222 15.534  -12.968 1.00 123.48 ? 4   DA  C "C2'" 1 
ATOM   620 C "C1'" . DA  C 3 4  ? -16.908 14.706  -14.044 1.00 127.69 ? 4   DA  C "C1'" 1 
ATOM   621 N N9    . DA  C 3 4  ? -15.976 14.063  -14.963 1.00 124.35 ? 4   DA  C N9    1 
ATOM   622 C C8    . DA  C 3 4  ? -14.786 14.563  -15.417 1.00 122.15 ? 4   DA  C C8    1 
ATOM   623 N N7    . DA  C 3 4  ? -14.162 13.766  -16.252 1.00 118.48 ? 4   DA  C N7    1 
ATOM   624 C C5    . DA  C 3 4  ? -15.001 12.669  -16.355 1.00 115.45 ? 4   DA  C C5    1 
ATOM   625 C C6    . DA  C 3 4  ? -14.912 11.468  -17.090 1.00 109.42 ? 4   DA  C C6    1 
ATOM   626 N N6    . DA  C 3 4  ? -13.884 11.165  -17.892 1.00 107.98 ? 4   DA  C N6    1 
ATOM   627 N N1    . DA  C 3 4  ? -15.925 10.587  -16.966 1.00 110.51 ? 4   DA  C N1    1 
ATOM   628 C C2    . DA  C 3 4  ? -16.953 10.890  -16.161 1.00 111.21 ? 4   DA  C C2    1 
ATOM   629 N N3    . DA  C 3 4  ? -17.147 11.980  -15.422 1.00 109.08 ? 4   DA  C N3    1 
ATOM   630 C C4    . DA  C 3 4  ? -16.126 12.838  -15.567 1.00 117.25 ? 4   DA  C C4    1 
ATOM   631 P P     . DA  C 3 5  ? -18.016 16.038  -10.227 1.00 139.42 ? 5   DA  C P     1 
ATOM   632 O OP1   . DA  C 3 5  ? -19.018 16.899  -9.557  1.00 138.35 ? 5   DA  C OP1   1 
ATOM   633 O OP2   . DA  C 3 5  ? -16.570 16.265  -9.994  1.00 137.52 ? 5   DA  C OP2   1 
ATOM   634 O "O5'" . DA  C 3 5  ? -18.370 14.520  -9.875  1.00 140.50 ? 5   DA  C "O5'" 1 
ATOM   635 C "C5'" . DA  C 3 5  ? -19.620 13.985  -10.284 1.00 130.64 ? 5   DA  C "C5'" 1 
ATOM   636 C "C4'" . DA  C 3 5  ? -19.569 12.467  -10.362 1.00 130.11 ? 5   DA  C "C4'" 1 
ATOM   637 O "O4'" . DA  C 3 5  ? -18.650 12.044  -11.403 1.00 123.47 ? 5   DA  C "O4'" 1 
ATOM   638 C "C3'" . DA  C 3 5  ? -19.122 11.752  -9.089  1.00 115.18 ? 5   DA  C "C3'" 1 
ATOM   639 O "O3'" . DA  C 3 5  ? -19.929 10.601  -8.912  1.00 106.58 ? 5   DA  C "O3'" 1 
ATOM   640 C "C2'" . DA  C 3 5  ? -17.666 11.389  -9.394  1.00 104.21 ? 5   DA  C "C2'" 1 
ATOM   641 C "C1'" . DA  C 3 5  ? -17.752 11.089  -10.879 1.00 110.66 ? 5   DA  C "C1'" 1 
ATOM   642 N N9    . DA  C 3 5  ? -16.496 11.219  -11.612 1.00 108.79 ? 5   DA  C N9    1 
ATOM   643 C C8    . DA  C 3 5  ? -15.629 12.277  -11.598 1.00 107.35 ? 5   DA  C C8    1 
ATOM   644 N N7    . DA  C 3 5  ? -14.594 12.125  -12.395 1.00 101.05 ? 5   DA  C N7    1 
ATOM   645 C C5    . DA  C 3 5  ? -14.807 10.888  -12.983 1.00 105.37 ? 5   DA  C C5    1 
ATOM   646 C C6    . DA  C 3 5  ? -14.070 10.137  -13.930 1.00 101.16 ? 5   DA  C C6    1 
ATOM   647 N N6    . DA  C 3 5  ? -12.919 10.555  -14.467 1.00 93.07  ? 5   DA  C N6    1 
ATOM   648 N N1    . DA  C 3 5  ? -14.566 8.936   -14.302 1.00 95.78  ? 5   DA  C N1    1 
ATOM   649 C C2    . DA  C 3 5  ? -15.720 8.523   -13.764 1.00 103.39 ? 5   DA  C C2    1 
ATOM   650 N N3    . DA  C 3 5  ? -16.497 9.134   -12.869 1.00 104.50 ? 5   DA  C N3    1 
ATOM   651 C C4    . DA  C 3 5  ? -15.980 10.322  -12.517 1.00 107.90 ? 5   DA  C C4    1 
ATOM   652 P P     . DT  C 3 6  ? -19.858 9.742   -7.560  1.00 123.03 ? 6   DT  C P     1 
ATOM   653 O OP1   . DT  C 3 6  ? -21.247 9.435   -7.144  1.00 110.48 ? 6   DT  C OP1   1 
ATOM   654 O OP2   . DT  C 3 6  ? -18.940 10.427  -6.620  1.00 121.52 ? 6   DT  C OP2   1 
ATOM   655 O "O5'" . DT  C 3 6  ? -19.158 8.394   -8.038  1.00 119.27 ? 6   DT  C "O5'" 1 
ATOM   656 C "C5'" . DT  C 3 6  ? -19.084 8.112   -9.421  1.00 111.29 ? 6   DT  C "C5'" 1 
ATOM   657 C "C4'" . DT  C 3 6  ? -18.921 6.630   -9.656  1.00 110.64 ? 6   DT  C "C4'" 1 
ATOM   658 O "O4'" . DT  C 3 6  ? -17.822 6.417   -10.570 1.00 105.31 ? 6   DT  C "O4'" 1 
ATOM   659 C "C3'" . DT  C 3 6  ? -18.561 5.830   -8.424  1.00 106.92 ? 6   DT  C "C3'" 1 
ATOM   660 O "O3'" . DT  C 3 6  ? -18.939 4.471   -8.615  1.00 105.12 ? 6   DT  C "O3'" 1 
ATOM   661 C "C2'" . DT  C 3 6  ? -17.047 6.003   -8.371  1.00 105.52 ? 6   DT  C "C2'" 1 
ATOM   662 C "C1'" . DT  C 3 6  ? -16.674 6.014   -9.852  1.00 97.42  ? 6   DT  C "C1'" 1 
ATOM   663 N N1    . DT  C 3 6  ? -15.565 6.949   -10.182 1.00 93.60  ? 6   DT  C N1    1 
ATOM   664 C C2    . DT  C 3 6  ? -14.707 6.625   -11.205 1.00 98.72  ? 6   DT  C C2    1 
ATOM   665 O O2    . DT  C 3 6  ? -14.810 5.608   -11.866 1.00 99.05  ? 6   DT  C O2    1 
ATOM   666 N N3    . DT  C 3 6  ? -13.717 7.540   -11.436 1.00 93.65  ? 6   DT  C N3    1 
ATOM   667 C C4    . DT  C 3 6  ? -13.501 8.720   -10.758 1.00 90.32  ? 6   DT  C C4    1 
ATOM   668 O O4    . DT  C 3 6  ? -12.577 9.476   -11.044 1.00 90.12  ? 6   DT  C O4    1 
ATOM   669 C C5    . DT  C 3 6  ? -14.433 9.002   -9.695  1.00 89.04  ? 6   DT  C C5    1 
ATOM   670 C C7    . DT  C 3 6  ? -14.295 10.256  -8.890  1.00 103.74 ? 6   DT  C C7    1 
ATOM   671 C C6    . DT  C 3 6  ? -15.413 8.113   -9.460  1.00 88.62  ? 6   DT  C C6    1 
ATOM   672 P P     . DT  C 3 7  ? -18.467 3.333   -7.582  1.00 115.96 ? 7   DT  C P     1 
ATOM   673 O OP1   . DT  C 3 7  ? -19.521 2.287   -7.585  1.00 101.10 ? 7   DT  C OP1   1 
ATOM   674 O OP2   . DT  C 3 7  ? -18.074 3.968   -6.301  1.00 104.49 ? 7   DT  C OP2   1 
ATOM   675 O "O5'" . DT  C 3 7  ? -17.150 2.743   -8.271  1.00 96.67  ? 7   DT  C "O5'" 1 
ATOM   676 C "C5'" . DT  C 3 7  ? -17.167 2.478   -9.652  1.00 93.78  ? 7   DT  C "C5'" 1 
ATOM   677 C "C4'" . DT  C 3 7  ? -15.981 1.634   -10.072 1.00 94.79  ? 7   DT  C "C4'" 1 
ATOM   678 O "O4'" . DT  C 3 7  ? -14.869 2.489   -10.430 1.00 95.72  ? 7   DT  C "O4'" 1 
ATOM   679 C "C3'" . DT  C 3 7  ? -15.456 0.649   -9.036  1.00 90.12  ? 7   DT  C "C3'" 1 
ATOM   680 O "O3'" . DT  C 3 7  ? -15.076 -0.552  -9.708  1.00 92.94  ? 7   DT  C "O3'" 1 
ATOM   681 C "C2'" . DT  C 3 7  ? -14.251 1.384   -8.444  1.00 91.74  ? 7   DT  C "C2'" 1 
ATOM   682 C "C1'" . DT  C 3 7  ? -13.744 2.196   -9.632  1.00 90.54  ? 7   DT  C "C1'" 1 
ATOM   683 N N1    . DT  C 3 7  ? -13.123 3.504   -9.259  1.00 89.70  ? 7   DT  C N1    1 
ATOM   684 C C2    . DT  C 3 7  ? -12.026 3.953   -9.964  1.00 90.57  ? 7   DT  C C2    1 
ATOM   685 O O2    . DT  C 3 7  ? -11.508 3.326   -10.871 1.00 92.97  ? 7   DT  C O2    1 
ATOM   686 N N3    . DT  C 3 7  ? -11.546 5.167   -9.562  1.00 84.94  ? 7   DT  C N3    1 
ATOM   687 C C4    . DT  C 3 7  ? -12.041 5.969   -8.558  1.00 82.80  ? 7   DT  C C4    1 
ATOM   688 O O4    . DT  C 3 7  ? -11.532 7.048   -8.279  1.00 82.12  ? 7   DT  C O4    1 
ATOM   689 C C5    . DT  C 3 7  ? -13.195 5.448   -7.863  1.00 85.71  ? 7   DT  C C5    1 
ATOM   690 C C7    . DT  C 3 7  ? -13.820 6.228   -6.747  1.00 98.89  ? 7   DT  C C7    1 
ATOM   691 C C6    . DT  C 3 7  ? -13.679 4.258   -8.247  1.00 87.97  ? 7   DT  C C6    1 
ATOM   692 P P     . DT  C 3 8  ? -14.382 -1.775  -8.930  1.00 86.29  ? 8   DT  C P     1 
ATOM   693 O OP1   . DT  C 3 8  ? -14.862 -3.005  -9.607  1.00 82.12  ? 8   DT  C OP1   1 
ATOM   694 O OP2   . DT  C 3 8  ? -14.573 -1.610  -7.470  1.00 83.40  ? 8   DT  C OP2   1 
ATOM   695 O "O5'" . DT  C 3 8  ? -12.825 -1.607  -9.276  1.00 89.20  ? 8   DT  C "O5'" 1 
ATOM   696 C "C5'" . DT  C 3 8  ? -12.350 -1.954  -10.578 1.00 90.62  ? 8   DT  C "C5'" 1 
ATOM   697 C "C4'" . DT  C 3 8  ? -10.863 -1.694  -10.708 1.00 79.93  ? 8   DT  C "C4'" 1 
ATOM   698 O "O4'" . DT  C 3 8  ? -10.588 -0.316  -10.366 1.00 83.30  ? 8   DT  C "O4'" 1 
ATOM   699 C "C3'" . DT  C 3 8  ? -9.969  -2.535  -9.792  1.00 81.55  ? 8   DT  C "C3'" 1 
ATOM   700 O "O3'" . DT  C 3 8  ? -8.832  -2.974  -10.503 1.00 70.99  ? 8   DT  C "O3'" 1 
ATOM   701 C "C2'" . DT  C 3 8  ? -9.580  -1.554  -8.698  1.00 93.24  ? 8   DT  C "C2'" 1 
ATOM   702 C "C1'" . DT  C 3 8  ? -9.485  -0.277  -9.497  1.00 76.89  ? 8   DT  C "C1'" 1 
ATOM   703 N N1    . DT  C 3 8  ? -9.584  0.923   -8.673  1.00 73.65  ? 8   DT  C N1    1 
ATOM   704 C C2    . DT  C 3 8  ? -8.711  1.949   -8.893  1.00 83.28  ? 8   DT  C C2    1 
ATOM   705 O O2    . DT  C 3 8  ? -7.846  1.911   -9.748  1.00 89.95  ? 8   DT  C O2    1 
ATOM   706 N N3    . DT  C 3 8  ? -8.876  3.029   -8.071  1.00 83.84  ? 8   DT  C N3    1 
ATOM   707 C C4    . DT  C 3 8  ? -9.818  3.173   -7.067  1.00 86.49  ? 8   DT  C C4    1 
ATOM   708 O O4    . DT  C 3 8  ? -9.889  4.185   -6.376  1.00 87.23  ? 8   DT  C O4    1 
ATOM   709 C C5    . DT  C 3 8  ? -10.704 2.045   -6.888  1.00 84.06  ? 8   DT  C C5    1 
ATOM   710 C C7    . DT  C 3 8  ? -11.769 2.076   -5.833  1.00 87.28  ? 8   DT  C C7    1 
ATOM   711 C C6    . DT  C 3 8  ? -10.545 0.988   -7.693  1.00 82.39  ? 8   DT  C C6    1 
ATOM   712 P P     . DG  D 4 1  ? 9.324   2.443   14.249  1.00 114.25 ? 10  DG  D P     1 
ATOM   713 O OP1   . DG  D 4 1  ? 10.327  3.168   15.068  1.00 99.34  ? 10  DG  D OP1   1 
ATOM   714 O OP2   . DG  D 4 1  ? 9.216   2.706   12.796  1.00 84.04  ? 10  DG  D OP2   1 
ATOM   715 O "O5'" . DG  D 4 1  ? 7.872   2.629   14.905  1.00 98.48  ? 10  DG  D "O5'" 1 
ATOM   716 C "C5'" . DG  D 4 1  ? 6.818   3.233   14.155  1.00 93.22  ? 10  DG  D "C5'" 1 
ATOM   717 C "C4'" . DG  D 4 1  ? 5.644   2.281   13.960  1.00 91.09  ? 10  DG  D "C4'" 1 
ATOM   718 O "O4'" . DG  D 4 1  ? 5.301   2.243   12.558  1.00 76.28  ? 10  DG  D "O4'" 1 
ATOM   719 C "C3'" . DG  D 4 1  ? 5.909   0.828   14.329  1.00 103.54 ? 10  DG  D "C3'" 1 
ATOM   720 O "O3'" . DG  D 4 1  ? 5.643   0.611   15.709  1.00 107.61 ? 10  DG  D "O3'" 1 
ATOM   721 C "C2'" . DG  D 4 1  ? 4.904   0.083   13.456  1.00 92.59  ? 10  DG  D "C2'" 1 
ATOM   722 C "C1'" . DG  D 4 1  ? 4.860   0.948   12.201  1.00 77.17  ? 10  DG  D "C1'" 1 
ATOM   723 N N9    . DG  D 4 1  ? 5.707   0.462   11.125  1.00 69.14  ? 10  DG  D N9    1 
ATOM   724 C C8    . DG  D 4 1  ? 6.790   1.100   10.586  1.00 75.61  ? 10  DG  D C8    1 
ATOM   725 N N7    . DG  D 4 1  ? 7.358   0.434   9.622   1.00 70.87  ? 10  DG  D N7    1 
ATOM   726 C C5    . DG  D 4 1  ? 6.600   -0.721  9.517   1.00 69.63  ? 10  DG  D C5    1 
ATOM   727 C C6    . DG  D 4 1  ? 6.743   -1.819  8.642   1.00 79.26  ? 10  DG  D C6    1 
ATOM   728 O O6    . DG  D 4 1  ? 7.598   -1.985  7.764   1.00 79.43  ? 10  DG  D O6    1 
ATOM   729 N N1    . DG  D 4 1  ? 5.763   -2.786  8.859   1.00 81.65  ? 10  DG  D N1    1 
ATOM   730 C C2    . DG  D 4 1  ? 4.769   -2.699  9.806   1.00 87.46  ? 10  DG  D C2    1 
ATOM   731 N N2    . DG  D 4 1  ? 3.910   -3.731  9.872   1.00 96.18  ? 10  DG  D N2    1 
ATOM   732 N N3    . DG  D 4 1  ? 4.625   -1.667  10.638  1.00 78.01  ? 10  DG  D N3    1 
ATOM   733 C C4    . DG  D 4 1  ? 5.577   -0.719  10.433  1.00 72.82  ? 10  DG  D C4    1 
ATOM   734 P P     . DG  D 4 2  ? 6.354   -0.607  16.485  1.00 112.49 ? 11  DG  D P     1 
ATOM   735 O OP1   . DG  D 4 2  ? 5.765   -0.630  17.842  1.00 112.81 ? 11  DG  D OP1   1 
ATOM   736 O OP2   . DG  D 4 2  ? 7.821   -0.493  16.310  1.00 105.15 ? 11  DG  D OP2   1 
ATOM   737 O "O5'" . DG  D 4 2  ? 5.899   -1.915  15.683  1.00 94.66  ? 11  DG  D "O5'" 1 
ATOM   738 C "C5'" . DG  D 4 2  ? 4.721   -2.620  16.060  1.00 95.75  ? 11  DG  D "C5'" 1 
ATOM   739 C "C4'" . DG  D 4 2  ? 4.393   -3.667  15.018  1.00 98.25  ? 11  DG  D "C4'" 1 
ATOM   740 O "O4'" . DG  D 4 2  ? 4.879   -3.204  13.748  1.00 94.91  ? 11  DG  D "O4'" 1 
ATOM   741 C "C3'" . DG  D 4 2  ? 5.093   -5.002  15.208  1.00 108.78 ? 11  DG  D "C3'" 1 
ATOM   742 O "O3'" . DG  D 4 2  ? 4.342   -5.841  16.069  1.00 120.74 ? 11  DG  D "O3'" 1 
ATOM   743 C "C2'" . DG  D 4 2  ? 5.134   -5.568  13.792  1.00 97.36  ? 11  DG  D "C2'" 1 
ATOM   744 C "C1'" . DG  D 4 2  ? 5.158   -4.315  12.921  1.00 93.56  ? 11  DG  D "C1'" 1 
ATOM   745 N N9    . DG  D 4 2  ? 6.421   -4.089  12.227  1.00 85.18  ? 11  DG  D N9    1 
ATOM   746 C C8    . DG  D 4 2  ? 7.293   -3.040  12.400  1.00 86.60  ? 11  DG  D C8    1 
ATOM   747 N N7    . DG  D 4 2  ? 8.332   -3.094  11.609  1.00 81.84  ? 11  DG  D N7    1 
ATOM   748 C C5    . DG  D 4 2  ? 8.129   -4.250  10.865  1.00 85.52  ? 11  DG  D C5    1 
ATOM   749 C C6    . DG  D 4 2  ? 8.924   -4.834  9.848   1.00 93.22  ? 11  DG  D C6    1 
ATOM   750 O O6    . DG  D 4 2  ? 10.004  -4.433  9.387   1.00 93.95  ? 11  DG  D O6    1 
ATOM   751 N N1    . DG  D 4 2  ? 8.350   -6.003  9.359   1.00 94.74  ? 11  DG  D N1    1 
ATOM   752 C C2    . DG  D 4 2  ? 7.160   -6.537  9.793   1.00 100.21 ? 11  DG  D C2    1 
ATOM   753 N N2    . DG  D 4 2  ? 6.765   -7.672  9.208   1.00 104.83 ? 11  DG  D N2    1 
ATOM   754 N N3    . DG  D 4 2  ? 6.410   -6.002  10.745  1.00 92.24  ? 11  DG  D N3    1 
ATOM   755 C C4    . DG  D 4 2  ? 6.955   -4.865  11.233  1.00 86.52  ? 11  DG  D C4    1 
ATOM   756 P P     . DT  D 4 3  ? 5.099   -6.686  17.205  1.00 126.69 ? 12  DT  D P     1 
ATOM   757 O OP1   . DT  D 4 3  ? 4.469   -6.319  18.498  1.00 108.47 ? 12  DT  D OP1   1 
ATOM   758 O OP2   . DT  D 4 3  ? 6.554   -6.517  16.964  1.00 108.20 ? 12  DT  D OP2   1 
ATOM   759 O "O5'" . DT  D 4 3  ? 4.778   -8.215  16.857  1.00 116.94 ? 12  DT  D "O5'" 1 
ATOM   760 C "C5'" . DT  D 4 3  ? 3.838   -8.534  15.852  1.00 115.79 ? 12  DT  D "C5'" 1 
ATOM   761 C "C4'" . DT  D 4 3  ? 4.473   -9.389  14.772  1.00 113.43 ? 12  DT  D "C4'" 1 
ATOM   762 O "O4'" . DT  D 4 3  ? 5.431   -8.612  14.046  1.00 104.10 ? 12  DT  D "O4'" 1 
ATOM   763 C "C3'" . DT  D 4 3  ? 5.249   -10.607 15.275  1.00 127.98 ? 12  DT  D "C3'" 1 
ATOM   764 O "O3'" . DT  D 4 3  ? 4.488   -11.790 15.054  1.00 144.26 ? 12  DT  D "O3'" 1 
ATOM   765 C "C2'" . DT  D 4 3  ? 6.553   -10.605 14.449  1.00 118.68 ? 12  DT  D "C2'" 1 
ATOM   766 C "C1'" . DT  D 4 3  ? 6.321   -9.495  13.432  1.00 107.51 ? 12  DT  D "C1'" 1 
ATOM   767 N N1    . DT  D 4 3  ? 7.536   -8.727  13.076  1.00 103.12 ? 12  DT  D N1    1 
ATOM   768 C C2    . DT  D 4 3  ? 8.310   -9.129  12.007  1.00 107.64 ? 12  DT  D C2    1 
ATOM   769 O O2    . DT  D 4 3  ? 8.065   -10.114 11.336  1.00 118.25 ? 12  DT  D O2    1 
ATOM   770 N N3    . DT  D 4 3  ? 9.395   -8.331  11.758  1.00 103.76 ? 12  DT  D N3    1 
ATOM   771 C C4    . DT  D 4 3  ? 9.767   -7.191  12.453  1.00 99.07  ? 12  DT  D C4    1 
ATOM   772 O O4    . DT  D 4 3  ? 10.759  -6.535  12.159  1.00 101.05 ? 12  DT  D O4    1 
ATOM   773 C C5    . DT  D 4 3  ? 8.904   -6.826  13.551  1.00 105.03 ? 12  DT  D C5    1 
ATOM   774 C C7    . DT  D 4 3  ? 9.208   -5.613  14.374  1.00 96.91  ? 12  DT  D C7    1 
ATOM   775 C C6    . DT  D 4 3  ? 7.845   -7.601  13.804  1.00 95.34  ? 12  DT  D C6    1 
ATOM   776 P P     . DC  D 4 4  ? 4.751   -13.104 15.941  1.00 141.91 ? 13  DC  D P     1 
ATOM   777 O OP1   . DC  D 4 4  ? 3.431   -13.661 16.314  1.00 132.82 ? 13  DC  D OP1   1 
ATOM   778 O OP2   . DC  D 4 4  ? 5.726   -12.765 17.002  1.00 141.11 ? 13  DC  D OP2   1 
ATOM   779 O "O5'" . DC  D 4 4  ? 5.499   -14.090 14.932  1.00 125.27 ? 13  DC  D "O5'" 1 
ATOM   780 C "C5'" . DC  D 4 4  ? 6.909   -14.121 14.911  1.00 123.54 ? 13  DC  D "C5'" 1 
ATOM   781 C "C4'" . DC  D 4 4  ? 7.422   -14.517 13.544  1.00 133.90 ? 13  DC  D "C4'" 1 
ATOM   782 O "O4'" . DC  D 4 4  ? 7.833   -13.329 12.838  1.00 127.86 ? 13  DC  D "O4'" 1 
ATOM   783 C "C3'" . DC  D 4 4  ? 8.620   -15.453 13.582  1.00 151.37 ? 13  DC  D "C3'" 1 
ATOM   784 O "O3'" . DC  D 4 4  ? 8.194   -16.779 13.272  1.00 162.48 ? 13  DC  D "O3'" 1 
ATOM   785 C "C2'" . DC  D 4 4  ? 9.589   -14.916 12.523  1.00 140.73 ? 13  DC  D "C2'" 1 
ATOM   786 C "C1'" . DC  D 4 4  ? 9.090   -13.508 12.219  1.00 129.41 ? 13  DC  D "C1'" 1 
ATOM   787 N N1    . DC  D 4 4  ? 9.992   -12.403 12.674  1.00 128.45 ? 13  DC  D N1    1 
ATOM   788 C C2    . DC  D 4 4  ? 11.107  -12.037 11.901  1.00 126.13 ? 13  DC  D C2    1 
ATOM   789 O O2    . DC  D 4 4  ? 11.358  -12.663 10.864  1.00 127.26 ? 13  DC  D O2    1 
ATOM   790 N N3    . DC  D 4 4  ? 11.888  -11.009 12.326  1.00 126.34 ? 13  DC  D N3    1 
ATOM   791 C C4    . DC  D 4 4  ? 11.583  -10.358 13.453  1.00 121.74 ? 13  DC  D C4    1 
ATOM   792 N N4    . DC  D 4 4  ? 12.380  -9.353  13.832  1.00 114.50 ? 13  DC  D N4    1 
ATOM   793 C C5    . DC  D 4 4  ? 10.447  -10.710 14.240  1.00 118.83 ? 13  DC  D C5    1 
ATOM   794 C C6    . DC  D 4 4  ? 9.687   -11.723 13.816  1.00 120.96 ? 13  DC  D C6    1 
ATOM   795 P P     . DT  D 4 5  ? 8.838   -18.044 14.028  1.00 170.14 ? 14  DT  D P     1 
ATOM   796 O OP1   . DT  D 4 5  ? 7.991   -19.216 13.712  1.00 169.29 ? 14  DT  D OP1   1 
ATOM   797 O OP2   . DT  D 4 5  ? 9.063   -17.665 15.442  1.00 163.50 ? 14  DT  D OP2   1 
ATOM   798 O "O5'" . DT  D 4 5  ? 10.263  -18.224 13.323  1.00 159.77 ? 14  DT  D "O5'" 1 
ATOM   799 C "C5'" . DT  D 4 5  ? 10.339  -18.367 11.912  1.00 155.60 ? 14  DT  D "C5'" 1 
ATOM   800 C "C4'" . DT  D 4 5  ? 11.716  -17.983 11.398  1.00 157.27 ? 14  DT  D "C4'" 1 
ATOM   801 O "O4'" . DT  D 4 5  ? 12.009  -16.594 11.730  1.00 154.72 ? 14  DT  D "O4'" 1 
ATOM   802 C "C3'" . DT  D 4 5  ? 12.883  -18.801 11.967  1.00 163.78 ? 14  DT  D "C3'" 1 
ATOM   803 O "O3'" . DT  D 4 5  ? 13.795  -19.091 10.915  1.00 170.18 ? 14  DT  D "O3'" 1 
ATOM   804 C "C2'" . DT  D 4 5  ? 13.496  -17.833 12.976  1.00 160.24 ? 14  DT  D "C2'" 1 
ATOM   805 C "C1'" . DT  D 4 5  ? 13.326  -16.533 12.222  1.00 154.28 ? 14  DT  D "C1'" 1 
ATOM   806 N N1    . DT  D 4 5  ? 13.509  -15.309 13.065  1.00 145.13 ? 14  DT  D N1    1 
ATOM   807 C C2    . DT  D 4 5  ? 14.512  -14.415 12.737  1.00 141.70 ? 14  DT  D C2    1 
ATOM   808 O O2    . DT  D 4 5  ? 15.257  -14.567 11.783  1.00 136.18 ? 14  DT  D O2    1 
ATOM   809 N N3    . DT  D 4 5  ? 14.607  -13.326 13.568  1.00 138.24 ? 14  DT  D N3    1 
ATOM   810 C C4    . DT  D 4 5  ? 13.817  -13.054 14.676  1.00 134.86 ? 14  DT  D C4    1 
ATOM   811 O O4    . DT  D 4 5  ? 13.976  -12.052 15.363  1.00 128.70 ? 14  DT  D O4    1 
ATOM   812 C C5    . DT  D 4 5  ? 12.790  -14.035 14.965  1.00 135.10 ? 14  DT  D C5    1 
ATOM   813 C C7    . DT  D 4 5  ? 11.875  -13.843 16.139  1.00 122.02 ? 14  DT  D C7    1 
ATOM   814 C C6    . DT  D 4 5  ? 12.690  -15.103 14.159  1.00 138.17 ? 14  DT  D C6    1 
ATOM   815 P P     . DG  D 4 6  ? 15.069  -20.045 11.145  1.00 175.67 ? 15  DG  D P     1 
ATOM   816 O OP1   . DG  D 4 6  ? 14.634  -21.429 10.862  1.00 172.82 ? 15  DG  D OP1   1 
ATOM   817 O OP2   . DG  D 4 6  ? 15.727  -19.730 12.434  1.00 163.01 ? 15  DG  D OP2   1 
ATOM   818 O "O5'" . DG  D 4 6  ? 16.074  -19.594 9.987   1.00 165.07 ? 15  DG  D "O5'" 1 
ATOM   819 C "C5'" . DG  D 4 6  ? 17.396  -20.084 9.976   1.00 162.18 ? 15  DG  D "C5'" 1 
ATOM   820 C "C4'" . DG  D 4 6  ? 18.372  -19.045 10.503  1.00 165.76 ? 15  DG  D "C4'" 1 
ATOM   821 O "O4'" . DG  D 4 6  ? 17.677  -18.024 11.247  1.00 160.64 ? 15  DG  D "O4'" 1 
ATOM   822 C "C3'" . DG  D 4 6  ? 19.420  -19.584 11.470  1.00 171.30 ? 15  DG  D "C3'" 1 
ATOM   823 O "O3'" . DG  D 4 6  ? 20.627  -19.934 10.739  1.00 179.46 ? 15  DG  D "O3'" 1 
ATOM   824 C "C2'" . DG  D 4 6  ? 19.617  -18.440 12.491  1.00 163.10 ? 15  DG  D "C2'" 1 
ATOM   825 C "C1'" . DG  D 4 6  ? 18.641  -17.357 12.023  1.00 157.64 ? 15  DG  D "C1'" 1 
ATOM   826 N N9    . DG  D 4 6  ? 17.980  -16.635 13.120  1.00 151.86 ? 15  DG  D N9    1 
ATOM   827 C C8    . DG  D 4 6  ? 16.896  -17.054 13.858  1.00 149.14 ? 15  DG  D C8    1 
ATOM   828 N N7    . DG  D 4 6  ? 16.526  -16.196 14.775  1.00 141.80 ? 15  DG  D N7    1 
ATOM   829 C C5    . DG  D 4 6  ? 17.422  -15.141 14.638  1.00 143.06 ? 15  DG  D C5    1 
ATOM   830 C C6    . DG  D 4 6  ? 17.518  -13.919 15.359  1.00 138.97 ? 15  DG  D C6    1 
ATOM   831 O O6    . DG  D 4 6  ? 16.805  -13.517 16.291  1.00 136.42 ? 15  DG  D O6    1 
ATOM   832 N N1    . DG  D 4 6  ? 18.570  -13.127 14.900  1.00 136.25 ? 15  DG  D N1    1 
ATOM   833 C C2    . DG  D 4 6  ? 19.423  -13.468 13.875  1.00 136.14 ? 15  DG  D C2    1 
ATOM   834 N N2    . DG  D 4 6  ? 20.380  -12.577 13.572  1.00 137.11 ? 15  DG  D N2    1 
ATOM   835 N N3    . DG  D 4 6  ? 19.345  -14.608 13.191  1.00 139.95 ? 15  DG  D N3    1 
ATOM   836 C C4    . DG  D 4 6  ? 18.325  -15.394 13.625  1.00 145.67 ? 15  DG  D C4    1 
ATOM   837 P P     . DC  D 4 7  ? 22.091  -19.411 11.165  1.00 178.69 ? 16  DC  D P     1 
ATOM   838 O OP1   . DC  D 4 7  ? 23.035  -19.993 10.185  1.00 175.70 ? 16  DC  D OP1   1 
ATOM   839 O OP2   . DC  D 4 7  ? 22.315  -19.668 12.607  1.00 173.57 ? 16  DC  D OP2   1 
ATOM   840 O "O5'" . DC  D 4 7  ? 22.032  -17.834 10.887  1.00 169.94 ? 16  DC  D "O5'" 1 
ATOM   841 C "C5'" . DC  D 4 7  ? 23.221  -17.103 10.646  1.00 165.09 ? 16  DC  D "C5'" 1 
ATOM   842 C "C4'" . DC  D 4 7  ? 23.750  -16.487 11.929  1.00 158.60 ? 16  DC  D "C4'" 1 
ATOM   843 O "O4'" . DC  D 4 7  ? 22.654  -16.122 12.797  1.00 156.78 ? 16  DC  D "O4'" 1 
ATOM   844 C "C3'" . DC  D 4 7  ? 24.647  -17.403 12.766  1.00 159.45 ? 16  DC  D "C3'" 1 
ATOM   845 O "O3'" . DC  D 4 7  ? 25.994  -16.954 12.697  1.00 157.81 ? 16  DC  D "O3'" 1 
ATOM   846 C "C2'" . DC  D 4 7  ? 24.079  -17.298 14.198  1.00 158.60 ? 16  DC  D "C2'" 1 
ATOM   847 C "C1'" . DC  D 4 7  ? 23.157  -16.090 14.103  1.00 151.93 ? 16  DC  D "C1'" 1 
ATOM   848 N N1    . DC  D 4 7  ? 22.017  -16.096 15.086  1.00 145.90 ? 16  DC  D N1    1 
ATOM   849 C C2    . DC  D 4 7  ? 21.842  -15.001 15.944  1.00 140.65 ? 16  DC  D C2    1 
ATOM   850 O O2    . DC  D 4 7  ? 22.632  -14.052 15.871  1.00 135.27 ? 16  DC  D O2    1 
ATOM   851 N N3    . DC  D 4 7  ? 20.812  -15.014 16.829  1.00 138.68 ? 16  DC  D N3    1 
ATOM   852 C C4    . DC  D 4 7  ? 19.984  -16.063 16.874  1.00 136.67 ? 16  DC  D C4    1 
ATOM   853 N N4    . DC  D 4 7  ? 18.982  -16.033 17.761  1.00 134.88 ? 16  DC  D N4    1 
ATOM   854 C C5    . DC  D 4 7  ? 20.149  -17.187 16.009  1.00 136.90 ? 16  DC  D C5    1 
ATOM   855 C C6    . DC  D 4 7  ? 21.170  -17.163 15.144  1.00 143.37 ? 16  DC  D C6    1 
HETATM 856 C C1    . NT  E 5 .  ? -6.452  1.422   -12.895 1.00 91.54  ? 101 NT  C C1    1 
HETATM 857 N N1    . NT  E 5 .  ? -5.344  0.706   -13.071 1.00 99.33  ? 101 NT  C N1    1 
HETATM 858 N N2    . NT  E 5 .  ? -6.369  2.642   -12.362 1.00 89.11  ? 101 NT  C N2    1 
HETATM 859 N N3    . NT  E 5 .  ? -7.640  0.928   -13.244 1.00 84.79  ? 101 NT  C N3    1 
HETATM 860 C C2    . NT  E 5 .  ? -8.848  1.543   -12.733 1.00 81.72  ? 101 NT  C C2    1 
HETATM 861 C C3    . NT  E 5 .  ? -10.114 1.067   -13.404 1.00 85.71  ? 101 NT  C C3    1 
HETATM 862 O O1    . NT  E 5 .  ? -10.123 -0.119  -14.168 1.00 84.99  ? 101 NT  C O1    1 
HETATM 863 N N4    . NT  E 5 .  ? -11.169 1.856   -13.191 1.00 90.88  ? 101 NT  C N4    1 
HETATM 864 C C4    . NT  E 5 .  ? -12.501 1.506   -13.467 1.00 90.28  ? 101 NT  C C4    1 
HETATM 865 C C5    . NT  E 5 .  ? -13.583 2.373   -13.403 1.00 88.60  ? 101 NT  C C5    1 
HETATM 866 C C6    . NT  E 5 .  ? -14.723 1.656   -13.740 1.00 90.39  ? 101 NT  C C6    1 
HETATM 867 N N5    . NT  E 5 .  ? -14.350 0.384   -14.022 1.00 93.77  ? 101 NT  C N5    1 
HETATM 868 C C8    . NT  E 5 .  ? -15.259 -0.735  -14.442 1.00 103.27 ? 101 NT  C C8    1 
HETATM 869 C C7    . NT  E 5 .  ? -12.992 0.268   -13.858 1.00 87.64  ? 101 NT  C C7    1 
HETATM 870 C C9    . NT  E 5 .  ? -16.130 2.147   -13.543 1.00 94.38  ? 101 NT  C C9    1 
HETATM 871 O O2    . NT  E 5 .  ? -17.110 1.240   -13.087 1.00 85.14  ? 101 NT  C O2    1 
HETATM 872 N N6    . NT  E 5 .  ? -16.388 3.437   -13.794 1.00 104.33 ? 101 NT  C N6    1 
HETATM 873 C C10   . NT  E 5 .  ? -17.597 4.091   -13.474 1.00 107.94 ? 101 NT  C C10   1 
HETATM 874 C C11   . NT  E 5 .  ? -17.953 5.378   -13.864 1.00 106.96 ? 101 NT  C C11   1 
HETATM 875 C C12   . NT  E 5 .  ? -19.217 5.663   -13.350 1.00 109.44 ? 101 NT  C C12   1 
HETATM 876 N N7    . NT  E 5 .  ? -19.636 4.569   -12.657 1.00 107.44 ? 101 NT  C N7    1 
HETATM 877 C C14   . NT  E 5 .  ? -20.935 4.399   -11.922 1.00 106.63 ? 101 NT  C C14   1 
HETATM 878 C C13   . NT  E 5 .  ? -18.659 3.607   -12.720 1.00 108.65 ? 101 NT  C C13   1 
HETATM 879 C C15   . NT  E 5 .  ? -19.804 7.051   -13.305 1.00 114.45 ? 101 NT  C C15   1 
HETATM 880 O O3    . NT  E 5 .  ? -20.676 7.441   -12.268 1.00 115.84 ? 101 NT  C O3    1 
HETATM 881 N N8    . NT  E 5 .  ? -19.475 7.921   -14.253 1.00 115.78 ? 101 NT  C N8    1 
HETATM 882 C C16   . NT  E 5 .  ? -19.631 9.344   -14.019 1.00 114.57 ? 101 NT  C C16   1 
HETATM 883 C C17   . NT  E 5 .  ? -20.937 9.880   -14.591 1.00 118.33 ? 101 NT  C C17   1 
HETATM 884 C C18   . NT  E 5 .  ? -20.927 11.385  -14.486 1.00 130.59 ? 101 NT  C C18   1 
HETATM 885 N N9    . NT  E 5 .  ? -22.079 12.046  -14.588 1.00 135.23 ? 101 NT  C N9    1 
HETATM 886 N N10   . NT  E 5 .  ? -19.758 12.001  -14.289 1.00 125.85 ? 101 NT  C N10   1 
HETATM 887 O O     . HOH F 6 .  ? -8.856  4.836   -1.257  1.00 78.10  ? 101 HOH A O     1 
HETATM 888 O O     . HOH G 6 .  ? 10.951  -1.283  10.540  1.00 53.06  ? 101 HOH D O     1 
# 
loop_
_pdbx_poly_seq_scheme.asym_id 
_pdbx_poly_seq_scheme.entity_id 
_pdbx_poly_seq_scheme.seq_id 
_pdbx_poly_seq_scheme.mon_id 
_pdbx_poly_seq_scheme.ndb_seq_num 
_pdbx_poly_seq_scheme.pdb_seq_num 
_pdbx_poly_seq_scheme.auth_seq_num 
_pdbx_poly_seq_scheme.pdb_mon_id 
_pdbx_poly_seq_scheme.auth_mon_id 
_pdbx_poly_seq_scheme.pdb_strand_id 
_pdbx_poly_seq_scheme.pdb_ins_code 
_pdbx_poly_seq_scheme.hetero 
A 1 1  DG 1  1  1  DG DG A . n 
A 1 2  DA 2  2  2  DA DA A . n 
A 1 3  DG 3  3  3  DG DG A . n 
A 1 4  DC 4  4  4  DC DC A . n 
A 1 5  DA 5  5  5  DA DA A . n 
A 1 6  DG 6  6  6  DG DG A . n 
A 1 7  DA 7  7  7  DA DA A . n 
A 1 8  DC 8  8  8  DC DC A . n 
A 1 9  DC 9  9  9  DC DC A . n 
A 1 10 DT 10 10 10 DT DT A . n 
A 1 11 DG 11 11 11 DG DG A . n 
A 1 12 DA 12 12 12 DA DA A . n 
A 1 13 DC 13 13 13 DC DC A . n 
A 1 14 DG 14 14 14 DG DG A . n 
A 1 15 DG 15 15 15 DG DG A . n 
A 1 16 DA 16 16 16 DA DA A . n 
A 1 17 DA 17 17 17 DA DA A . n 
A 1 18 DA 18 18 18 DA DA A . n 
A 1 19 DT 19 19 19 DT DT A . n 
A 1 20 DT 20 20 20 DT DT A . n 
A 1 21 DA 21 21 21 DA DA A . n 
B 2 1  DC 1  0  0  DC DC B . n 
B 2 2  DC 2  1  1  DC DC B . n 
B 2 3  DG 3  2  2  DG DG B . n 
B 2 4  DT 4  3  3  DT DT B . n 
B 2 5  DC 5  4  4  DC DC B . n 
B 2 6  DA 6  5  5  DA DA B . n 
C 3 1  DT 1  1  1  DT DT C . n 
C 3 2  DC 2  2  2  DC DC C . n 
C 3 3  DT 3  3  3  DT DT C . n 
C 3 4  DA 4  4  4  DA DA C . n 
C 3 5  DA 5  5  5  DA DA C . n 
C 3 6  DT 6  6  6  DT DT C . n 
C 3 7  DT 7  7  7  DT DT C . n 
C 3 8  DT 8  8  8  DT DT C . n 
D 4 1  DG 1  10 10 DG DG D . n 
D 4 2  DG 2  11 11 DG DG D . n 
D 4 3  DT 3  12 12 DT DT D . n 
D 4 4  DC 4  13 13 DC DC D . n 
D 4 5  DT 5  14 14 DT DT D . n 
D 4 6  DG 6  15 15 DG DG D . n 
D 4 7  DC 7  16 16 DC DC D . n 
# 
_pdbx_contact_author.id                 2 
_pdbx_contact_author.email              hao.yan@asu.edu 
_pdbx_contact_author.name_first         Hao 
_pdbx_contact_author.name_last          Yan 
_pdbx_contact_author.name_mi            ? 
_pdbx_contact_author.role               'principal investigator/group leader' 
_pdbx_contact_author.identifier_ORCID   0000-0001-7397-9852 
# 
loop_
_pdbx_nonpoly_scheme.asym_id 
_pdbx_nonpoly_scheme.entity_id 
_pdbx_nonpoly_scheme.mon_id 
_pdbx_nonpoly_scheme.ndb_seq_num 
_pdbx_nonpoly_scheme.pdb_seq_num 
_pdbx_nonpoly_scheme.auth_seq_num 
_pdbx_nonpoly_scheme.pdb_mon_id 
_pdbx_nonpoly_scheme.auth_mon_id 
_pdbx_nonpoly_scheme.pdb_strand_id 
_pdbx_nonpoly_scheme.pdb_ins_code 
E 5 NT  1 101 1 NT  NT  C . 
F 6 HOH 1 101 2 HOH HOH A . 
G 6 HOH 1 101 1 HOH HOH D . 
# 
_pdbx_struct_assembly.id                   1 
_pdbx_struct_assembly.details              author_defined_assembly 
_pdbx_struct_assembly.method_details       ? 
_pdbx_struct_assembly.oligomeric_details   tetrameric 
_pdbx_struct_assembly.oligomeric_count     4 
# 
_pdbx_struct_assembly_gen.assembly_id       1 
_pdbx_struct_assembly_gen.oper_expression   1 
_pdbx_struct_assembly_gen.asym_id_list      A,B,C,D,E,F,G 
# 
_pdbx_struct_oper_list.id                   1 
_pdbx_struct_oper_list.type                 'identity operation' 
_pdbx_struct_oper_list.name                 1_555 
_pdbx_struct_oper_list.symmetry_operation   x,y,z 
_pdbx_struct_oper_list.matrix[1][1]         1.0000000000 
_pdbx_struct_oper_list.matrix[1][2]         0.0000000000 
_pdbx_struct_oper_list.matrix[1][3]         0.0000000000 
_pdbx_struct_oper_list.vector[1]            0.0000000000 
_pdbx_struct_oper_list.matrix[2][1]         0.0000000000 
_pdbx_struct_oper_list.matrix[2][2]         1.0000000000 
_pdbx_struct_oper_list.matrix[2][3]         0.0000000000 
_pdbx_struct_oper_list.vector[2]            0.0000000000 
_pdbx_struct_oper_list.matrix[3][1]         0.0000000000 
_pdbx_struct_oper_list.matrix[3][2]         0.0000000000 
_pdbx_struct_oper_list.matrix[3][3]         1.0000000000 
_pdbx_struct_oper_list.vector[3]            0.0000000000 
# 
_pdbx_audit_revision_history.ordinal             1 
_pdbx_audit_revision_history.data_content_type   'Structure model' 
_pdbx_audit_revision_history.major_revision      1 
_pdbx_audit_revision_history.minor_revision      0 
_pdbx_audit_revision_history.revision_date       2023-12-20 
# 
_pdbx_audit_revision_details.ordinal             1 
_pdbx_audit_revision_details.revision_ordinal    1 
_pdbx_audit_revision_details.data_content_type   'Structure model' 
_pdbx_audit_revision_details.provider            repository 
_pdbx_audit_revision_details.type                'Initial release' 
_pdbx_audit_revision_details.description         ? 
_pdbx_audit_revision_details.details             ? 
# 
loop_
_software.citation_id 
_software.classification 
_software.compiler_name 
_software.compiler_version 
_software.contact_author 
_software.contact_author_email 
_software.date 
_software.description 
_software.dependencies 
_software.hardware 
_software.language 
_software.location 
_software.mods 
_software.name 
_software.os 
_software.os_version 
_software.type 
_software.version 
_software.pdbx_ordinal 
? refinement       ? ? ? ? ? ? ? ? ? ? ? PHENIX   ? ? ? '(1.19.2_4158: ???)' 1 
? 'data scaling'   ? ? ? ? ? ? ? ? ? ? ? HKL-2000 ? ? ? .                    2 
? 'data reduction' ? ? ? ? ? ? ? ? ? ? ? HKL-2000 ? ? ? .                    3 
? phasing          ? ? ? ? ? ? ? ? ? ? ? PHASER   ? ? ? .                    4 
# 
_pdbx_entry_details.entry_id                 8TAP 
_pdbx_entry_details.has_ligand_of_interest   N 
_pdbx_entry_details.compound_details         ? 
_pdbx_entry_details.source_details           ? 
_pdbx_entry_details.nonpolymer_details       ? 
_pdbx_entry_details.sequence_details         ? 
# 
loop_
_pdbx_validate_rmsd_angle.id 
_pdbx_validate_rmsd_angle.PDB_model_num 
_pdbx_validate_rmsd_angle.auth_atom_id_1 
_pdbx_validate_rmsd_angle.auth_asym_id_1 
_pdbx_validate_rmsd_angle.auth_comp_id_1 
_pdbx_validate_rmsd_angle.auth_seq_id_1 
_pdbx_validate_rmsd_angle.PDB_ins_code_1 
_pdbx_validate_rmsd_angle.label_alt_id_1 
_pdbx_validate_rmsd_angle.auth_atom_id_2 
_pdbx_validate_rmsd_angle.auth_asym_id_2 
_pdbx_validate_rmsd_angle.auth_comp_id_2 
_pdbx_validate_rmsd_angle.auth_seq_id_2 
_pdbx_validate_rmsd_angle.PDB_ins_code_2 
_pdbx_validate_rmsd_angle.label_alt_id_2 
_pdbx_validate_rmsd_angle.auth_atom_id_3 
_pdbx_validate_rmsd_angle.auth_asym_id_3 
_pdbx_validate_rmsd_angle.auth_comp_id_3 
_pdbx_validate_rmsd_angle.auth_seq_id_3 
_pdbx_validate_rmsd_angle.PDB_ins_code_3 
_pdbx_validate_rmsd_angle.label_alt_id_3 
_pdbx_validate_rmsd_angle.angle_value 
_pdbx_validate_rmsd_angle.angle_target_value 
_pdbx_validate_rmsd_angle.angle_deviation 
_pdbx_validate_rmsd_angle.angle_standard_deviation 
_pdbx_validate_rmsd_angle.linker_flag 
1 1 "O4'" A DC 8  ? ? "C1'" A DC 8  ? ? N1 A DC 8  ? ? 110.57 108.30 2.27 0.30 N 
2 1 "O4'" B DA 5  ? ? "C1'" B DA 5  ? ? N9 B DA 5  ? ? 110.70 108.30 2.40 0.30 N 
3 1 "O4'" D DT 14 ? ? "C1'" D DT 14 ? ? N1 D DT 14 ? ? 110.27 108.30 1.97 0.30 N 
# 
loop_
_chem_comp_atom.comp_id 
_chem_comp_atom.atom_id 
_chem_comp_atom.type_symbol 
_chem_comp_atom.pdbx_aromatic_flag 
_chem_comp_atom.pdbx_stereo_config 
_chem_comp_atom.pdbx_ordinal 
DA  OP3    O N N 1   
DA  P      P N N 2   
DA  OP1    O N N 3   
DA  OP2    O N N 4   
DA  "O5'"  O N N 5   
DA  "C5'"  C N N 6   
DA  "C4'"  C N R 7   
DA  "O4'"  O N N 8   
DA  "C3'"  C N S 9   
DA  "O3'"  O N N 10  
DA  "C2'"  C N N 11  
DA  "C1'"  C N R 12  
DA  N9     N Y N 13  
DA  C8     C Y N 14  
DA  N7     N Y N 15  
DA  C5     C Y N 16  
DA  C6     C Y N 17  
DA  N6     N N N 18  
DA  N1     N Y N 19  
DA  C2     C Y N 20  
DA  N3     N Y N 21  
DA  C4     C Y N 22  
DA  HOP3   H N N 23  
DA  HOP2   H N N 24  
DA  "H5'"  H N N 25  
DA  "H5''" H N N 26  
DA  "H4'"  H N N 27  
DA  "H3'"  H N N 28  
DA  "HO3'" H N N 29  
DA  "H2'"  H N N 30  
DA  "H2''" H N N 31  
DA  "H1'"  H N N 32  
DA  H8     H N N 33  
DA  H61    H N N 34  
DA  H62    H N N 35  
DA  H2     H N N 36  
DC  OP3    O N N 37  
DC  P      P N N 38  
DC  OP1    O N N 39  
DC  OP2    O N N 40  
DC  "O5'"  O N N 41  
DC  "C5'"  C N N 42  
DC  "C4'"  C N R 43  
DC  "O4'"  O N N 44  
DC  "C3'"  C N S 45  
DC  "O3'"  O N N 46  
DC  "C2'"  C N N 47  
DC  "C1'"  C N R 48  
DC  N1     N N N 49  
DC  C2     C N N 50  
DC  O2     O N N 51  
DC  N3     N N N 52  
DC  C4     C N N 53  
DC  N4     N N N 54  
DC  C5     C N N 55  
DC  C6     C N N 56  
DC  HOP3   H N N 57  
DC  HOP2   H N N 58  
DC  "H5'"  H N N 59  
DC  "H5''" H N N 60  
DC  "H4'"  H N N 61  
DC  "H3'"  H N N 62  
DC  "HO3'" H N N 63  
DC  "H2'"  H N N 64  
DC  "H2''" H N N 65  
DC  "H1'"  H N N 66  
DC  H41    H N N 67  
DC  H42    H N N 68  
DC  H5     H N N 69  
DC  H6     H N N 70  
DG  OP3    O N N 71  
DG  P      P N N 72  
DG  OP1    O N N 73  
DG  OP2    O N N 74  
DG  "O5'"  O N N 75  
DG  "C5'"  C N N 76  
DG  "C4'"  C N R 77  
DG  "O4'"  O N N 78  
DG  "C3'"  C N S 79  
DG  "O3'"  O N N 80  
DG  "C2'"  C N N 81  
DG  "C1'"  C N R 82  
DG  N9     N Y N 83  
DG  C8     C Y N 84  
DG  N7     N Y N 85  
DG  C5     C Y N 86  
DG  C6     C N N 87  
DG  O6     O N N 88  
DG  N1     N N N 89  
DG  C2     C N N 90  
DG  N2     N N N 91  
DG  N3     N N N 92  
DG  C4     C Y N 93  
DG  HOP3   H N N 94  
DG  HOP2   H N N 95  
DG  "H5'"  H N N 96  
DG  "H5''" H N N 97  
DG  "H4'"  H N N 98  
DG  "H3'"  H N N 99  
DG  "HO3'" H N N 100 
DG  "H2'"  H N N 101 
DG  "H2''" H N N 102 
DG  "H1'"  H N N 103 
DG  H8     H N N 104 
DG  H1     H N N 105 
DG  H21    H N N 106 
DG  H22    H N N 107 
DT  OP3    O N N 108 
DT  P      P N N 109 
DT  OP1    O N N 110 
DT  OP2    O N N 111 
DT  "O5'"  O N N 112 
DT  "C5'"  C N N 113 
DT  "C4'"  C N R 114 
DT  "O4'"  O N N 115 
DT  "C3'"  C N S 116 
DT  "O3'"  O N N 117 
DT  "C2'"  C N N 118 
DT  "C1'"  C N R 119 
DT  N1     N N N 120 
DT  C2     C N N 121 
DT  O2     O N N 122 
DT  N3     N N N 123 
DT  C4     C N N 124 
DT  O4     O N N 125 
DT  C5     C N N 126 
DT  C7     C N N 127 
DT  C6     C N N 128 
DT  HOP3   H N N 129 
DT  HOP2   H N N 130 
DT  "H5'"  H N N 131 
DT  "H5''" H N N 132 
DT  "H4'"  H N N 133 
DT  "H3'"  H N N 134 
DT  "HO3'" H N N 135 
DT  "H2'"  H N N 136 
DT  "H2''" H N N 137 
DT  "H1'"  H N N 138 
DT  H3     H N N 139 
DT  H71    H N N 140 
DT  H72    H N N 141 
DT  H73    H N N 142 
DT  H6     H N N 143 
HOH O      O N N 144 
HOH H1     H N N 145 
HOH H2     H N N 146 
NT  C1     C N N 147 
NT  N1     N N N 148 
NT  N2     N N N 149 
NT  N3     N N N 150 
NT  C2     C N N 151 
NT  C3     C N N 152 
NT  O1     O N N 153 
NT  N4     N N N 154 
NT  C4     C Y N 155 
NT  C5     C Y N 156 
NT  C6     C Y N 157 
NT  N5     N Y N 158 
NT  C8     C N N 159 
NT  C7     C Y N 160 
NT  C9     C N N 161 
NT  O2     O N N 162 
NT  N6     N N N 163 
NT  C10    C Y N 164 
NT  C11    C Y N 165 
NT  C12    C Y N 166 
NT  N7     N Y N 167 
NT  C14    C N N 168 
NT  C13    C Y N 169 
NT  C15    C N N 170 
NT  O3     O N N 171 
NT  N8     N N N 172 
NT  C16    C N N 173 
NT  C17    C N N 174 
NT  C18    C N N 175 
NT  N9     N N N 176 
NT  N10    N N N 177 
NT  HN1    H N N 178 
NT  HN21   H N N 179 
NT  HN22   H N N 180 
NT  HN3    H N N 181 
NT  H21    H N N 182 
NT  H22    H N N 183 
NT  HN4    H N N 184 
NT  H5     H N N 185 
NT  H81    H N N 186 
NT  H82    H N N 187 
NT  H83    H N N 188 
NT  H7     H N N 189 
NT  HN6    H N N 190 
NT  H11    H N N 191 
NT  H141   H N N 192 
NT  H142   H N N 193 
NT  H143   H N N 194 
NT  H13    H N N 195 
NT  HN8    H N N 196 
NT  H161   H N N 197 
NT  H162   H N N 198 
NT  H171   H N N 199 
NT  H172   H N N 200 
NT  HN9    H N N 201 
NT  HN01   H N N 202 
NT  HN02   H N N 203 
# 
loop_
_chem_comp_bond.comp_id 
_chem_comp_bond.atom_id_1 
_chem_comp_bond.atom_id_2 
_chem_comp_bond.value_order 
_chem_comp_bond.pdbx_aromatic_flag 
_chem_comp_bond.pdbx_stereo_config 
_chem_comp_bond.pdbx_ordinal 
DA  OP3   P      sing N N 1   
DA  OP3   HOP3   sing N N 2   
DA  P     OP1    doub N N 3   
DA  P     OP2    sing N N 4   
DA  P     "O5'"  sing N N 5   
DA  OP2   HOP2   sing N N 6   
DA  "O5'" "C5'"  sing N N 7   
DA  "C5'" "C4'"  sing N N 8   
DA  "C5'" "H5'"  sing N N 9   
DA  "C5'" "H5''" sing N N 10  
DA  "C4'" "O4'"  sing N N 11  
DA  "C4'" "C3'"  sing N N 12  
DA  "C4'" "H4'"  sing N N 13  
DA  "O4'" "C1'"  sing N N 14  
DA  "C3'" "O3'"  sing N N 15  
DA  "C3'" "C2'"  sing N N 16  
DA  "C3'" "H3'"  sing N N 17  
DA  "O3'" "HO3'" sing N N 18  
DA  "C2'" "C1'"  sing N N 19  
DA  "C2'" "H2'"  sing N N 20  
DA  "C2'" "H2''" sing N N 21  
DA  "C1'" N9     sing N N 22  
DA  "C1'" "H1'"  sing N N 23  
DA  N9    C8     sing Y N 24  
DA  N9    C4     sing Y N 25  
DA  C8    N7     doub Y N 26  
DA  C8    H8     sing N N 27  
DA  N7    C5     sing Y N 28  
DA  C5    C6     sing Y N 29  
DA  C5    C4     doub Y N 30  
DA  C6    N6     sing N N 31  
DA  C6    N1     doub Y N 32  
DA  N6    H61    sing N N 33  
DA  N6    H62    sing N N 34  
DA  N1    C2     sing Y N 35  
DA  C2    N3     doub Y N 36  
DA  C2    H2     sing N N 37  
DA  N3    C4     sing Y N 38  
DC  OP3   P      sing N N 39  
DC  OP3   HOP3   sing N N 40  
DC  P     OP1    doub N N 41  
DC  P     OP2    sing N N 42  
DC  P     "O5'"  sing N N 43  
DC  OP2   HOP2   sing N N 44  
DC  "O5'" "C5'"  sing N N 45  
DC  "C5'" "C4'"  sing N N 46  
DC  "C5'" "H5'"  sing N N 47  
DC  "C5'" "H5''" sing N N 48  
DC  "C4'" "O4'"  sing N N 49  
DC  "C4'" "C3'"  sing N N 50  
DC  "C4'" "H4'"  sing N N 51  
DC  "O4'" "C1'"  sing N N 52  
DC  "C3'" "O3'"  sing N N 53  
DC  "C3'" "C2'"  sing N N 54  
DC  "C3'" "H3'"  sing N N 55  
DC  "O3'" "HO3'" sing N N 56  
DC  "C2'" "C1'"  sing N N 57  
DC  "C2'" "H2'"  sing N N 58  
DC  "C2'" "H2''" sing N N 59  
DC  "C1'" N1     sing N N 60  
DC  "C1'" "H1'"  sing N N 61  
DC  N1    C2     sing N N 62  
DC  N1    C6     sing N N 63  
DC  C2    O2     doub N N 64  
DC  C2    N3     sing N N 65  
DC  N3    C4     doub N N 66  
DC  C4    N4     sing N N 67  
DC  C4    C5     sing N N 68  
DC  N4    H41    sing N N 69  
DC  N4    H42    sing N N 70  
DC  C5    C6     doub N N 71  
DC  C5    H5     sing N N 72  
DC  C6    H6     sing N N 73  
DG  OP3   P      sing N N 74  
DG  OP3   HOP3   sing N N 75  
DG  P     OP1    doub N N 76  
DG  P     OP2    sing N N 77  
DG  P     "O5'"  sing N N 78  
DG  OP2   HOP2   sing N N 79  
DG  "O5'" "C5'"  sing N N 80  
DG  "C5'" "C4'"  sing N N 81  
DG  "C5'" "H5'"  sing N N 82  
DG  "C5'" "H5''" sing N N 83  
DG  "C4'" "O4'"  sing N N 84  
DG  "C4'" "C3'"  sing N N 85  
DG  "C4'" "H4'"  sing N N 86  
DG  "O4'" "C1'"  sing N N 87  
DG  "C3'" "O3'"  sing N N 88  
DG  "C3'" "C2'"  sing N N 89  
DG  "C3'" "H3'"  sing N N 90  
DG  "O3'" "HO3'" sing N N 91  
DG  "C2'" "C1'"  sing N N 92  
DG  "C2'" "H2'"  sing N N 93  
DG  "C2'" "H2''" sing N N 94  
DG  "C1'" N9     sing N N 95  
DG  "C1'" "H1'"  sing N N 96  
DG  N9    C8     sing Y N 97  
DG  N9    C4     sing Y N 98  
DG  C8    N7     doub Y N 99  
DG  C8    H8     sing N N 100 
DG  N7    C5     sing Y N 101 
DG  C5    C6     sing N N 102 
DG  C5    C4     doub Y N 103 
DG  C6    O6     doub N N 104 
DG  C6    N1     sing N N 105 
DG  N1    C2     sing N N 106 
DG  N1    H1     sing N N 107 
DG  C2    N2     sing N N 108 
DG  C2    N3     doub N N 109 
DG  N2    H21    sing N N 110 
DG  N2    H22    sing N N 111 
DG  N3    C4     sing N N 112 
DT  OP3   P      sing N N 113 
DT  OP3   HOP3   sing N N 114 
DT  P     OP1    doub N N 115 
DT  P     OP2    sing N N 116 
DT  P     "O5'"  sing N N 117 
DT  OP2   HOP2   sing N N 118 
DT  "O5'" "C5'"  sing N N 119 
DT  "C5'" "C4'"  sing N N 120 
DT  "C5'" "H5'"  sing N N 121 
DT  "C5'" "H5''" sing N N 122 
DT  "C4'" "O4'"  sing N N 123 
DT  "C4'" "C3'"  sing N N 124 
DT  "C4'" "H4'"  sing N N 125 
DT  "O4'" "C1'"  sing N N 126 
DT  "C3'" "O3'"  sing N N 127 
DT  "C3'" "C2'"  sing N N 128 
DT  "C3'" "H3'"  sing N N 129 
DT  "O3'" "HO3'" sing N N 130 
DT  "C2'" "C1'"  sing N N 131 
DT  "C2'" "H2'"  sing N N 132 
DT  "C2'" "H2''" sing N N 133 
DT  "C1'" N1     sing N N 134 
DT  "C1'" "H1'"  sing N N 135 
DT  N1    C2     sing N N 136 
DT  N1    C6     sing N N 137 
DT  C2    O2     doub N N 138 
DT  C2    N3     sing N N 139 
DT  N3    C4     sing N N 140 
DT  N3    H3     sing N N 141 
DT  C4    O4     doub N N 142 
DT  C4    C5     sing N N 143 
DT  C5    C7     sing N N 144 
DT  C5    C6     doub N N 145 
DT  C7    H71    sing N N 146 
DT  C7    H72    sing N N 147 
DT  C7    H73    sing N N 148 
DT  C6    H6     sing N N 149 
HOH O     H1     sing N N 150 
HOH O     H2     sing N N 151 
NT  C1    N1     doub N N 152 
NT  C1    N2     sing N N 153 
NT  C1    N3     sing N N 154 
NT  N1    HN1    sing N N 155 
NT  N2    HN21   sing N N 156 
NT  N2    HN22   sing N N 157 
NT  N3    C2     sing N N 158 
NT  N3    HN3    sing N N 159 
NT  C2    C3     sing N N 160 
NT  C2    H21    sing N N 161 
NT  C2    H22    sing N N 162 
NT  C3    O1     doub N N 163 
NT  C3    N4     sing N N 164 
NT  N4    C4     sing N N 165 
NT  N4    HN4    sing N N 166 
NT  C4    C5     sing Y N 167 
NT  C4    C7     doub Y N 168 
NT  C5    C6     doub Y N 169 
NT  C5    H5     sing N N 170 
NT  C6    N5     sing Y N 171 
NT  C6    C9     sing N N 172 
NT  N5    C8     sing N N 173 
NT  N5    C7     sing Y N 174 
NT  C8    H81    sing N N 175 
NT  C8    H82    sing N N 176 
NT  C8    H83    sing N N 177 
NT  C7    H7     sing N N 178 
NT  C9    O2     doub N N 179 
NT  C9    N6     sing N N 180 
NT  N6    C10    sing N N 181 
NT  N6    HN6    sing N N 182 
NT  C10   C11    sing Y N 183 
NT  C10   C13    doub Y N 184 
NT  C11   C12    doub Y N 185 
NT  C11   H11    sing N N 186 
NT  C12   N7     sing Y N 187 
NT  C12   C15    sing N N 188 
NT  N7    C14    sing N N 189 
NT  N7    C13    sing Y N 190 
NT  C14   H141   sing N N 191 
NT  C14   H142   sing N N 192 
NT  C14   H143   sing N N 193 
NT  C13   H13    sing N N 194 
NT  C15   O3     doub N N 195 
NT  C15   N8     sing N N 196 
NT  N8    C16    sing N N 197 
NT  N8    HN8    sing N N 198 
NT  C16   C17    sing N N 199 
NT  C16   H161   sing N N 200 
NT  C16   H162   sing N N 201 
NT  C17   C18    sing N N 202 
NT  C17   H171   sing N N 203 
NT  C17   H172   sing N N 204 
NT  C18   N9     doub N N 205 
NT  C18   N10    sing N N 206 
NT  N9    HN9    sing N N 207 
NT  N10   HN01   sing N N 208 
NT  N10   HN02   sing N N 209 
# 
loop_
_ndb_struct_conf_na.entry_id 
_ndb_struct_conf_na.feature 
8TAP 'double helix'        
8TAP 'a-form double helix' 
8TAP 'b-form double helix' 
# 
loop_
_ndb_struct_na_base_pair.model_number 
_ndb_struct_na_base_pair.i_label_asym_id 
_ndb_struct_na_base_pair.i_label_comp_id 
_ndb_struct_na_base_pair.i_label_seq_id 
_ndb_struct_na_base_pair.i_symmetry 
_ndb_struct_na_base_pair.j_label_asym_id 
_ndb_struct_na_base_pair.j_label_comp_id 
_ndb_struct_na_base_pair.j_label_seq_id 
_ndb_struct_na_base_pair.j_symmetry 
_ndb_struct_na_base_pair.shear 
_ndb_struct_na_base_pair.stretch 
_ndb_struct_na_base_pair.stagger 
_ndb_struct_na_base_pair.buckle 
_ndb_struct_na_base_pair.propeller 
_ndb_struct_na_base_pair.opening 
_ndb_struct_na_base_pair.pair_number 
_ndb_struct_na_base_pair.pair_name 
_ndb_struct_na_base_pair.i_auth_asym_id 
_ndb_struct_na_base_pair.i_auth_seq_id 
_ndb_struct_na_base_pair.i_PDB_ins_code 
_ndb_struct_na_base_pair.j_auth_asym_id 
_ndb_struct_na_base_pair.j_auth_seq_id 
_ndb_struct_na_base_pair.j_PDB_ins_code 
_ndb_struct_na_base_pair.hbond_type_28 
_ndb_struct_na_base_pair.hbond_type_12 
1 A DG 3  1_555 D DC 7 1_555 -0.167 -0.166 0.678  -1.185 -4.602  -0.084 1  A_DG3:DC16_D A 3  ? D 16 ? 19 1 
1 A DC 4  1_555 D DG 6 1_555 0.156  -0.133 0.659  -0.826 -7.237  -1.253 2  A_DC4:DG15_D A 4  ? D 15 ? 19 1 
1 A DA 5  1_555 D DT 5 1_555 0.088  -0.099 0.689  0.899  -5.712  -6.314 3  A_DA5:DT14_D A 5  ? D 14 ? 20 1 
1 A DG 6  1_555 D DC 4 1_555 -0.147 -0.225 0.584  0.647  -8.695  -3.016 4  A_DG6:DC13_D A 6  ? D 13 ? 19 1 
1 A DA 7  1_555 D DT 3 1_555 0.050  -0.133 0.356  2.316  0.419   -4.219 5  A_DA7:DT12_D A 7  ? D 12 ? 20 1 
1 A DC 8  1_555 D DG 2 1_555 0.233  -0.209 0.227  8.399  -1.064  2.707  6  A_DC8:DG11_D A 8  ? D 11 ? 19 1 
1 A DC 9  1_555 D DG 1 1_555 0.167  -0.117 -0.074 5.826  -2.109  -1.435 7  A_DC9:DG10_D A 9  ? D 10 ? 19 1 
1 A DT 10 1_555 B DA 6 1_555 -0.110 -0.091 -0.036 -2.610 -3.732  4.360  8  A_DT10:DA5_B A 10 ? B 5  ? 20 1 
1 A DG 11 1_555 B DC 5 1_555 -0.208 -0.150 0.149  -1.773 -1.317  1.373  9  A_DG11:DC4_B A 11 ? B 4  ? 19 1 
1 A DA 12 1_555 B DT 4 1_555 0.204  -0.077 0.471  -2.911 -3.939  -4.760 10 A_DA12:DT3_B A 12 ? B 3  ? 20 1 
1 A DC 13 1_555 B DG 3 1_555 0.153  -0.202 0.661  -4.848 -3.345  -1.874 11 A_DC13:DG2_B A 13 ? B 2  ? 19 1 
1 A DG 14 1_555 B DC 2 1_555 -0.192 -0.156 -0.130 0.040  -0.255  -1.055 12 A_DG14:DC1_B A 14 ? B 1  ? 19 1 
1 A DG 15 1_555 B DC 1 1_555 -0.076 -0.170 0.171  6.775  -3.683  -2.788 13 A_DG15:DC0_B A 15 ? B 0  ? 19 1 
1 A DA 16 1_555 C DT 8 1_555 -0.002 -0.104 0.246  1.053  -9.485  2.178  14 A_DA16:DT8_C A 16 ? C 8  ? 20 1 
1 A DA 17 1_555 C DT 7 1_555 0.046  -0.180 0.080  -0.648 -10.814 5.422  15 A_DA17:DT7_C A 17 ? C 7  ? 20 1 
1 A DA 18 1_555 C DT 6 1_555 0.024  -0.145 -0.429 -7.868 -11.011 5.703  16 A_DA18:DT6_C A 18 ? C 6  ? 20 1 
1 A DT 19 1_555 C DA 5 1_555 -0.184 -0.158 -0.137 -3.549 -9.927  1.821  17 A_DT19:DA5_C A 19 ? C 5  ? 20 1 
1 A DT 20 1_555 C DA 4 1_555 0.040  -0.127 -0.297 0.468  -9.243  6.115  18 A_DT20:DA4_C A 20 ? C 4  ? 20 1 
1 A DA 21 1_555 C DT 3 1_555 0.127  -0.086 -0.125 -2.299 -11.479 0.612  19 A_DA21:DT3_C A 21 ? C 3  ? 20 1 
# 
loop_
_ndb_struct_na_base_pair_step.model_number 
_ndb_struct_na_base_pair_step.i_label_asym_id_1 
_ndb_struct_na_base_pair_step.i_label_comp_id_1 
_ndb_struct_na_base_pair_step.i_label_seq_id_1 
_ndb_struct_na_base_pair_step.i_symmetry_1 
_ndb_struct_na_base_pair_step.j_label_asym_id_1 
_ndb_struct_na_base_pair_step.j_label_comp_id_1 
_ndb_struct_na_base_pair_step.j_label_seq_id_1 
_ndb_struct_na_base_pair_step.j_symmetry_1 
_ndb_struct_na_base_pair_step.i_label_asym_id_2 
_ndb_struct_na_base_pair_step.i_label_comp_id_2 
_ndb_struct_na_base_pair_step.i_label_seq_id_2 
_ndb_struct_na_base_pair_step.i_symmetry_2 
_ndb_struct_na_base_pair_step.j_label_asym_id_2 
_ndb_struct_na_base_pair_step.j_label_comp_id_2 
_ndb_struct_na_base_pair_step.j_label_seq_id_2 
_ndb_struct_na_base_pair_step.j_symmetry_2 
_ndb_struct_na_base_pair_step.shift 
_ndb_struct_na_base_pair_step.slide 
_ndb_struct_na_base_pair_step.rise 
_ndb_struct_na_base_pair_step.tilt 
_ndb_struct_na_base_pair_step.roll 
_ndb_struct_na_base_pair_step.twist 
_ndb_struct_na_base_pair_step.x_displacement 
_ndb_struct_na_base_pair_step.y_displacement 
_ndb_struct_na_base_pair_step.helical_rise 
_ndb_struct_na_base_pair_step.inclination 
_ndb_struct_na_base_pair_step.tip 
_ndb_struct_na_base_pair_step.helical_twist 
_ndb_struct_na_base_pair_step.step_number 
_ndb_struct_na_base_pair_step.step_name 
_ndb_struct_na_base_pair_step.i_auth_asym_id_1 
_ndb_struct_na_base_pair_step.i_auth_seq_id_1 
_ndb_struct_na_base_pair_step.i_PDB_ins_code_1 
_ndb_struct_na_base_pair_step.j_auth_asym_id_1 
_ndb_struct_na_base_pair_step.j_auth_seq_id_1 
_ndb_struct_na_base_pair_step.j_PDB_ins_code_1 
_ndb_struct_na_base_pair_step.i_auth_asym_id_2 
_ndb_struct_na_base_pair_step.i_auth_seq_id_2 
_ndb_struct_na_base_pair_step.i_PDB_ins_code_2 
_ndb_struct_na_base_pair_step.j_auth_asym_id_2 
_ndb_struct_na_base_pair_step.j_auth_seq_id_2 
_ndb_struct_na_base_pair_step.j_PDB_ins_code_2 
1 A DG 3  1_555 D DC 7 1_555 A DC 4  1_555 D DG 6 1_555 -0.039 -0.783 3.420 1.215  0.269  35.099 -1.340 0.254  3.411 0.445  -2.014 
35.120 1  AA_DG3DC4:DG15DC16_DD A 3  ? D 16 ? A 4  ? D 15 ? 
1 A DC 4  1_555 D DG 6 1_555 A DA 5  1_555 D DT 5 1_555 0.061  -0.317 3.153 -0.223 5.800  36.695 -1.239 -0.123 3.069 9.143  0.352 
37.135 2  AA_DC4DA5:DT14DG15_DD A 4  ? D 15 ? A 5  ? D 14 ? 
1 A DA 5  1_555 D DT 5 1_555 A DG 6  1_555 D DC 4 1_555 -0.066 -0.408 3.309 -5.443 5.259  30.008 -1.787 -0.934 3.156 9.958  10.307 
30.927 3  AA_DA5DG6:DC13DT14_DD A 5  ? D 14 ? A 6  ? D 13 ? 
1 A DG 6  1_555 D DC 4 1_555 A DA 7  1_555 D DT 3 1_555 -0.311 -0.974 3.133 -1.069 -1.683 37.004 -1.315 0.350  3.180 -2.649 1.682 
37.056 4  AA_DG6DA7:DT12DC13_DD A 6  ? D 13 ? A 7  ? D 12 ? 
1 A DA 7  1_555 D DT 3 1_555 A DC 8  1_555 D DG 2 1_555 0.642  -0.986 3.220 -2.430 1.636  30.358 -2.190 -1.690 3.104 3.116  4.626 
30.496 5  AA_DA7DC8:DG11DT12_DD A 7  ? D 12 ? A 8  ? D 11 ? 
1 A DC 8  1_555 D DG 2 1_555 A DC 9  1_555 D DG 1 1_555 -0.875 -1.686 3.391 -2.570 -5.704 33.288 -1.894 1.051  3.677 -9.848 4.438 
33.854 6  AA_DC8DC9:DG10DG11_DD A 8  ? D 11 ? A 9  ? D 10 ? 
1 A DC 9  1_555 D DG 1 1_555 A DT 10 1_555 B DA 6 1_555 -0.701 -1.688 3.518 0.728  1.690  25.084 -4.401 1.835  3.377 3.884  -1.674 
25.151 7  AA_DC9DT10:DA5DG10_BD A 9  ? D 10 ? A 10 ? B 5  ? 
1 A DT 10 1_555 B DA 6 1_555 A DG 11 1_555 B DC 5 1_555 -0.494 1.185  3.489 -1.161 4.803  29.147 1.202  0.697  3.650 9.457  2.286 
29.554 8  AA_DT10DG11:DC4DA5_BB A 10 ? B 5  ? A 11 ? B 4  ? 
1 A DG 11 1_555 B DC 5 1_555 A DA 12 1_555 B DT 4 1_555 -0.595 -0.103 3.388 -4.835 5.050  35.476 -0.912 0.245  3.392 8.189  7.841 
36.137 9  AA_DG11DA12:DT3DC4_BB A 11 ? B 4  ? A 12 ? B 3  ? 
1 A DA 12 1_555 B DT 4 1_555 A DC 13 1_555 B DG 3 1_555 0.782  -1.086 3.265 -0.603 0.399  33.933 -1.925 -1.435 3.238 0.684  1.033 
33.940 10 AA_DA12DC13:DG2DT3_BB A 12 ? B 3  ? A 13 ? B 2  ? 
1 A DC 13 1_555 B DG 3 1_555 A DG 14 1_555 B DC 2 1_555 -0.002 0.176  3.362 5.905  0.699  33.307 0.186  0.984  3.316 1.208  
-10.201 33.819 11 AA_DC13DG14:DC1DG2_BB A 13 ? B 2  ? A 14 ? B 1  ? 
1 A DG 14 1_555 B DC 2 1_555 A DG 15 1_555 B DC 1 1_555 0.294  -0.489 3.127 -6.219 4.745  34.998 -1.435 -1.317 2.944 7.770  10.184 
35.835 12 AA_DG14DG15:DC0DC1_BB A 14 ? B 1  ? A 15 ? B 0  ? 
1 A DG 15 1_555 B DC 1 1_555 A DA 16 1_555 C DT 8 1_555 -0.854 -0.636 3.194 -1.207 -1.746 32.017 -0.841 1.331  3.253 -3.162 2.185 
32.086 13 AA_DG15DA16:DT8DC0_CB A 15 ? B 0  ? A 16 ? C 8  ? 
1 A DA 16 1_555 C DT 8 1_555 A DA 17 1_555 C DT 7 1_555 0.108  0.015  3.331 -1.242 0.579  35.311 -0.063 -0.364 3.325 0.954  2.046 
35.336 14 AA_DA16DA17:DT7DT8_CC A 16 ? C 8  ? A 17 ? C 7  ? 
1 A DA 17 1_555 C DT 7 1_555 A DA 18 1_555 C DT 6 1_555 -0.296 -0.076 3.404 -0.114 0.286  36.985 -0.160 0.450  3.404 0.451  0.180 
36.986 15 AA_DA17DA18:DT6DT7_CC A 17 ? C 7  ? A 18 ? C 6  ? 
1 A DA 18 1_555 C DT 6 1_555 A DT 19 1_555 C DA 5 1_555 0.104  -0.659 3.024 -2.270 0.182  34.642 -1.130 -0.495 3.008 0.306  3.808 
34.715 16 AA_DA18DT19:DA5DT6_CC A 18 ? C 6  ? A 19 ? C 5  ? 
1 A DT 19 1_555 C DA 5 1_555 A DT 20 1_555 C DA 4 1_555 0.459  0.308  3.266 3.576  2.027  35.815 0.208  -0.231 3.307 3.282  -5.791 
36.042 17 AA_DT19DT20:DA4DA5_CC A 19 ? C 5  ? A 20 ? C 4  ? 
1 A DT 20 1_555 C DA 4 1_555 A DA 21 1_555 C DT 3 1_555 -0.744 1.334  3.570 -4.677 3.636  41.150 1.447  0.492  3.728 5.140  6.613 
41.556 18 AA_DT20DA21:DT3DA4_CC A 20 ? C 4  ? A 21 ? C 3  ? 
# 
loop_
_pdbx_audit_support.funding_organization 
_pdbx_audit_support.country 
_pdbx_audit_support.grant_number 
_pdbx_audit_support.ordinal 
'National Science Foundation (NSF, United States)'                                         'United States' 1360635     1 
'National Institutes of Health/National Institute of General Medical Sciences (NIH/NIGMS)' 'United States' R01GM104960 2 
'National Science Foundation (NSF, United States)'                                         'United States' NSF2004250  3 
# 
loop_
_pdbx_entity_nonpoly.entity_id 
_pdbx_entity_nonpoly.name 
_pdbx_entity_nonpoly.comp_id 
5 NETROPSIN NT  
6 water     HOH 
# 
_pdbx_initial_refinement_model.id               1 
_pdbx_initial_refinement_model.entity_id_list   ? 
_pdbx_initial_refinement_model.type             'experimental model' 
_pdbx_initial_refinement_model.source_name      PDB 
_pdbx_initial_refinement_model.accession_code   5VY6 
_pdbx_initial_refinement_model.details          ? 
# 
